data_8OER
#
_entry.id   8OER
#
_cell.length_a   1.00
_cell.length_b   1.00
_cell.length_c   1.00
_cell.angle_alpha   90.00
_cell.angle_beta   90.00
_cell.angle_gamma   90.00
#
_symmetry.space_group_name_H-M   'P 1'
#
loop_
_entity.id
_entity.type
_entity.pdbx_description
1 polymer Mucin-5B
2 polymer Mucin-5B
3 polymer Mucin-5B
4 non-polymer 2-acetamido-2-deoxy-beta-D-glucopyranose
5 non-polymer 'CALCIUM ION'
#
loop_
_entity_poly.entity_id
_entity_poly.type
_entity_poly.pdbx_seq_one_letter_code
_entity_poly.pdbx_strand_id
1 'polypeptide(L)'
;QGPVEPSWENAGHTMDGGAPTSSPTRRVSFVPPVTVFPSLSPLNPAHNGRVCSTWGDFHYKTFDGDVFRFPGLCNYVFSE
HCRAAYEDFNVQLRRGLVGSRPVVTRVVIKAQGLVLEASNGSVLINGQREELPYSRTGLLVEQSGDYIKVSIRLVLTFLW
NGEDSALLELDPKYANQTCGLCGDFNGLPAFNEFYAHNARLTPLQFGNLQKLDGPTEQCPDPLPLPAGNCTDEEGICHRT
LLGPAFAECHALVDSTAYLAACAQDLCRCPTCPCATFVEYSRQCAHAGGQPRNWRCPELCPRTCPLNMQHQECGSPCTDT
CSNPQRAQLCEDHCVDGCFCPPGTVLDDITHSGCLPLGQCPCTHGGRTYSPGTSFNTTCSSCTCSGGLWQCQDLPCPGTC
SVQGGAHISTYDEKLYDLHGDCSYVLSKKCADSSFTVLAELRKCGLTDNENCLKAVTLSLDGGDTAIRVQADGGVFLNSI
YTQLPLSAANITLFTPSSFFIVVQTGLGLQLLVQLVPLMQVFVRLDPAHQGQMCGLCGNFNQNQADDFTALSGVVEATGA
AFANTWKAQAACANARNSFEDPCSLSVENENYARHWCSRLTDPNSAFSRCHSIINPKPFHSNCMFDTCNCERSEDCLCAA
LSSYVHACAAKGVQLSDWRDGVCTKYMQNCPKSQRYAYVVDACQPTCRGLSEADVTCSVSFVPVDGCTCPAGTFLNDAGA
CVPAQECPCYAHGTVLAPGEVVHDEGAVCSCTGGKLSCLG
;
A,B
2 'polypeptide(L)'
;GCAAPMVYLDCSNSSAGTPGAECLRSCHTLDVGCFSTHCVSGCVCPPGLVSDGSGGCIAEEDCPCVHNEATYKPGETIRV
DCNTCTCRNRRWECSHRLCLGTCVAYGDGHFITFDGDRYSFEGSCEYILAQDYCGDNTTHGTFRIVTENIPCGTTGTTCS
KAIKLFVESYELILQEGTFKAVARGPGGDPPYKIRYMGIFLVIETHGMAVSWDRKTSVFIRLHQDYKGRVCGLCGNFDDN
AINDFATRSRSVVGDALEFGNSWKLSPSCPDALAPKDPCTANPFRKSWAQKQCSILHGPTFAACRSQVDSTKYYEACVND
ACACDSGGDCECFCTAVAAYAQACHDAGLCVSWRTPDTCPLFCDFYNPHGGCEWHYQPCGAPCLKTCRNPSGHCLVDLPG
LEGCYPKCPPSQPFFNEDQMKCVAQCGCYDKDGNYYDVGARVPTAENCQSCNCTPSGIQC
;
C,D
3 'polypeptide(L)'
;CVREVCRWSSWYNGHRPEPGLGGGDFETFENLRQRGYQVCPVLADIECRAAQLPDMPLEELGQQVDCDRMRGLMCANSQQ
SPPLCHDYELRVLCCEYVPC
;
I,J
#
# COMPACT_ATOMS: atom_id res chain seq x y z
N ALA A 46 25.82 -30.69 -2.28
CA ALA A 46 25.55 -29.72 -3.33
C ALA A 46 24.18 -29.92 -3.95
N HIS A 47 24.06 -29.56 -5.22
CA HIS A 47 22.80 -29.68 -5.96
C HIS A 47 22.57 -31.14 -6.32
N ASN A 48 22.34 -31.95 -5.28
CA ASN A 48 22.32 -33.40 -5.46
C ASN A 48 21.11 -33.84 -6.26
N GLY A 49 19.92 -33.59 -5.75
CA GLY A 49 18.72 -34.03 -6.43
C GLY A 49 17.70 -32.92 -6.57
N ARG A 50 18.18 -31.68 -6.66
CA ARG A 50 17.32 -30.53 -6.85
C ARG A 50 17.48 -29.99 -8.26
N VAL A 51 17.61 -30.89 -9.22
CA VAL A 51 17.86 -30.54 -10.62
C VAL A 51 17.00 -31.40 -11.51
N CYS A 52 16.42 -30.79 -12.55
CA CYS A 52 15.82 -31.52 -13.66
C CYS A 52 16.31 -30.91 -14.96
N SER A 53 16.21 -31.66 -16.05
CA SER A 53 16.82 -31.21 -17.28
C SER A 53 16.08 -31.73 -18.50
N THR A 54 16.28 -31.03 -19.62
CA THR A 54 15.68 -31.39 -20.90
C THR A 54 16.69 -31.10 -22.00
N TRP A 55 17.04 -32.13 -22.78
CA TRP A 55 18.13 -31.94 -23.71
C TRP A 55 17.94 -32.81 -24.94
N GLY A 56 18.60 -32.38 -26.02
CA GLY A 56 18.74 -33.16 -27.22
C GLY A 56 17.42 -33.58 -27.82
N ASP A 57 17.34 -34.88 -28.15
CA ASP A 57 16.17 -35.44 -28.82
C ASP A 57 15.11 -35.80 -27.78
N PHE A 58 14.50 -34.75 -27.23
CA PHE A 58 13.38 -34.88 -26.30
C PHE A 58 13.71 -35.79 -25.11
N HIS A 59 14.85 -35.55 -24.48
CA HIS A 59 15.25 -36.35 -23.34
C HIS A 59 14.98 -35.56 -22.07
N TYR A 60 14.19 -36.13 -21.17
CA TYR A 60 13.76 -35.48 -19.93
C TYR A 60 14.32 -36.24 -18.76
N LYS A 61 14.91 -35.50 -17.80
CA LYS A 61 15.48 -36.08 -16.60
C LYS A 61 14.81 -35.39 -15.41
N THR A 62 14.20 -36.18 -14.54
CA THR A 62 13.48 -35.65 -13.40
C THR A 62 14.43 -35.40 -12.24
N PHE A 63 13.89 -34.87 -11.14
CA PHE A 63 14.73 -34.51 -10.00
C PHE A 63 15.43 -35.73 -9.42
N ASP A 64 14.73 -36.85 -9.31
CA ASP A 64 15.20 -37.97 -8.51
C ASP A 64 16.08 -38.94 -9.29
N GLY A 65 16.32 -38.68 -10.57
CA GLY A 65 17.27 -39.45 -11.34
C GLY A 65 16.72 -40.13 -12.57
N ASP A 66 15.42 -40.09 -12.79
CA ASP A 66 14.84 -40.77 -13.94
C ASP A 66 15.24 -40.09 -15.24
N VAL A 67 15.23 -40.87 -16.32
CA VAL A 67 15.46 -40.37 -17.66
C VAL A 67 14.43 -41.03 -18.57
N PHE A 68 13.84 -40.26 -19.47
CA PHE A 68 13.00 -40.87 -20.48
C PHE A 68 12.87 -39.93 -21.66
N ARG A 69 12.65 -40.52 -22.82
CA ARG A 69 12.44 -39.76 -24.04
C ARG A 69 10.95 -39.55 -24.21
N PHE A 70 10.57 -38.35 -24.60
CA PHE A 70 9.16 -38.06 -24.81
C PHE A 70 9.04 -37.08 -25.96
N PRO A 71 8.65 -37.53 -27.15
CA PRO A 71 8.68 -36.67 -28.34
C PRO A 71 7.45 -35.78 -28.48
N GLY A 72 7.04 -35.15 -27.38
CA GLY A 72 5.93 -34.23 -27.44
C GLY A 72 6.27 -33.00 -28.26
N LEU A 73 5.24 -32.34 -28.76
CA LEU A 73 5.47 -31.15 -29.57
C LEU A 73 4.47 -30.03 -29.27
N CYS A 74 3.92 -29.98 -28.06
CA CYS A 74 3.03 -28.91 -27.63
C CYS A 74 3.60 -28.24 -26.38
N ASN A 75 2.81 -27.36 -25.79
CA ASN A 75 3.17 -26.81 -24.49
C ASN A 75 2.94 -27.84 -23.40
N TYR A 76 3.83 -27.86 -22.42
CA TYR A 76 3.73 -28.84 -21.34
C TYR A 76 4.09 -28.16 -20.03
N VAL A 77 3.53 -28.67 -18.94
CA VAL A 77 3.88 -28.18 -17.61
C VAL A 77 5.22 -28.82 -17.25
N PHE A 78 6.31 -28.12 -17.53
CA PHE A 78 7.63 -28.68 -17.26
C PHE A 78 7.88 -28.79 -15.76
N SER A 79 7.29 -27.90 -14.96
CA SER A 79 7.27 -28.03 -13.51
C SER A 79 6.37 -26.94 -12.95
N GLU A 80 5.86 -27.18 -11.75
CA GLU A 80 4.86 -26.29 -11.18
C GLU A 80 4.67 -26.62 -9.72
N HIS A 81 4.54 -25.59 -8.89
CA HIS A 81 4.20 -25.78 -7.48
C HIS A 81 2.71 -26.06 -7.42
N CYS A 82 2.34 -27.33 -7.29
CA CYS A 82 0.94 -27.72 -7.39
C CYS A 82 0.44 -28.50 -6.18
N ARG A 83 1.23 -28.65 -5.13
CA ARG A 83 0.70 -29.22 -3.90
C ARG A 83 0.83 -28.23 -2.77
N ALA A 84 0.46 -26.98 -3.03
CA ALA A 84 0.50 -25.92 -2.04
C ALA A 84 -0.76 -25.08 -2.15
N ALA A 85 -1.12 -24.44 -1.05
CA ALA A 85 -2.29 -23.56 -1.05
C ALA A 85 -2.09 -22.41 -2.01
N TYR A 86 -0.88 -21.88 -2.10
CA TYR A 86 -0.54 -20.81 -3.04
C TYR A 86 0.70 -21.22 -3.81
N GLU A 87 0.63 -21.11 -5.14
CA GLU A 87 1.72 -21.60 -5.98
C GLU A 87 2.83 -20.56 -6.08
N ASP A 88 4.07 -21.04 -6.11
CA ASP A 88 5.24 -20.18 -6.18
C ASP A 88 5.84 -20.09 -7.58
N PHE A 89 5.81 -21.16 -8.35
CA PHE A 89 6.45 -21.16 -9.66
C PHE A 89 5.61 -22.01 -10.61
N ASN A 90 5.64 -21.64 -11.88
CA ASN A 90 4.93 -22.39 -12.91
C ASN A 90 5.74 -22.24 -14.19
N VAL A 91 6.63 -23.19 -14.43
CA VAL A 91 7.55 -23.15 -15.57
C VAL A 91 7.05 -24.16 -16.59
N GLN A 92 6.86 -23.70 -17.83
CA GLN A 92 6.33 -24.52 -18.90
C GLN A 92 7.24 -24.45 -20.10
N LEU A 93 7.28 -25.54 -20.86
CA LEU A 93 8.10 -25.64 -22.05
C LEU A 93 7.24 -25.90 -23.27
N ARG A 94 7.69 -25.40 -24.41
CA ARG A 94 7.13 -25.74 -25.70
C ARG A 94 8.25 -26.27 -26.57
N ARG A 95 8.10 -27.47 -27.09
CA ARG A 95 9.14 -28.12 -27.86
C ARG A 95 8.73 -28.18 -29.32
N GLY A 96 9.64 -27.78 -30.21
CA GLY A 96 9.35 -27.74 -31.62
C GLY A 96 10.46 -28.27 -32.50
N LEU A 97 10.34 -28.04 -33.80
CA LEU A 97 11.27 -28.55 -34.79
C LEU A 97 11.95 -27.38 -35.51
N VAL A 98 13.27 -27.47 -35.66
CA VAL A 98 13.99 -26.57 -36.55
C VAL A 98 14.47 -27.40 -37.73
N GLY A 99 13.67 -27.45 -38.79
CA GLY A 99 13.93 -28.28 -39.93
C GLY A 99 13.71 -29.74 -39.58
N SER A 100 14.63 -30.28 -38.77
CA SER A 100 14.45 -31.55 -38.11
C SER A 100 14.96 -31.57 -36.67
N ARG A 101 15.72 -30.58 -36.25
CA ARG A 101 16.35 -30.62 -34.93
C ARG A 101 15.31 -30.40 -33.85
N PRO A 102 15.26 -31.25 -32.82
CA PRO A 102 14.40 -30.97 -31.66
C PRO A 102 14.92 -29.79 -30.89
N VAL A 103 14.07 -28.79 -30.69
CA VAL A 103 14.44 -27.58 -29.98
C VAL A 103 13.35 -27.22 -28.99
N VAL A 104 13.67 -26.27 -28.11
CA VAL A 104 12.68 -25.62 -27.25
C VAL A 104 12.43 -24.24 -27.84
N THR A 105 11.18 -23.98 -28.19
CA THR A 105 10.83 -22.75 -28.88
C THR A 105 10.30 -21.66 -27.95
N ARG A 106 9.84 -22.01 -26.76
CA ARG A 106 9.27 -21.01 -25.86
C ARG A 106 9.18 -21.58 -24.46
N VAL A 107 9.67 -20.80 -23.49
CA VAL A 107 9.55 -21.11 -22.07
C VAL A 107 8.72 -20.01 -21.44
N VAL A 108 7.81 -20.38 -20.56
CA VAL A 108 6.98 -19.41 -19.85
C VAL A 108 7.09 -19.71 -18.37
N ILE A 109 7.90 -18.95 -17.66
CA ILE A 109 8.08 -19.09 -16.22
C ILE A 109 7.19 -18.09 -15.53
N LYS A 110 6.26 -18.59 -14.73
CA LYS A 110 5.40 -17.75 -13.92
C LYS A 110 5.79 -17.98 -12.47
N ALA A 111 6.14 -16.90 -11.77
CA ALA A 111 6.61 -17.03 -10.40
C ALA A 111 6.32 -15.76 -9.63
N GLN A 112 5.45 -15.89 -8.62
CA GLN A 112 5.24 -14.83 -7.63
C GLN A 112 4.73 -13.56 -8.30
N GLY A 113 3.87 -13.72 -9.30
CA GLY A 113 3.35 -12.57 -10.01
C GLY A 113 4.22 -12.06 -11.13
N LEU A 114 5.32 -12.74 -11.45
CA LEU A 114 6.19 -12.34 -12.53
C LEU A 114 6.04 -13.34 -13.67
N VAL A 115 5.87 -12.83 -14.89
CA VAL A 115 5.70 -13.64 -16.09
C VAL A 115 6.92 -13.42 -16.97
N LEU A 116 7.55 -14.52 -17.39
CA LEU A 116 8.81 -14.46 -18.11
C LEU A 116 8.73 -15.41 -19.31
N GLU A 117 8.62 -14.85 -20.50
CA GLU A 117 8.44 -15.62 -21.72
C GLU A 117 9.70 -15.51 -22.58
N ALA A 118 10.46 -16.59 -22.64
CA ALA A 118 11.69 -16.64 -23.43
C ALA A 118 11.40 -17.38 -24.73
N SER A 119 11.60 -16.69 -25.85
CA SER A 119 11.35 -17.27 -27.16
C SER A 119 11.97 -16.38 -28.21
N ASN A 120 12.35 -16.98 -29.33
CA ASN A 120 12.87 -16.23 -30.48
C ASN A 120 14.09 -15.41 -30.06
N GLY A 121 14.92 -15.98 -29.19
CA GLY A 121 16.14 -15.33 -28.76
C GLY A 121 15.88 -14.08 -27.95
N SER A 122 14.62 -13.86 -27.59
CA SER A 122 14.19 -12.65 -26.88
C SER A 122 13.51 -13.06 -25.59
N VAL A 123 13.47 -12.11 -24.66
CA VAL A 123 12.89 -12.33 -23.34
C VAL A 123 11.82 -11.28 -23.10
N LEU A 124 10.65 -11.72 -22.66
CA LEU A 124 9.55 -10.84 -22.31
C LEU A 124 9.37 -10.91 -20.80
N ILE A 125 9.48 -9.76 -20.13
CA ILE A 125 9.32 -9.68 -18.69
C ILE A 125 8.01 -8.96 -18.42
N ASN A 126 7.03 -9.68 -17.88
CA ASN A 126 5.71 -9.14 -17.61
C ASN A 126 5.11 -8.48 -18.84
N GLY A 127 5.37 -9.07 -20.01
CA GLY A 127 4.80 -8.59 -21.25
C GLY A 127 5.62 -7.57 -22.00
N GLN A 128 6.73 -7.10 -21.43
CA GLN A 128 7.57 -6.10 -22.08
C GLN A 128 8.93 -6.70 -22.38
N ARG A 129 9.41 -6.48 -23.61
CA ARG A 129 10.76 -6.89 -23.97
C ARG A 129 11.77 -6.13 -23.13
N GLU A 130 12.80 -6.84 -22.68
CA GLU A 130 13.85 -6.23 -21.87
C GLU A 130 15.21 -6.63 -22.40
N GLU A 131 16.19 -5.73 -22.24
CA GLU A 131 17.54 -5.99 -22.68
C GLU A 131 18.32 -6.68 -21.57
N LEU A 132 19.06 -7.71 -21.94
CA LEU A 132 19.80 -8.48 -20.96
C LEU A 132 20.98 -7.66 -20.46
N PRO A 133 21.37 -7.81 -19.19
CA PRO A 133 20.67 -8.54 -18.13
C PRO A 133 19.61 -7.67 -17.50
N TYR A 134 18.56 -8.27 -16.94
CA TYR A 134 17.48 -7.54 -16.30
C TYR A 134 17.41 -8.02 -14.86
N SER A 135 17.56 -7.08 -13.92
CA SER A 135 17.68 -7.44 -12.52
C SER A 135 16.71 -6.63 -11.68
N ARG A 136 16.17 -7.28 -10.66
CA ARG A 136 15.23 -6.68 -9.72
CA ARG A 136 15.29 -6.63 -9.69
C ARG A 136 15.34 -7.45 -8.41
N THR A 137 14.70 -6.93 -7.37
CA THR A 137 14.77 -7.59 -6.07
C THR A 137 14.34 -9.04 -6.19
N GLY A 138 15.29 -9.95 -5.96
CA GLY A 138 15.02 -11.38 -5.98
C GLY A 138 15.06 -12.03 -7.35
N LEU A 139 15.10 -11.25 -8.43
CA LEU A 139 15.09 -11.77 -9.78
C LEU A 139 16.30 -11.27 -10.55
N LEU A 140 16.92 -12.13 -11.34
CA LEU A 140 17.87 -11.62 -12.33
C LEU A 140 17.98 -12.58 -13.49
N VAL A 141 17.92 -12.01 -14.69
CA VAL A 141 18.00 -12.76 -15.94
C VAL A 141 19.21 -12.26 -16.71
N GLU A 142 20.01 -13.17 -17.23
CA GLU A 142 21.27 -12.79 -17.85
C GLU A 142 21.56 -13.68 -19.04
N GLN A 143 22.44 -13.19 -19.91
CA GLN A 143 23.01 -13.91 -21.03
C GLN A 143 24.33 -14.57 -20.64
N SER A 144 24.44 -14.99 -19.37
CA SER A 144 25.69 -15.50 -18.85
C SER A 144 26.19 -16.68 -19.67
N GLY A 145 27.46 -16.61 -20.09
CA GLY A 145 28.02 -17.70 -20.85
C GLY A 145 27.28 -17.92 -22.15
N ASP A 146 26.94 -19.18 -22.42
CA ASP A 146 26.35 -19.59 -23.67
C ASP A 146 24.83 -19.64 -23.62
N TYR A 147 24.22 -19.25 -22.52
CA TYR A 147 22.83 -19.57 -22.23
C TYR A 147 22.04 -18.31 -21.94
N ILE A 148 20.80 -18.51 -21.49
CA ILE A 148 20.02 -17.50 -20.81
C ILE A 148 19.64 -18.08 -19.46
N LYS A 149 20.07 -17.42 -18.38
CA LYS A 149 19.84 -17.92 -17.04
C LYS A 149 18.93 -16.97 -16.30
N VAL A 150 17.85 -17.51 -15.74
CA VAL A 150 16.89 -16.75 -14.97
C VAL A 150 16.92 -17.31 -13.55
N SER A 151 17.41 -16.53 -12.61
CA SER A 151 17.47 -16.96 -11.22
C SER A 151 16.49 -16.12 -10.42
N ILE A 152 15.51 -16.79 -9.81
CA ILE A 152 14.54 -16.17 -8.93
C ILE A 152 14.91 -16.62 -7.53
N ARG A 153 15.63 -15.75 -6.82
CA ARG A 153 16.33 -16.14 -5.61
C ARG A 153 15.37 -16.71 -4.57
N LEU A 154 15.78 -17.80 -3.92
CA LEU A 154 14.96 -18.70 -3.10
C LEU A 154 13.85 -19.41 -3.85
N VAL A 155 13.75 -19.29 -5.16
CA VAL A 155 12.72 -20.04 -5.87
C VAL A 155 13.36 -21.02 -6.85
N LEU A 156 14.07 -20.51 -7.85
CA LEU A 156 14.49 -21.41 -8.91
C LEU A 156 15.67 -20.83 -9.67
N THR A 157 16.29 -21.69 -10.46
CA THR A 157 17.43 -21.33 -11.30
C THR A 157 17.22 -22.04 -12.63
N PHE A 158 16.90 -21.29 -13.67
CA PHE A 158 16.52 -21.85 -14.95
C PHE A 158 17.57 -21.48 -15.99
N LEU A 159 18.30 -22.48 -16.48
CA LEU A 159 19.24 -22.28 -17.57
C LEU A 159 18.60 -22.75 -18.86
N TRP A 160 18.78 -21.97 -19.93
CA TRP A 160 18.21 -22.31 -21.22
C TRP A 160 19.25 -22.01 -22.29
N ASN A 161 19.82 -23.06 -22.89
CA ASN A 161 20.91 -22.86 -23.83
C ASN A 161 20.48 -22.08 -25.06
N GLY A 162 19.19 -21.98 -25.30
CA GLY A 162 18.68 -21.25 -26.44
C GLY A 162 18.08 -22.12 -27.53
N GLU A 163 18.59 -23.34 -27.72
CA GLU A 163 18.01 -24.22 -28.72
C GLU A 163 17.39 -25.48 -28.11
N ASP A 164 18.15 -26.28 -27.37
CA ASP A 164 17.67 -27.60 -26.98
C ASP A 164 17.72 -27.86 -25.48
N SER A 165 18.76 -27.39 -24.79
CA SER A 165 18.88 -27.73 -23.38
C SER A 165 18.08 -26.77 -22.51
N ALA A 166 17.71 -27.24 -21.32
CA ALA A 166 17.01 -26.41 -20.35
C ALA A 166 17.04 -27.14 -19.01
N LEU A 167 17.53 -26.46 -17.98
CA LEU A 167 17.83 -27.10 -16.70
C LEU A 167 17.24 -26.27 -15.57
N LEU A 168 16.62 -26.94 -14.61
CA LEU A 168 15.98 -26.29 -13.47
C LEU A 168 16.63 -26.74 -12.18
N GLU A 169 17.06 -25.78 -11.38
CA GLU A 169 17.45 -26.00 -9.99
C GLU A 169 16.35 -25.44 -9.12
N LEU A 170 15.91 -26.20 -8.14
CA LEU A 170 14.82 -25.78 -7.26
C LEU A 170 15.28 -25.80 -5.82
N ASP A 171 14.62 -24.99 -5.00
CA ASP A 171 14.95 -24.93 -3.59
C ASP A 171 14.62 -26.26 -2.92
N PRO A 172 15.30 -26.60 -1.83
CA PRO A 172 14.93 -27.82 -1.10
C PRO A 172 13.56 -27.75 -0.46
N LYS A 173 12.99 -26.56 -0.28
CA LYS A 173 11.70 -26.46 0.39
C LYS A 173 10.53 -26.80 -0.53
N TYR A 174 10.80 -27.06 -1.81
CA TYR A 174 9.78 -27.44 -2.77
C TYR A 174 9.65 -28.94 -2.94
N ALA A 175 10.20 -29.71 -2.01
CA ALA A 175 10.10 -31.16 -2.10
C ALA A 175 8.64 -31.58 -1.94
N ASN A 176 8.22 -32.53 -2.79
CA ASN A 176 6.93 -33.20 -2.65
C ASN A 176 5.75 -32.29 -3.00
N GLN A 177 6.01 -31.02 -3.29
CA GLN A 177 4.94 -30.09 -3.61
C GLN A 177 4.93 -29.67 -5.07
N THR A 178 5.78 -30.27 -5.89
CA THR A 178 5.80 -29.95 -7.31
C THR A 178 5.20 -31.09 -8.12
N CYS A 179 4.80 -30.77 -9.34
CA CYS A 179 4.30 -31.79 -10.25
C CYS A 179 4.45 -31.29 -11.68
N GLY A 180 4.91 -32.17 -12.53
CA GLY A 180 5.28 -31.84 -13.88
C GLY A 180 6.31 -32.82 -14.37
N LEU A 181 6.74 -32.60 -15.62
CA LEU A 181 7.70 -33.52 -16.23
C LEU A 181 8.92 -33.72 -15.35
N CYS A 182 9.30 -32.70 -14.59
CA CYS A 182 10.44 -32.80 -13.69
C CYS A 182 10.16 -33.68 -12.48
N GLY A 183 8.94 -34.13 -12.29
CA GLY A 183 8.67 -35.10 -11.25
C GLY A 183 8.03 -34.51 -10.02
N ASP A 184 8.22 -35.16 -8.86
CA ASP A 184 7.62 -34.68 -7.63
C ASP A 184 8.62 -34.20 -6.60
N PHE A 185 9.92 -34.41 -6.79
CA PHE A 185 10.95 -33.94 -5.86
C PHE A 185 10.81 -34.56 -4.48
N ASN A 186 10.29 -35.79 -4.42
CA ASN A 186 10.21 -36.54 -3.18
C ASN A 186 11.46 -37.37 -2.93
N GLY A 187 12.36 -37.43 -3.89
CA GLY A 187 13.62 -38.15 -3.75
C GLY A 187 13.59 -39.58 -4.22
N LEU A 188 12.41 -40.15 -4.47
CA LEU A 188 12.30 -41.54 -4.89
C LEU A 188 12.11 -41.59 -6.39
N PRO A 189 13.11 -42.01 -7.15
CA PRO A 189 13.05 -41.90 -8.61
C PRO A 189 12.05 -42.84 -9.25
N ALA A 190 12.18 -44.13 -8.98
CA ALA A 190 11.60 -45.16 -9.82
C ALA A 190 10.19 -45.55 -9.43
N PHE A 191 9.56 -44.88 -8.46
CA PHE A 191 8.37 -45.49 -7.88
C PHE A 191 7.18 -44.53 -7.88
N ASN A 192 7.41 -43.22 -7.93
CA ASN A 192 6.26 -42.36 -7.69
C ASN A 192 5.92 -41.37 -8.81
N GLU A 193 6.73 -41.33 -9.87
CA GLU A 193 6.39 -40.41 -10.97
C GLU A 193 5.35 -40.99 -11.90
N PHE A 194 5.30 -42.32 -12.02
CA PHE A 194 4.53 -43.01 -13.05
C PHE A 194 3.49 -43.94 -12.45
N TYR A 195 2.73 -43.46 -11.48
CA TYR A 195 1.63 -44.23 -10.92
C TYR A 195 0.41 -43.33 -10.82
N ALA A 196 -0.36 -43.27 -11.90
CA ALA A 196 -1.57 -42.46 -11.98
C ALA A 196 -2.72 -43.29 -11.45
N HIS A 197 -3.13 -43.02 -10.21
CA HIS A 197 -4.13 -43.82 -9.52
C HIS A 197 -3.78 -45.31 -9.57
N ASN A 198 -2.60 -45.64 -9.03
CA ASN A 198 -2.10 -46.99 -8.82
C ASN A 198 -1.88 -47.78 -10.10
N ALA A 199 -1.72 -47.10 -11.24
CA ALA A 199 -1.41 -47.75 -12.51
C ALA A 199 -0.13 -47.16 -13.08
N ARG A 200 0.74 -48.02 -13.62
CA ARG A 200 2.03 -47.57 -14.11
C ARG A 200 1.93 -47.13 -15.56
N LEU A 201 2.57 -46.00 -15.89
CA LEU A 201 2.47 -45.43 -17.23
C LEU A 201 3.78 -45.50 -17.99
N THR A 202 3.67 -45.46 -19.31
CA THR A 202 4.79 -45.32 -20.22
C THR A 202 5.17 -43.84 -20.33
N PRO A 203 6.41 -43.51 -20.68
CA PRO A 203 6.79 -42.10 -20.75
C PRO A 203 5.95 -41.29 -21.71
N LEU A 204 5.43 -41.91 -22.78
CA LEU A 204 4.53 -41.19 -23.66
C LEU A 204 3.26 -40.77 -22.93
N GLN A 205 2.65 -41.72 -22.21
CA GLN A 205 1.47 -41.40 -21.42
C GLN A 205 1.79 -40.38 -20.34
N PHE A 206 2.92 -40.55 -19.65
CA PHE A 206 3.29 -39.64 -18.58
C PHE A 206 3.42 -38.21 -19.09
N GLY A 207 4.20 -38.03 -20.16
CA GLY A 207 4.32 -36.71 -20.74
C GLY A 207 3.02 -36.19 -21.31
N ASN A 208 2.12 -37.08 -21.69
CA ASN A 208 0.82 -36.63 -22.17
C ASN A 208 -0.10 -36.18 -21.04
N LEU A 209 0.08 -36.72 -19.84
CA LEU A 209 -0.70 -36.23 -18.70
C LEU A 209 -0.37 -34.77 -18.40
N GLN A 210 0.92 -34.42 -18.39
CA GLN A 210 1.34 -33.06 -18.11
C GLN A 210 1.27 -32.21 -19.35
N LYS A 211 0.11 -32.16 -19.99
CA LYS A 211 -0.09 -31.41 -21.22
C LYS A 211 -1.02 -30.23 -20.94
N LEU A 212 -0.88 -29.18 -21.75
CA LEU A 212 -1.63 -27.94 -21.55
C LEU A 212 -1.82 -27.28 -22.91
N ASP A 213 -3.05 -27.29 -23.42
CA ASP A 213 -3.28 -26.71 -24.72
C ASP A 213 -3.37 -25.20 -24.62
N GLY A 214 -3.23 -24.53 -25.76
CA GLY A 214 -3.49 -23.11 -25.84
C GLY A 214 -4.97 -22.84 -25.71
N PRO A 215 -5.35 -21.57 -25.59
CA PRO A 215 -6.78 -21.25 -25.53
C PRO A 215 -7.55 -21.69 -26.77
N THR A 216 -6.94 -21.61 -27.94
CA THR A 216 -7.59 -21.94 -29.20
C THR A 216 -6.80 -23.00 -29.97
N GLU A 217 -5.99 -23.78 -29.26
CA GLU A 217 -5.11 -24.75 -29.91
C GLU A 217 -5.46 -26.16 -29.45
N GLN A 218 -5.42 -27.10 -30.40
CA GLN A 218 -5.64 -28.52 -30.14
C GLN A 218 -4.44 -29.28 -30.73
N CYS A 219 -3.39 -29.40 -29.94
CA CYS A 219 -2.19 -30.08 -30.41
C CYS A 219 -2.32 -31.58 -30.18
N PRO A 220 -1.92 -32.40 -31.15
CA PRO A 220 -2.06 -33.84 -30.99
C PRO A 220 -1.06 -34.43 -30.02
N ASP A 221 -1.04 -35.73 -29.90
CA ASP A 221 -0.04 -36.41 -29.11
C ASP A 221 0.93 -37.15 -30.02
N PRO A 222 2.21 -37.26 -29.65
CA PRO A 222 3.17 -37.98 -30.49
C PRO A 222 2.91 -39.47 -30.45
N LEU A 223 2.62 -40.04 -31.61
CA LEU A 223 2.44 -41.47 -31.70
C LEU A 223 3.79 -42.18 -31.47
N PRO A 224 3.77 -43.35 -30.82
CA PRO A 224 5.03 -43.96 -30.37
C PRO A 224 6.01 -44.17 -31.51
N LEU A 225 7.26 -43.87 -31.25
CA LEU A 225 8.30 -44.09 -32.24
C LEU A 225 8.56 -45.58 -32.37
N PRO A 226 8.65 -46.11 -33.59
CA PRO A 226 8.96 -47.53 -33.77
C PRO A 226 10.36 -47.88 -33.24
N ALA A 227 10.73 -49.15 -33.36
CA ALA A 227 11.99 -49.63 -32.81
C ALA A 227 13.18 -48.84 -33.35
N GLY A 228 14.28 -48.86 -32.58
CA GLY A 228 15.49 -48.18 -32.95
C GLY A 228 16.44 -49.08 -33.72
N ASN A 229 17.62 -48.52 -33.99
CA ASN A 229 18.68 -49.17 -34.75
C ASN A 229 20.02 -48.65 -34.26
N CYS A 230 21.05 -48.81 -35.08
CA CYS A 230 22.35 -48.18 -34.88
C CYS A 230 23.04 -48.70 -33.63
N THR A 231 22.56 -48.28 -32.45
CA THR A 231 23.28 -48.44 -31.20
C THR A 231 24.67 -47.85 -31.32
N ASP A 232 25.58 -48.21 -30.40
CA ASP A 232 26.92 -47.66 -30.41
C ASP A 232 27.87 -48.65 -31.08
N GLU A 233 27.82 -48.67 -32.41
CA GLU A 233 28.64 -49.61 -33.17
C GLU A 233 30.12 -49.25 -33.07
N GLU A 234 30.46 -47.99 -33.33
CA GLU A 234 31.85 -47.57 -33.23
C GLU A 234 32.34 -47.46 -31.78
N GLY A 235 31.43 -47.49 -30.81
CA GLY A 235 31.82 -47.42 -29.42
C GLY A 235 32.11 -46.03 -28.91
N ILE A 236 31.67 -44.98 -29.62
CA ILE A 236 32.02 -43.63 -29.22
C ILE A 236 31.41 -43.28 -27.88
N CYS A 237 30.14 -43.63 -27.67
CA CYS A 237 29.49 -43.33 -26.41
C CYS A 237 30.18 -44.03 -25.25
N HIS A 238 30.47 -45.32 -25.41
CA HIS A 238 31.15 -46.05 -24.35
C HIS A 238 32.57 -45.53 -24.15
N ARG A 239 33.28 -45.27 -25.26
CA ARG A 239 34.67 -44.83 -25.13
C ARG A 239 34.78 -43.50 -24.42
N THR A 240 33.87 -42.56 -24.72
CA THR A 240 33.93 -41.24 -24.10
C THR A 240 33.35 -41.26 -22.69
N LEU A 241 32.10 -41.69 -22.55
CA LEU A 241 31.42 -41.63 -21.26
C LEU A 241 32.14 -42.47 -20.22
N LEU A 242 32.61 -43.65 -20.60
CA LEU A 242 33.38 -44.49 -19.69
C LEU A 242 34.86 -44.16 -19.71
N GLY A 243 35.27 -43.15 -20.49
CA GLY A 243 36.65 -42.79 -20.59
C GLY A 243 37.14 -42.09 -19.33
N PRO A 244 38.35 -41.52 -19.41
CA PRO A 244 38.95 -40.93 -18.21
C PRO A 244 38.20 -39.72 -17.70
N ALA A 245 37.69 -38.87 -18.60
CA ALA A 245 37.22 -37.55 -18.21
C ALA A 245 36.18 -37.62 -17.10
N PHE A 246 35.15 -38.45 -17.29
CA PHE A 246 34.05 -38.53 -16.35
C PHE A 246 34.26 -39.62 -15.31
N ALA A 247 35.52 -39.92 -14.99
CA ALA A 247 35.84 -41.01 -14.08
C ALA A 247 35.05 -40.90 -12.78
N GLU A 248 35.29 -39.83 -12.02
CA GLU A 248 34.58 -39.63 -10.78
C GLU A 248 33.09 -39.38 -11.00
N CYS A 249 32.70 -38.98 -12.21
CA CYS A 249 31.27 -38.87 -12.52
C CYS A 249 30.59 -40.22 -12.45
N HIS A 250 31.32 -41.30 -12.75
CA HIS A 250 30.77 -42.63 -12.58
C HIS A 250 30.44 -42.91 -11.12
N ALA A 251 31.04 -42.18 -10.19
CA ALA A 251 30.78 -42.38 -8.78
C ALA A 251 29.55 -41.64 -8.28
N LEU A 252 28.98 -40.75 -9.09
CA LEU A 252 27.84 -39.95 -8.66
C LEU A 252 26.60 -40.17 -9.52
N VAL A 253 26.75 -40.14 -10.84
CA VAL A 253 25.62 -40.25 -11.76
C VAL A 253 25.84 -41.46 -12.65
N ASP A 254 24.87 -42.36 -12.68
CA ASP A 254 24.94 -43.52 -13.55
C ASP A 254 24.77 -43.11 -15.00
N SER A 255 25.53 -43.75 -15.89
CA SER A 255 25.60 -43.35 -17.28
C SER A 255 24.74 -44.21 -18.20
N THR A 256 24.03 -45.20 -17.65
CA THR A 256 23.31 -46.16 -18.50
C THR A 256 22.32 -45.44 -19.42
N ALA A 257 21.45 -44.62 -18.83
CA ALA A 257 20.47 -43.89 -19.63
C ALA A 257 21.17 -42.91 -20.56
N TYR A 258 22.27 -42.32 -20.12
CA TYR A 258 23.00 -41.41 -20.98
C TYR A 258 23.68 -42.16 -22.12
N LEU A 259 24.18 -43.37 -21.86
CA LEU A 259 24.70 -44.19 -22.95
C LEU A 259 23.61 -44.49 -23.98
N ALA A 260 22.43 -44.87 -23.49
CA ALA A 260 21.32 -45.16 -24.40
C ALA A 260 20.94 -43.92 -25.21
N ALA A 261 20.89 -42.76 -24.56
CA ALA A 261 20.53 -41.53 -25.25
C ALA A 261 21.59 -41.15 -26.27
N CYS A 262 22.87 -41.36 -25.96
CA CYS A 262 23.92 -41.09 -26.93
C CYS A 262 23.76 -41.98 -28.15
N ALA A 263 23.47 -43.27 -27.94
CA ALA A 263 23.23 -44.15 -29.07
C ALA A 263 22.01 -43.71 -29.88
N GLN A 264 20.94 -43.33 -29.19
CA GLN A 264 19.73 -42.91 -29.87
C GLN A 264 19.96 -41.63 -30.69
N ASP A 265 20.76 -40.71 -30.14
CA ASP A 265 21.12 -39.52 -30.91
C ASP A 265 22.01 -39.88 -32.09
N LEU A 266 22.90 -40.85 -31.91
CA LEU A 266 23.65 -41.38 -33.05
C LEU A 266 22.70 -41.85 -34.14
N CYS A 267 21.56 -42.43 -33.76
CA CYS A 267 20.56 -42.77 -34.77
C CYS A 267 20.08 -41.53 -35.51
N ARG A 268 20.03 -40.40 -34.83
CA ARG A 268 19.71 -39.13 -35.46
C ARG A 268 20.98 -38.60 -36.11
N CYS A 269 21.01 -37.32 -36.42
CA CYS A 269 22.10 -36.74 -37.19
C CYS A 269 23.45 -37.03 -36.52
N PRO A 270 24.53 -37.19 -37.28
CA PRO A 270 25.80 -37.37 -36.67
C PRO A 270 26.64 -36.11 -36.47
N THR A 271 26.04 -34.91 -36.42
CA THR A 271 26.68 -33.76 -35.81
C THR A 271 26.04 -33.41 -34.48
N CYS A 272 25.05 -34.18 -34.04
CA CYS A 272 24.34 -33.91 -32.79
C CYS A 272 24.37 -35.09 -31.81
N PRO A 273 25.53 -35.74 -31.60
CA PRO A 273 25.58 -36.76 -30.54
C PRO A 273 26.17 -36.25 -29.24
N CYS A 274 26.73 -35.03 -29.26
CA CYS A 274 27.42 -34.50 -28.09
C CYS A 274 26.48 -33.85 -27.09
N ALA A 275 25.19 -33.77 -27.41
CA ALA A 275 24.24 -33.22 -26.45
C ALA A 275 24.21 -34.05 -25.18
N THR A 276 24.23 -35.37 -25.31
CA THR A 276 24.20 -36.22 -24.12
C THR A 276 25.48 -36.07 -23.31
N PHE A 277 26.63 -35.94 -23.98
CA PHE A 277 27.86 -35.72 -23.23
C PHE A 277 27.82 -34.40 -22.48
N VAL A 278 27.30 -33.35 -23.13
CA VAL A 278 27.17 -32.06 -22.47
C VAL A 278 26.27 -32.18 -21.25
N GLU A 279 25.15 -32.89 -21.40
CA GLU A 279 24.23 -33.04 -20.28
C GLU A 279 24.86 -33.85 -19.16
N TYR A 280 25.65 -34.87 -19.51
CA TYR A 280 26.31 -35.64 -18.46
C TYR A 280 27.35 -34.79 -17.75
N SER A 281 28.03 -33.91 -18.48
CA SER A 281 28.95 -32.98 -17.82
C SER A 281 28.19 -32.08 -16.86
N ARG A 282 27.06 -31.54 -17.28
CA ARG A 282 26.27 -30.67 -16.41
C ARG A 282 25.82 -31.42 -15.16
N GLN A 283 25.29 -32.63 -15.34
CA GLN A 283 24.81 -33.41 -14.20
C GLN A 283 25.93 -33.80 -13.25
N CYS A 284 27.07 -34.22 -13.80
CA CYS A 284 28.20 -34.57 -12.94
C CYS A 284 28.68 -33.36 -12.17
N ALA A 285 28.70 -32.19 -12.81
CA ALA A 285 29.08 -30.98 -12.10
C ALA A 285 28.07 -30.63 -11.02
N HIS A 286 26.79 -30.90 -11.27
CA HIS A 286 25.76 -30.53 -10.31
C HIS A 286 25.70 -31.47 -9.11
N ALA A 287 26.01 -32.75 -9.31
CA ALA A 287 26.08 -33.65 -8.16
C ALA A 287 27.22 -33.26 -7.24
N GLY A 288 28.32 -32.76 -7.80
CA GLY A 288 29.44 -32.33 -7.00
C GLY A 288 30.78 -32.72 -7.59
N GLY A 289 30.78 -33.74 -8.44
CA GLY A 289 32.03 -34.24 -9.00
C GLY A 289 32.64 -33.26 -9.97
N GLN A 290 33.93 -33.49 -10.25
CA GLN A 290 34.66 -32.60 -11.15
C GLN A 290 34.75 -33.25 -12.53
N PRO A 291 33.97 -32.81 -13.50
CA PRO A 291 34.14 -33.32 -14.87
C PRO A 291 35.47 -32.84 -15.42
N ARG A 292 36.03 -33.64 -16.32
CA ARG A 292 37.26 -33.28 -16.99
CA ARG A 292 37.27 -33.29 -17.00
C ARG A 292 36.99 -33.02 -18.47
N ASN A 293 37.91 -32.29 -19.10
CA ASN A 293 37.75 -31.87 -20.49
C ASN A 293 37.70 -33.10 -21.39
N TRP A 294 36.59 -33.26 -22.10
CA TRP A 294 36.44 -34.34 -23.06
C TRP A 294 36.47 -33.86 -24.50
N ARG A 295 36.24 -32.57 -24.72
CA ARG A 295 36.16 -32.03 -26.06
C ARG A 295 37.51 -32.06 -26.75
N CYS A 296 37.53 -32.58 -27.96
CA CYS A 296 38.68 -32.61 -28.84
C CYS A 296 38.24 -31.98 -30.16
N PRO A 297 39.20 -31.47 -30.96
CA PRO A 297 38.82 -30.73 -32.18
C PRO A 297 37.81 -31.45 -33.07
N GLU A 298 37.61 -32.74 -32.86
CA GLU A 298 36.59 -33.49 -33.59
C GLU A 298 35.33 -33.74 -32.79
N LEU A 299 35.43 -33.79 -31.46
CA LEU A 299 34.28 -34.09 -30.61
C LEU A 299 33.57 -32.78 -30.26
N CYS A 300 32.75 -32.30 -31.20
CA CYS A 300 32.00 -31.06 -31.07
C CYS A 300 32.90 -29.94 -30.56
N PRO A 301 33.84 -29.46 -31.37
CA PRO A 301 34.80 -28.46 -30.89
C PRO A 301 34.09 -27.16 -30.52
N ARG A 302 34.64 -26.49 -29.52
CA ARG A 302 34.14 -25.20 -29.08
C ARG A 302 35.23 -24.14 -29.26
N THR A 303 34.81 -22.89 -29.33
CA THR A 303 35.72 -21.79 -29.51
C THR A 303 35.41 -20.72 -28.47
N CYS A 304 36.45 -20.02 -28.03
CA CYS A 304 36.36 -18.92 -27.08
C CYS A 304 37.28 -17.80 -27.56
N PRO A 305 37.15 -16.59 -26.99
CA PRO A 305 38.00 -15.47 -27.44
C PRO A 305 39.50 -15.74 -27.29
N LEU A 306 40.31 -14.77 -27.74
CA LEU A 306 41.75 -15.01 -27.84
C LEU A 306 42.38 -15.32 -26.49
N ASN A 307 42.01 -14.56 -25.45
CA ASN A 307 42.55 -14.78 -24.12
C ASN A 307 41.69 -15.74 -23.29
N MET A 308 40.57 -16.18 -23.84
CA MET A 308 39.63 -17.00 -23.11
C MET A 308 39.64 -18.43 -23.67
N GLN A 309 39.77 -19.39 -22.77
CA GLN A 309 39.80 -20.81 -23.13
C GLN A 309 38.47 -21.44 -22.79
N HIS A 310 38.06 -22.40 -23.61
CA HIS A 310 36.80 -23.11 -23.38
C HIS A 310 37.06 -24.28 -22.44
N GLN A 311 36.52 -24.20 -21.23
CA GLN A 311 36.75 -25.21 -20.21
C GLN A 311 35.45 -25.89 -19.81
N GLU A 312 35.56 -27.17 -19.50
CA GLU A 312 34.58 -27.89 -18.72
C GLU A 312 35.06 -27.88 -17.27
N CYS A 313 34.15 -27.56 -16.36
CA CYS A 313 34.50 -27.34 -14.96
C CYS A 313 35.54 -26.24 -14.80
N GLY A 314 35.15 -25.01 -15.13
CA GLY A 314 35.86 -23.85 -14.67
C GLY A 314 35.09 -23.22 -13.53
N SER A 315 35.82 -22.47 -12.71
CA SER A 315 35.20 -21.83 -11.54
C SER A 315 34.14 -20.85 -12.00
N PRO A 316 32.91 -20.92 -11.48
CA PRO A 316 31.83 -20.07 -12.00
C PRO A 316 32.09 -18.59 -11.86
N CYS A 317 32.76 -18.18 -10.79
CA CYS A 317 33.00 -16.77 -10.50
C CYS A 317 34.34 -16.37 -11.09
N THR A 318 34.32 -15.89 -12.32
CA THR A 318 35.53 -15.48 -13.00
C THR A 318 36.10 -14.24 -12.34
N ASP A 319 37.26 -14.39 -11.70
CA ASP A 319 37.92 -13.24 -11.09
C ASP A 319 38.22 -12.20 -12.16
N THR A 320 37.94 -10.94 -11.84
CA THR A 320 38.10 -9.84 -12.79
C THR A 320 38.54 -8.61 -12.02
N CYS A 321 39.60 -7.95 -12.49
CA CYS A 321 40.28 -6.99 -11.63
C CYS A 321 39.41 -5.83 -11.20
N SER A 322 38.18 -5.74 -11.70
CA SER A 322 37.18 -4.93 -10.99
C SER A 322 36.91 -5.52 -9.61
N ASN A 323 36.79 -6.83 -9.53
CA ASN A 323 36.72 -7.56 -8.26
C ASN A 323 37.68 -8.74 -8.33
N PRO A 324 38.99 -8.48 -8.38
CA PRO A 324 39.94 -9.52 -8.78
C PRO A 324 40.00 -10.69 -7.82
N GLN A 325 39.23 -10.67 -6.74
CA GLN A 325 39.25 -11.74 -5.76
C GLN A 325 37.85 -12.27 -5.49
N ARG A 326 36.96 -12.16 -6.49
CA ARG A 326 35.62 -12.70 -6.35
C ARG A 326 35.66 -14.20 -6.14
N ALA A 327 36.61 -14.87 -6.78
CA ALA A 327 36.71 -16.32 -6.72
C ALA A 327 37.35 -16.83 -5.44
N GLN A 328 37.39 -16.01 -4.39
CA GLN A 328 38.06 -16.43 -3.16
C GLN A 328 37.24 -17.48 -2.41
N LEU A 329 36.05 -17.12 -1.94
CA LEU A 329 35.24 -17.98 -1.10
C LEU A 329 33.88 -18.23 -1.76
N CYS A 330 33.91 -18.52 -3.05
CA CYS A 330 32.68 -18.79 -3.79
C CYS A 330 32.04 -20.10 -3.32
N GLU A 331 30.73 -20.18 -3.52
CA GLU A 331 30.05 -21.46 -3.42
C GLU A 331 29.19 -21.60 -4.66
N ASP A 332 29.71 -22.39 -5.61
CA ASP A 332 29.04 -22.88 -6.81
C ASP A 332 29.94 -23.91 -7.47
N HIS A 333 29.34 -24.97 -7.99
CA HIS A 333 30.08 -26.12 -8.51
C HIS A 333 30.75 -25.74 -9.82
N CYS A 334 31.41 -26.71 -10.45
CA CYS A 334 31.94 -26.52 -11.79
C CYS A 334 30.88 -25.95 -12.72
N VAL A 335 31.31 -25.09 -13.62
CA VAL A 335 30.49 -24.62 -14.72
C VAL A 335 31.34 -24.57 -15.99
N ASP A 336 30.74 -24.94 -17.11
CA ASP A 336 31.39 -24.91 -18.42
C ASP A 336 31.34 -23.49 -18.97
N GLY A 337 32.30 -23.15 -19.82
CA GLY A 337 32.24 -21.90 -20.55
C GLY A 337 33.63 -21.39 -20.87
N CYS A 338 33.69 -20.11 -21.22
CA CYS A 338 34.96 -19.45 -21.45
C CYS A 338 35.55 -19.00 -20.11
N PHE A 339 36.87 -19.10 -19.99
CA PHE A 339 37.56 -18.77 -18.75
C PHE A 339 38.92 -18.20 -19.07
N CYS A 340 39.61 -17.79 -18.07
CA CYS A 340 40.90 -17.18 -18.31
C CYS A 340 42.02 -18.03 -17.73
N PRO A 341 43.20 -18.03 -18.36
CA PRO A 341 44.33 -18.72 -17.77
C PRO A 341 44.64 -18.17 -16.40
N PRO A 342 45.06 -19.02 -15.47
CA PRO A 342 45.25 -18.56 -14.08
C PRO A 342 46.24 -17.43 -13.99
N GLY A 343 45.95 -16.47 -13.13
CA GLY A 343 46.80 -15.31 -12.98
C GLY A 343 46.29 -14.04 -13.64
N THR A 344 45.72 -14.17 -14.84
CA THR A 344 45.26 -13.02 -15.60
C THR A 344 43.74 -12.97 -15.53
N VAL A 345 43.23 -12.15 -14.61
CA VAL A 345 41.80 -12.04 -14.35
C VAL A 345 41.11 -11.35 -15.52
N LEU A 346 39.78 -11.41 -15.55
CA LEU A 346 39.04 -10.82 -16.66
C LEU A 346 39.04 -9.30 -16.56
N ASP A 347 38.92 -8.65 -17.71
CA ASP A 347 38.81 -7.19 -17.78
C ASP A 347 37.41 -6.84 -18.24
N ASP A 348 36.51 -6.58 -17.29
CA ASP A 348 35.14 -6.23 -17.58
C ASP A 348 34.95 -4.73 -17.70
N ILE A 349 36.02 -3.96 -17.65
CA ILE A 349 35.91 -2.50 -17.67
C ILE A 349 36.00 -1.96 -19.09
N THR A 350 36.81 -2.58 -19.95
CA THR A 350 36.87 -2.24 -21.35
C THR A 350 36.78 -3.45 -22.27
N HIS A 351 36.73 -4.66 -21.73
CA HIS A 351 36.55 -5.89 -22.50
C HIS A 351 37.69 -6.11 -23.48
N SER A 352 38.92 -6.00 -22.97
CA SER A 352 40.12 -6.33 -23.72
C SER A 352 40.55 -7.77 -23.52
N GLY A 353 39.62 -8.65 -23.17
CA GLY A 353 39.97 -10.01 -22.82
C GLY A 353 40.57 -10.06 -21.43
N CYS A 354 40.99 -11.26 -21.04
CA CYS A 354 41.64 -11.43 -19.75
C CYS A 354 42.98 -10.69 -19.77
N LEU A 355 43.23 -9.92 -18.73
CA LEU A 355 44.41 -9.07 -18.70
C LEU A 355 45.18 -9.30 -17.41
N PRO A 356 46.49 -9.07 -17.42
CA PRO A 356 47.26 -9.19 -16.18
C PRO A 356 46.75 -8.21 -15.14
N LEU A 357 46.88 -8.60 -13.87
CA LEU A 357 46.31 -7.80 -12.78
C LEU A 357 46.84 -6.38 -12.80
N GLY A 358 48.11 -6.20 -13.15
CA GLY A 358 48.74 -4.90 -13.12
C GLY A 358 48.76 -4.14 -14.42
N GLN A 359 47.92 -4.51 -15.39
CA GLN A 359 47.81 -3.74 -16.62
C GLN A 359 46.36 -3.49 -17.00
N CYS A 360 45.46 -3.61 -16.07
CA CYS A 360 44.07 -3.40 -16.43
C CYS A 360 43.54 -2.10 -15.81
N PRO A 361 42.56 -1.47 -16.44
CA PRO A 361 42.22 -0.10 -16.09
C PRO A 361 41.60 0.02 -14.70
N CYS A 362 41.39 1.27 -14.31
CA CYS A 362 40.60 1.62 -13.14
C CYS A 362 39.40 2.44 -13.58
N THR A 363 38.43 2.58 -12.69
CA THR A 363 37.22 3.33 -12.99
C THR A 363 36.95 4.33 -11.88
N HIS A 364 36.69 5.58 -12.25
CA HIS A 364 36.28 6.60 -11.30
C HIS A 364 35.13 7.40 -11.90
N GLY A 365 33.96 7.29 -11.29
CA GLY A 365 32.80 8.06 -11.76
C GLY A 365 32.41 7.78 -13.18
N GLY A 366 32.55 6.53 -13.61
CA GLY A 366 32.29 6.17 -14.99
C GLY A 366 33.40 6.52 -15.96
N ARG A 367 34.53 7.03 -15.46
CA ARG A 367 35.65 7.37 -16.31
C ARG A 367 36.71 6.28 -16.23
N THR A 368 37.23 5.89 -17.39
CA THR A 368 38.21 4.81 -17.49
C THR A 368 39.62 5.39 -17.42
N TYR A 369 40.49 4.75 -16.67
CA TYR A 369 41.85 5.23 -16.44
C TYR A 369 42.82 4.08 -16.69
N SER A 370 43.50 4.12 -17.82
CA SER A 370 44.51 3.10 -18.11
C SER A 370 45.57 3.14 -17.02
N PRO A 371 46.01 1.99 -16.51
CA PRO A 371 46.95 1.98 -15.39
C PRO A 371 48.25 2.66 -15.77
N GLY A 372 48.76 3.49 -14.85
CA GLY A 372 49.78 4.49 -15.13
C GLY A 372 49.25 5.90 -15.00
N THR A 373 47.97 6.10 -15.24
CA THR A 373 47.37 7.42 -15.11
C THR A 373 47.09 7.74 -13.65
N SER A 374 46.88 9.04 -13.40
CA SER A 374 46.60 9.55 -12.08
C SER A 374 45.45 10.53 -12.19
N PHE A 375 44.81 10.81 -11.07
CA PHE A 375 43.85 11.91 -11.01
C PHE A 375 43.86 12.48 -9.60
N ASN A 376 44.04 13.79 -9.51
CA ASN A 376 44.12 14.48 -8.23
C ASN A 376 42.83 15.23 -8.00
N THR A 377 42.21 14.98 -6.85
CA THR A 377 41.07 15.80 -6.43
C THR A 377 41.58 17.08 -5.79
N THR A 378 40.66 17.86 -5.25
CA THR A 378 41.07 19.02 -4.45
C THR A 378 41.79 18.57 -3.19
N CYS A 379 41.38 17.43 -2.63
CA CYS A 379 41.89 16.98 -1.33
C CYS A 379 42.84 15.81 -1.41
N SER A 380 42.85 15.06 -2.50
CA SER A 380 43.72 13.89 -2.58
C SER A 380 43.99 13.54 -4.04
N SER A 381 45.07 12.80 -4.25
CA SER A 381 45.47 12.32 -5.56
C SER A 381 45.59 10.80 -5.54
N CYS A 382 44.98 10.17 -6.55
CA CYS A 382 44.93 8.71 -6.63
C CYS A 382 45.45 8.27 -7.99
N THR A 383 46.38 7.33 -7.98
CA THR A 383 46.99 6.78 -9.19
C THR A 383 46.41 5.40 -9.45
N CYS A 384 46.17 5.08 -10.72
CA CYS A 384 45.64 3.76 -11.08
C CYS A 384 46.79 2.78 -11.19
N SER A 385 47.02 1.99 -10.14
CA SER A 385 48.13 1.05 -10.15
C SER A 385 47.86 -0.09 -9.19
N GLY A 386 48.56 -1.20 -9.42
CA GLY A 386 48.37 -2.38 -8.61
C GLY A 386 46.98 -2.98 -8.72
N GLY A 387 46.27 -2.70 -9.80
CA GLY A 387 44.89 -3.10 -9.91
C GLY A 387 43.94 -2.34 -9.04
N LEU A 388 44.42 -1.31 -8.33
CA LEU A 388 43.62 -0.52 -7.41
C LEU A 388 43.92 0.95 -7.64
N TRP A 389 43.36 1.80 -6.77
CA TRP A 389 43.71 3.21 -6.71
C TRP A 389 44.64 3.40 -5.52
N GLN A 390 45.86 3.84 -5.78
CA GLN A 390 46.81 4.20 -4.73
C GLN A 390 46.62 5.67 -4.43
N CYS A 391 46.07 5.97 -3.26
CA CYS A 391 45.61 7.31 -2.93
C CYS A 391 46.50 7.91 -1.85
N GLN A 392 47.12 9.04 -2.15
CA GLN A 392 47.74 9.90 -1.16
C GLN A 392 46.92 11.17 -1.04
N ASP A 393 47.13 11.90 0.05
CA ASP A 393 46.35 13.09 0.33
C ASP A 393 47.23 14.34 0.20
N LEU A 394 46.76 15.30 -0.59
CA LEU A 394 47.34 16.63 -0.47
C LEU A 394 46.73 17.32 0.74
N PRO A 395 47.49 18.16 1.44
CA PRO A 395 46.94 18.87 2.59
C PRO A 395 45.74 19.72 2.19
N CYS A 396 44.70 19.68 3.02
CA CYS A 396 43.43 20.33 2.72
C CYS A 396 43.05 21.27 3.84
N PRO A 397 42.92 22.57 3.59
CA PRO A 397 42.42 23.47 4.62
C PRO A 397 40.98 23.14 4.98
N GLY A 398 40.73 22.97 6.27
CA GLY A 398 39.37 22.67 6.70
C GLY A 398 38.44 23.84 6.50
N THR A 399 37.14 23.54 6.47
CA THR A 399 36.15 24.55 6.10
C THR A 399 34.92 24.38 6.97
N CYS A 400 34.69 25.32 7.87
CA CYS A 400 33.44 25.43 8.59
C CYS A 400 32.55 26.44 7.88
N SER A 401 31.25 26.34 8.13
CA SER A 401 30.36 27.32 7.54
C SER A 401 29.07 27.35 8.33
N VAL A 402 28.46 28.53 8.37
CA VAL A 402 27.11 28.71 8.90
C VAL A 402 26.27 29.34 7.81
N GLN A 403 25.25 28.62 7.37
CA GLN A 403 24.43 29.00 6.24
C GLN A 403 22.97 29.02 6.66
N GLY A 404 22.23 30.00 6.16
CA GLY A 404 20.85 30.17 6.52
C GLY A 404 20.63 30.70 7.91
N GLY A 405 21.68 31.14 8.60
CA GLY A 405 21.59 31.56 9.97
C GLY A 405 21.29 30.45 10.95
N ALA A 406 21.03 29.26 10.48
CA ALA A 406 20.70 28.16 11.38
C ALA A 406 21.56 26.93 11.15
N HIS A 407 21.90 26.61 9.91
CA HIS A 407 22.59 25.38 9.62
C HIS A 407 24.09 25.57 9.72
N ILE A 408 24.77 24.55 10.22
CA ILE A 408 26.20 24.60 10.45
C ILE A 408 26.83 23.35 9.86
N SER A 409 27.83 23.54 9.02
CA SER A 409 28.63 22.45 8.48
C SER A 409 30.03 22.58 9.06
N THR A 410 30.40 21.65 9.92
CA THR A 410 31.62 21.79 10.70
C THR A 410 32.83 21.37 9.87
N TYR A 411 34.00 21.31 10.52
CA TYR A 411 35.21 20.88 9.83
C TYR A 411 35.19 19.40 9.53
N ASP A 412 34.53 18.62 10.39
CA ASP A 412 34.31 17.20 10.14
C ASP A 412 33.12 16.95 9.24
N GLU A 413 32.54 18.00 8.66
CA GLU A 413 31.38 17.92 7.79
C GLU A 413 30.18 17.26 8.48
N LYS A 414 30.00 17.57 9.76
CA LYS A 414 28.83 17.09 10.50
C LYS A 414 27.76 18.17 10.43
N LEU A 415 26.97 18.12 9.37
CA LEU A 415 25.91 19.12 9.20
C LEU A 415 24.89 18.99 10.31
N TYR A 416 24.51 20.12 10.91
CA TYR A 416 23.50 20.11 11.95
C TYR A 416 22.81 21.46 12.01
N ASP A 417 21.58 21.45 12.49
CA ASP A 417 20.80 22.67 12.57
C ASP A 417 20.87 23.28 13.96
N LEU A 418 20.90 24.61 14.00
CA LEU A 418 21.02 25.34 15.26
C LEU A 418 20.06 26.52 15.23
N HIS A 419 18.98 26.43 15.99
CA HIS A 419 18.04 27.53 16.16
C HIS A 419 18.29 28.11 17.54
N GLY A 420 19.22 29.06 17.62
CA GLY A 420 19.58 29.68 18.87
C GLY A 420 19.56 31.19 18.74
N ASP A 421 19.53 31.85 19.89
CA ASP A 421 19.52 33.31 19.98
C ASP A 421 20.51 33.70 21.07
N CYS A 422 21.76 33.84 20.67
CA CYS A 422 22.85 34.22 21.57
C CYS A 422 24.08 34.45 20.70
N SER A 423 25.21 34.69 21.34
CA SER A 423 26.50 34.69 20.66
C SER A 423 27.17 33.36 20.98
N TYR A 424 27.55 32.64 19.94
CA TYR A 424 28.13 31.31 20.10
C TYR A 424 29.56 31.33 19.63
N VAL A 425 30.43 30.62 20.35
CA VAL A 425 31.83 30.53 19.97
C VAL A 425 31.91 29.64 18.75
N LEU A 426 31.96 30.25 17.57
CA LEU A 426 31.93 29.47 16.34
C LEU A 426 33.15 28.56 16.24
N SER A 427 34.32 29.07 16.60
CA SER A 427 35.51 28.24 16.58
C SER A 427 36.59 28.87 17.44
N LYS A 428 37.45 28.03 18.00
CA LYS A 428 38.45 28.51 18.95
C LYS A 428 39.51 27.44 19.14
N LYS A 429 40.77 27.80 18.98
CA LYS A 429 41.86 26.86 19.22
C LYS A 429 41.98 26.64 20.72
N CYS A 430 41.21 25.68 21.25
CA CYS A 430 40.92 25.66 22.68
C CYS A 430 42.09 25.24 23.56
N ALA A 431 43.28 25.08 22.97
CA ALA A 431 44.48 25.02 23.79
C ALA A 431 44.79 26.40 24.37
N ASP A 432 44.77 27.41 23.51
CA ASP A 432 45.10 28.78 23.89
C ASP A 432 43.94 29.71 23.54
N SER A 433 44.18 31.01 23.60
CA SER A 433 43.23 31.99 23.10
C SER A 433 43.80 32.75 21.92
N SER A 434 44.52 32.04 21.03
CA SER A 434 45.14 32.67 19.87
C SER A 434 44.11 33.38 19.00
N PHE A 435 43.05 32.67 18.63
CA PHE A 435 41.95 33.26 17.89
C PHE A 435 40.64 32.68 18.39
N THR A 436 39.56 33.43 18.21
CA THR A 436 38.24 33.02 18.67
C THR A 436 37.19 33.63 17.76
N VAL A 437 36.71 32.85 16.80
CA VAL A 437 35.66 33.33 15.91
C VAL A 437 34.33 33.14 16.59
N LEU A 438 33.58 34.23 16.74
CA LEU A 438 32.27 34.26 17.37
C LEU A 438 31.21 34.61 16.34
N ALA A 439 30.02 34.03 16.49
CA ALA A 439 28.90 34.31 15.62
C ALA A 439 27.68 34.61 16.47
N GLU A 440 27.00 35.71 16.19
CA GLU A 440 25.81 36.10 16.92
C GLU A 440 24.58 35.76 16.07
N LEU A 441 23.82 34.77 16.50
CA LEU A 441 22.64 34.32 15.77
C LEU A 441 21.41 34.88 16.48
N ARG A 442 20.54 35.53 15.73
CA ARG A 442 19.45 36.29 16.33
C ARG A 442 18.12 35.89 15.71
N LYS A 443 17.10 35.74 16.56
CA LYS A 443 15.80 35.30 16.10
C LYS A 443 15.13 36.40 15.29
N CYS A 444 14.57 36.02 14.13
CA CYS A 444 14.14 36.98 13.11
C CYS A 444 12.64 36.96 12.82
N GLY A 445 11.83 36.34 13.67
CA GLY A 445 10.43 36.28 13.33
C GLY A 445 9.58 35.80 14.48
N LEU A 446 8.32 35.51 14.16
CA LEU A 446 7.40 35.02 15.16
C LEU A 446 7.86 33.69 15.74
N THR A 447 8.34 32.78 14.88
CA THR A 447 8.70 31.45 15.31
C THR A 447 10.08 31.43 15.95
N ASP A 448 10.21 30.62 17.00
CA ASP A 448 11.49 30.47 17.69
C ASP A 448 12.58 29.91 16.78
N ASN A 449 12.19 29.24 15.70
CA ASN A 449 13.15 28.67 14.77
C ASN A 449 13.37 29.54 13.55
N GLU A 450 13.11 30.85 13.65
CA GLU A 450 13.36 31.79 12.56
C GLU A 450 14.57 32.64 12.94
N ASN A 451 15.74 32.22 12.49
CA ASN A 451 17.00 32.85 12.87
C ASN A 451 17.70 33.46 11.66
N CYS A 452 18.53 34.47 11.94
CA CYS A 452 19.46 35.02 10.99
C CYS A 452 20.79 35.24 11.68
N LEU A 453 21.88 34.95 10.98
CA LEU A 453 23.18 35.40 11.43
C LEU A 453 23.20 36.92 11.42
N LYS A 454 23.84 37.52 12.41
CA LYS A 454 23.84 38.97 12.50
C LYS A 454 25.23 39.59 12.63
N ALA A 455 26.24 38.84 13.05
CA ALA A 455 27.57 39.40 13.17
C ALA A 455 28.58 38.27 13.20
N VAL A 456 29.83 38.62 12.94
CA VAL A 456 30.95 37.70 13.04
C VAL A 456 32.07 38.45 13.75
N THR A 457 32.35 38.07 14.98
CA THR A 457 33.25 38.83 15.84
C THR A 457 34.52 38.01 16.06
N LEU A 458 35.51 38.20 15.19
CA LEU A 458 36.80 37.55 15.38
C LEU A 458 37.53 38.23 16.53
N SER A 459 37.50 37.62 17.70
CA SER A 459 38.38 38.00 18.79
C SER A 459 39.77 37.44 18.51
N LEU A 460 40.79 38.09 19.05
CA LEU A 460 42.15 37.77 18.65
C LEU A 460 43.12 38.26 19.72
N ASP A 461 44.24 37.56 19.84
CA ASP A 461 45.27 37.85 20.84
C ASP A 461 44.70 37.80 22.25
N GLY A 462 43.82 36.85 22.50
CA GLY A 462 43.17 36.78 23.79
C GLY A 462 42.25 37.96 24.05
N GLY A 463 41.54 38.41 23.02
CA GLY A 463 40.61 39.52 23.16
C GLY A 463 41.23 40.89 23.00
N ASP A 464 42.54 40.98 22.77
CA ASP A 464 43.16 42.28 22.56
C ASP A 464 42.62 42.94 21.30
N THR A 465 42.30 42.17 20.27
CA THR A 465 41.77 42.72 19.03
C THR A 465 40.43 42.06 18.74
N ALA A 466 39.52 42.79 18.09
CA ALA A 466 38.20 42.25 17.78
C ALA A 466 37.74 42.86 16.47
N ILE A 467 37.67 42.05 15.43
CA ILE A 467 37.16 42.48 14.13
C ILE A 467 35.74 41.99 14.01
N ARG A 468 34.79 42.91 13.95
CA ARG A 468 33.37 42.58 14.01
C ARG A 468 32.71 42.95 12.69
N VAL A 469 32.40 41.96 11.88
CA VAL A 469 31.70 42.18 10.61
C VAL A 469 30.21 42.05 10.89
N GLN A 470 29.46 43.12 10.66
CA GLN A 470 28.02 43.08 10.91
C GLN A 470 27.30 42.47 9.71
N ALA A 471 25.98 42.57 9.71
CA ALA A 471 25.18 42.02 8.62
C ALA A 471 24.91 43.02 7.51
N ASP A 472 25.04 44.32 7.77
CA ASP A 472 24.90 45.32 6.72
C ASP A 472 26.18 45.50 5.91
N GLY A 473 27.27 44.86 6.33
CA GLY A 473 28.56 45.07 5.72
C GLY A 473 29.50 45.93 6.54
N GLY A 474 29.00 46.60 7.56
CA GLY A 474 29.84 47.41 8.41
C GLY A 474 30.89 46.59 9.13
N VAL A 475 32.14 47.03 9.08
CA VAL A 475 33.25 46.32 9.70
C VAL A 475 33.80 47.19 10.82
N PHE A 476 33.86 46.64 12.02
CA PHE A 476 34.28 47.36 13.21
C PHE A 476 35.60 46.79 13.67
N LEU A 477 36.66 47.58 13.59
CA LEU A 477 37.96 47.21 14.11
C LEU A 477 38.06 47.75 15.54
N ASN A 478 38.14 46.85 16.51
CA ASN A 478 38.17 47.21 17.92
C ASN A 478 37.02 48.16 18.27
N SER A 479 35.82 47.79 17.81
CA SER A 479 34.60 48.54 18.06
C SER A 479 34.67 49.95 17.50
N ILE A 480 35.39 50.13 16.40
CA ILE A 480 35.47 51.39 15.69
C ILE A 480 35.23 51.09 14.22
N TYR A 481 34.42 51.92 13.56
CA TYR A 481 34.19 51.73 12.13
C TYR A 481 35.49 51.79 11.36
N THR A 482 35.66 50.83 10.45
CA THR A 482 36.85 50.75 9.61
C THR A 482 36.41 50.33 8.22
N GLN A 483 36.60 51.21 7.24
CA GLN A 483 36.21 50.88 5.88
C GLN A 483 37.14 49.80 5.33
N LEU A 484 36.91 49.41 4.08
CA LEU A 484 37.71 48.34 3.52
C LEU A 484 38.39 48.79 2.23
N PRO A 485 39.62 48.32 1.97
CA PRO A 485 40.43 47.35 2.72
C PRO A 485 41.18 47.91 3.92
N LEU A 486 41.74 47.03 4.73
CA LEU A 486 42.63 47.40 5.82
C LEU A 486 43.67 46.32 6.03
N SER A 487 44.94 46.72 6.14
CA SER A 487 46.05 45.78 6.24
C SER A 487 46.94 46.18 7.40
N ALA A 488 46.86 45.45 8.51
CA ALA A 488 47.66 45.77 9.68
C ALA A 488 47.71 44.58 10.62
N ALA A 489 48.85 44.42 11.29
CA ALA A 489 49.08 43.29 12.20
C ALA A 489 48.88 41.96 11.48
N ASN A 490 49.27 41.92 10.20
CA ASN A 490 49.14 40.79 9.29
C ASN A 490 47.70 40.51 8.92
N ILE A 491 46.74 41.27 9.42
CA ILE A 491 45.33 41.07 9.14
C ILE A 491 44.94 41.91 7.93
N THR A 492 44.28 41.28 6.96
CA THR A 492 43.89 41.91 5.71
C THR A 492 42.40 41.77 5.53
N LEU A 493 41.70 42.90 5.42
CA LEU A 493 40.26 42.93 5.23
C LEU A 493 39.98 43.56 3.88
N PHE A 494 39.23 42.85 3.03
CA PHE A 494 38.87 43.45 1.74
C PHE A 494 37.67 42.74 1.15
N THR A 495 37.02 43.40 0.21
CA THR A 495 35.85 42.81 -0.44
C THR A 495 36.22 42.35 -1.83
N PRO A 496 36.30 41.05 -2.09
CA PRO A 496 36.47 40.59 -3.47
C PRO A 496 35.35 41.06 -4.37
N SER A 497 34.12 41.11 -3.87
CA SER A 497 32.99 41.64 -4.59
C SER A 497 32.04 42.25 -3.57
N SER A 498 30.93 42.78 -4.05
CA SER A 498 29.98 43.41 -3.14
C SER A 498 29.25 42.41 -2.27
N PHE A 499 29.38 41.12 -2.54
CA PHE A 499 28.64 40.12 -1.78
C PHE A 499 29.43 39.55 -0.61
N PHE A 500 30.75 39.67 -0.61
CA PHE A 500 31.59 38.96 0.33
C PHE A 500 32.65 39.88 0.94
N ILE A 501 33.06 39.54 2.15
CA ILE A 501 34.12 40.24 2.87
C ILE A 501 35.14 39.20 3.31
N VAL A 502 36.42 39.46 3.07
CA VAL A 502 37.49 38.54 3.40
C VAL A 502 38.30 39.13 4.54
N VAL A 503 38.39 38.37 5.63
CA VAL A 503 39.19 38.71 6.80
C VAL A 503 40.28 37.66 6.87
N GLN A 504 41.43 37.95 6.30
CA GLN A 504 42.55 37.02 6.24
C GLN A 504 43.52 37.34 7.35
N THR A 505 43.87 36.33 8.15
CA THR A 505 44.82 36.52 9.23
C THR A 505 46.02 35.61 9.04
N GLY A 506 47.13 36.00 9.66
CA GLY A 506 48.31 35.16 9.64
C GLY A 506 48.31 34.05 10.66
N LEU A 507 47.40 34.09 11.63
CA LEU A 507 47.34 33.05 12.66
C LEU A 507 46.88 31.71 12.10
N GLY A 508 46.38 31.67 10.88
CA GLY A 508 46.02 30.43 10.23
C GLY A 508 44.63 30.44 9.64
N LEU A 509 43.67 31.06 10.32
CA LEU A 509 42.29 31.04 9.85
C LEU A 509 41.99 32.22 8.96
N GLN A 510 41.11 31.97 7.99
CA GLN A 510 40.57 32.98 7.10
C GLN A 510 39.06 32.98 7.24
N LEU A 511 38.45 34.15 7.35
CA LEU A 511 37.01 34.27 7.36
C LEU A 511 36.54 34.85 6.04
N LEU A 512 35.52 34.24 5.45
CA LEU A 512 34.91 34.72 4.22
C LEU A 512 33.42 34.84 4.51
N VAL A 513 32.93 36.07 4.58
CA VAL A 513 31.59 36.34 5.10
C VAL A 513 30.73 36.84 3.97
N GLN A 514 29.52 36.28 3.85
CA GLN A 514 28.57 36.64 2.82
C GLN A 514 27.51 37.56 3.41
N LEU A 515 27.19 38.62 2.68
CA LEU A 515 26.17 39.59 3.07
C LEU A 515 24.95 39.55 2.18
N VAL A 516 25.13 39.24 0.91
CA VAL A 516 24.05 39.20 -0.08
C VAL A 516 23.83 37.74 -0.46
N PRO A 517 22.59 37.25 -0.49
CA PRO A 517 21.34 37.94 -0.17
C PRO A 517 21.11 38.04 1.32
N LEU A 518 21.79 37.24 2.14
CA LEU A 518 21.72 37.40 3.58
C LEU A 518 23.08 37.07 4.17
N MET A 519 23.14 36.93 5.49
CA MET A 519 24.41 36.81 6.20
C MET A 519 24.75 35.34 6.41
N GLN A 520 25.88 34.91 5.83
CA GLN A 520 26.43 33.57 6.02
C GLN A 520 27.91 33.69 6.30
N VAL A 521 28.48 32.69 6.94
CA VAL A 521 29.90 32.76 7.27
C VAL A 521 30.60 31.49 6.79
N PHE A 522 31.84 31.65 6.35
CA PHE A 522 32.68 30.53 5.96
C PHE A 522 34.04 30.73 6.61
N VAL A 523 34.62 29.64 7.08
CA VAL A 523 35.87 29.67 7.82
C VAL A 523 36.80 28.65 7.19
N ARG A 524 38.04 29.05 6.93
CA ARG A 524 39.05 28.16 6.39
C ARG A 524 40.21 28.07 7.36
N LEU A 525 40.73 26.87 7.54
CA LEU A 525 41.85 26.63 8.44
C LEU A 525 42.99 25.94 7.70
N ASP A 526 44.19 26.47 7.86
CA ASP A 526 45.38 25.73 7.46
C ASP A 526 45.40 24.42 8.24
N PRO A 527 45.52 23.28 7.56
CA PRO A 527 45.34 21.99 8.24
C PRO A 527 46.27 21.74 9.43
N ALA A 528 47.19 22.67 9.68
CA ALA A 528 48.09 22.52 10.81
C ALA A 528 47.34 22.43 12.12
N HIS A 529 46.21 23.12 12.23
CA HIS A 529 45.42 23.12 13.46
C HIS A 529 44.57 21.87 13.62
N GLN A 530 44.80 20.84 12.80
CA GLN A 530 43.98 19.64 12.85
C GLN A 530 43.99 19.02 14.24
N GLY A 531 42.83 18.59 14.70
CA GLY A 531 42.73 17.96 15.99
C GLY A 531 43.16 18.84 17.13
N GLN A 532 42.91 20.14 17.03
CA GLN A 532 43.24 21.07 18.09
C GLN A 532 42.11 22.02 18.48
N MET A 533 41.18 22.32 17.58
CA MET A 533 40.21 23.37 17.81
C MET A 533 39.10 22.89 18.74
N CYS A 534 38.26 23.83 19.16
CA CYS A 534 37.04 23.56 19.90
C CYS A 534 35.95 24.45 19.31
N GLY A 535 34.82 24.53 19.98
CA GLY A 535 33.75 25.39 19.53
C GLY A 535 32.70 24.67 18.73
N LEU A 536 31.81 25.46 18.14
CA LEU A 536 30.71 24.89 17.36
C LEU A 536 31.22 24.08 16.19
N CYS A 537 32.22 24.59 15.49
CA CYS A 537 32.65 23.90 14.30
C CYS A 537 33.45 22.66 14.60
N GLY A 538 33.58 22.18 15.82
CA GLY A 538 34.20 20.89 16.06
C GLY A 538 35.72 20.92 15.95
N ASN A 539 36.33 19.87 16.49
CA ASN A 539 37.76 19.89 16.75
C ASN A 539 38.62 19.61 15.53
N PHE A 540 38.03 19.41 14.36
CA PHE A 540 38.80 19.27 13.13
C PHE A 540 39.84 18.16 13.25
N ASN A 541 39.35 16.93 13.41
CA ASN A 541 40.23 15.78 13.57
C ASN A 541 39.78 14.59 12.72
N GLN A 542 39.03 14.84 11.65
CA GLN A 542 38.56 13.81 10.72
C GLN A 542 37.86 12.67 11.46
N ASN A 543 36.79 13.04 12.16
CA ASN A 543 35.97 12.10 12.91
C ASN A 543 34.64 12.82 13.16
N GLN A 544 33.56 12.28 12.60
CA GLN A 544 32.26 12.90 12.77
C GLN A 544 31.59 12.52 14.07
N ALA A 545 32.07 11.48 14.75
CA ALA A 545 31.46 11.06 16.01
C ALA A 545 31.99 11.84 17.20
N ASP A 546 33.08 12.59 17.04
CA ASP A 546 33.65 13.36 18.12
C ASP A 546 33.30 14.84 18.05
N ASP A 547 32.55 15.24 17.02
CA ASP A 547 32.28 16.65 16.83
C ASP A 547 31.51 17.24 18.00
N PHE A 548 30.69 16.44 18.66
CA PHE A 548 29.90 16.91 19.78
C PHE A 548 30.63 16.72 21.11
N THR A 549 31.94 16.59 21.08
CA THR A 549 32.71 16.59 22.31
C THR A 549 32.59 17.94 22.98
N ALA A 550 32.07 17.97 24.19
CA ALA A 550 31.94 19.21 24.93
C ALA A 550 33.18 19.43 25.78
N LEU A 551 33.13 20.41 26.69
CA LEU A 551 34.23 20.64 27.60
C LEU A 551 34.22 19.66 28.77
N SER A 552 33.19 18.83 28.88
CA SER A 552 33.07 17.88 29.97
C SER A 552 33.52 16.47 29.57
N GLY A 553 34.01 16.29 28.35
CA GLY A 553 34.61 15.04 27.95
C GLY A 553 33.67 14.00 27.39
N VAL A 554 32.44 14.38 27.05
CA VAL A 554 31.47 13.44 26.50
C VAL A 554 30.92 14.01 25.20
N VAL A 555 30.51 13.12 24.29
CA VAL A 555 29.89 13.54 23.04
C VAL A 555 28.43 13.91 23.32
N GLU A 556 28.05 15.13 22.93
CA GLU A 556 26.68 15.56 23.14
C GLU A 556 25.74 14.87 22.16
N ALA A 557 24.45 14.92 22.46
CA ALA A 557 23.49 14.12 21.72
C ALA A 557 23.08 14.76 20.40
N THR A 558 22.47 15.94 20.47
CA THR A 558 21.93 16.60 19.29
C THR A 558 22.58 17.96 19.12
N GLY A 559 22.17 18.65 18.05
CA GLY A 559 22.74 19.95 17.78
C GLY A 559 22.55 20.93 18.91
N ALA A 560 21.30 21.25 19.23
CA ALA A 560 21.02 22.31 20.19
C ALA A 560 21.58 21.99 21.56
N ALA A 561 21.50 20.73 21.99
CA ALA A 561 22.09 20.35 23.26
C ALA A 561 23.59 20.57 23.27
N PHE A 562 24.25 20.43 22.13
CA PHE A 562 25.67 20.71 22.06
C PHE A 562 25.93 22.21 22.06
N ALA A 563 25.16 22.97 21.27
CA ALA A 563 25.39 24.39 21.16
C ALA A 563 25.17 25.11 22.47
N ASN A 564 24.18 24.70 23.25
CA ASN A 564 23.90 25.38 24.50
C ASN A 564 25.01 25.23 25.52
N THR A 565 26.11 24.55 25.19
CA THR A 565 27.28 24.55 26.04
C THR A 565 28.32 25.58 25.60
N TRP A 566 28.15 26.18 24.43
CA TRP A 566 29.12 27.11 23.87
C TRP A 566 28.59 28.53 23.80
N LYS A 567 27.50 28.83 24.51
CA LYS A 567 26.97 30.19 24.50
C LYS A 567 27.98 31.16 25.08
N ALA A 568 28.01 32.38 24.54
CA ALA A 568 28.94 33.37 25.07
C ALA A 568 28.46 33.93 26.40
N GLN A 569 27.17 34.22 26.53
CA GLN A 569 26.61 34.86 27.72
C GLN A 569 25.75 33.88 28.49
N ALA A 570 25.97 33.79 29.80
CA ALA A 570 25.17 32.89 30.62
C ALA A 570 23.70 33.25 30.64
N ALA A 571 23.35 34.49 30.29
CA ALA A 571 21.97 34.93 30.34
C ALA A 571 21.17 34.53 29.10
N CYS A 572 21.80 33.91 28.11
CA CYS A 572 21.08 33.55 26.91
C CYS A 572 20.10 32.42 27.20
N ALA A 573 19.12 32.28 26.31
CA ALA A 573 18.16 31.20 26.39
C ALA A 573 18.65 30.01 25.59
N ASN A 574 18.49 28.81 26.17
CA ASN A 574 19.00 27.60 25.53
C ASN A 574 18.25 27.33 24.24
N ALA A 575 18.99 26.90 23.23
CA ALA A 575 18.36 26.54 21.95
C ALA A 575 17.51 25.30 22.12
N ARG A 576 16.50 25.18 21.27
CA ARG A 576 15.52 24.11 21.39
C ARG A 576 15.47 23.30 20.10
N ASN A 577 15.26 22.00 20.26
CA ASN A 577 15.18 21.10 19.12
C ASN A 577 13.89 21.34 18.34
N SER A 578 14.00 21.36 17.02
CA SER A 578 12.91 21.75 16.14
C SER A 578 12.54 20.59 15.23
N PHE A 579 11.35 20.03 15.42
CA PHE A 579 10.84 18.97 14.56
C PHE A 579 9.86 19.49 13.54
N GLU A 580 9.09 20.51 13.88
CA GLU A 580 8.02 20.99 13.04
C GLU A 580 8.60 21.64 11.79
N ASP A 581 8.37 21.02 10.64
CA ASP A 581 8.81 21.59 9.38
C ASP A 581 7.94 22.78 9.04
N PRO A 582 8.51 23.97 8.86
CA PRO A 582 7.71 25.12 8.42
C PRO A 582 7.10 24.91 7.05
N CYS A 583 7.57 23.93 6.31
CA CYS A 583 7.03 23.67 4.98
C CYS A 583 5.56 23.26 5.03
N SER A 584 5.12 22.66 6.13
CA SER A 584 3.75 22.17 6.24
C SER A 584 2.73 23.28 6.43
N LEU A 585 3.16 24.52 6.63
CA LEU A 585 2.21 25.58 7.00
C LEU A 585 1.40 26.06 5.80
N SER A 586 2.06 26.60 4.80
CA SER A 586 1.38 27.26 3.69
C SER A 586 1.56 26.46 2.41
N VAL A 587 0.44 26.19 1.73
CA VAL A 587 0.49 25.42 0.49
C VAL A 587 1.16 26.22 -0.61
N GLU A 588 0.94 27.54 -0.65
CA GLU A 588 1.64 28.35 -1.64
C GLU A 588 3.13 28.42 -1.36
N ASN A 589 3.50 28.56 -0.08
CA ASN A 589 4.90 28.45 0.30
C ASN A 589 5.45 27.09 -0.09
N GLU A 590 4.67 26.03 0.15
CA GLU A 590 5.04 24.69 -0.31
C GLU A 590 5.40 24.68 -1.78
N ASN A 591 4.46 25.06 -2.64
CA ASN A 591 4.69 24.92 -4.06
C ASN A 591 5.82 25.81 -4.53
N TYR A 592 5.92 27.03 -3.98
CA TYR A 592 7.01 27.92 -4.35
C TYR A 592 8.36 27.32 -4.01
N ALA A 593 8.52 26.89 -2.75
CA ALA A 593 9.80 26.33 -2.32
C ALA A 593 10.13 25.06 -3.09
N ARG A 594 9.13 24.20 -3.32
CA ARG A 594 9.38 22.98 -4.07
C ARG A 594 9.83 23.29 -5.48
N HIS A 595 9.06 24.10 -6.19
CA HIS A 595 9.35 24.36 -7.59
C HIS A 595 10.69 25.07 -7.76
N TRP A 596 11.15 25.80 -6.75
CA TRP A 596 12.44 26.44 -6.95
C TRP A 596 13.61 25.60 -6.41
N CYS A 597 13.52 25.16 -5.16
CA CYS A 597 14.59 24.36 -4.57
C CYS A 597 14.79 23.02 -5.29
N SER A 598 13.80 22.55 -6.05
CA SER A 598 14.02 21.34 -6.83
C SER A 598 15.07 21.54 -7.92
N ARG A 599 15.42 22.79 -8.23
CA ARG A 599 16.47 23.03 -9.21
C ARG A 599 17.81 22.45 -8.77
N LEU A 600 17.96 22.16 -7.48
CA LEU A 600 19.19 21.56 -7.01
C LEU A 600 19.39 20.17 -7.58
N THR A 601 18.47 19.25 -7.29
CA THR A 601 18.65 17.84 -7.62
C THR A 601 18.23 17.49 -9.05
N ASP A 602 18.00 18.48 -9.89
CA ASP A 602 17.64 18.20 -11.28
C ASP A 602 18.89 17.77 -12.04
N PRO A 603 18.95 16.56 -12.58
CA PRO A 603 20.16 16.12 -13.28
C PRO A 603 20.47 16.90 -14.54
N ASN A 604 19.51 17.63 -15.10
CA ASN A 604 19.79 18.48 -16.25
C ASN A 604 20.14 19.91 -15.85
N SER A 605 20.10 20.23 -14.56
CA SER A 605 20.34 21.58 -14.08
C SER A 605 21.83 21.90 -14.12
N ALA A 606 22.12 23.19 -13.93
CA ALA A 606 23.51 23.62 -13.84
C ALA A 606 24.23 22.95 -12.68
N PHE A 607 23.51 22.61 -11.62
CA PHE A 607 24.09 22.02 -10.42
C PHE A 607 24.52 20.58 -10.60
N SER A 608 24.06 19.91 -11.66
CA SER A 608 24.37 18.50 -11.84
C SER A 608 25.86 18.24 -11.89
N ARG A 609 26.64 19.20 -12.37
CA ARG A 609 28.08 19.01 -12.49
C ARG A 609 28.73 18.74 -11.14
N CYS A 610 28.10 19.16 -10.05
CA CYS A 610 28.63 18.90 -8.72
C CYS A 610 27.96 17.72 -8.03
N HIS A 611 26.90 17.17 -8.63
CA HIS A 611 26.20 16.05 -8.00
C HIS A 611 27.13 14.86 -7.81
N SER A 612 27.94 14.57 -8.82
CA SER A 612 28.88 13.45 -8.75
C SER A 612 30.02 13.70 -7.78
N ILE A 613 30.03 14.82 -7.06
CA ILE A 613 31.09 15.15 -6.11
C ILE A 613 30.51 15.44 -4.73
N ILE A 614 29.52 16.32 -4.65
CA ILE A 614 28.86 16.67 -3.40
C ILE A 614 27.42 16.20 -3.47
N ASN A 615 27.00 15.45 -2.46
CA ASN A 615 25.62 15.01 -2.39
C ASN A 615 24.73 16.19 -2.06
N PRO A 616 23.79 16.56 -2.92
CA PRO A 616 22.98 17.77 -2.70
C PRO A 616 21.77 17.59 -1.79
N LYS A 617 21.60 16.45 -1.15
CA LYS A 617 20.44 16.26 -0.27
C LYS A 617 20.43 17.21 0.91
N PRO A 618 21.52 17.39 1.67
CA PRO A 618 21.46 18.39 2.75
C PRO A 618 21.20 19.80 2.25
N PHE A 619 21.75 20.14 1.09
CA PHE A 619 21.52 21.46 0.53
C PHE A 619 20.07 21.64 0.12
N HIS A 620 19.45 20.58 -0.42
CA HIS A 620 18.03 20.66 -0.74
C HIS A 620 17.17 20.77 0.52
N SER A 621 17.54 20.04 1.58
CA SER A 621 16.81 20.20 2.83
C SER A 621 16.95 21.61 3.36
N ASN A 622 18.15 22.19 3.26
CA ASN A 622 18.36 23.56 3.69
C ASN A 622 17.49 24.52 2.88
N CYS A 623 17.45 24.35 1.56
CA CYS A 623 16.66 25.23 0.73
C CYS A 623 15.18 25.14 1.08
N MET A 624 14.68 23.91 1.24
CA MET A 624 13.29 23.72 1.64
C MET A 624 13.00 24.43 2.96
N PHE A 625 13.81 24.15 3.98
CA PHE A 625 13.55 24.67 5.31
C PHE A 625 13.62 26.19 5.33
N ASP A 626 14.66 26.75 4.71
CA ASP A 626 14.78 28.19 4.61
C ASP A 626 13.55 28.78 3.93
N THR A 627 13.32 28.43 2.67
CA THR A 627 12.27 29.09 1.90
C THR A 627 10.92 28.97 2.58
N CYS A 628 10.61 27.80 3.14
CA CYS A 628 9.34 27.65 3.85
C CYS A 628 9.30 28.52 5.09
N ASN A 629 10.39 28.59 5.83
CA ASN A 629 10.43 29.34 7.08
C ASN A 629 10.76 30.81 6.88
N CYS A 630 11.38 31.16 5.76
CA CYS A 630 11.86 32.53 5.57
C CYS A 630 10.70 33.43 5.19
N GLU A 631 10.61 34.57 5.88
CA GLU A 631 9.64 35.59 5.48
C GLU A 631 9.97 36.14 4.09
N ARG A 632 11.26 36.34 3.82
CA ARG A 632 11.72 36.71 2.48
C ARG A 632 12.15 35.44 1.77
N SER A 633 11.17 34.75 1.18
CA SER A 633 11.41 33.43 0.63
C SER A 633 12.48 33.47 -0.44
N GLU A 634 12.46 34.49 -1.31
CA GLU A 634 13.48 34.58 -2.35
C GLU A 634 14.87 34.76 -1.74
N ASP A 635 14.98 35.55 -0.67
CA ASP A 635 16.28 35.79 -0.07
C ASP A 635 16.90 34.50 0.44
N CYS A 636 16.16 33.75 1.26
CA CYS A 636 16.70 32.51 1.80
C CYS A 636 16.89 31.46 0.70
N LEU A 637 16.01 31.45 -0.30
CA LEU A 637 16.16 30.52 -1.42
C LEU A 637 17.48 30.76 -2.14
N CYS A 638 17.73 32.01 -2.53
CA CYS A 638 18.95 32.32 -3.24
C CYS A 638 20.16 32.18 -2.33
N ALA A 639 19.98 32.37 -1.02
CA ALA A 639 21.08 32.10 -0.10
C ALA A 639 21.43 30.63 -0.12
N ALA A 640 20.43 29.75 -0.16
CA ALA A 640 20.71 28.32 -0.21
C ALA A 640 21.39 27.94 -1.52
N LEU A 641 20.92 28.48 -2.64
CA LEU A 641 21.54 28.17 -3.91
C LEU A 641 22.96 28.70 -3.98
N SER A 642 23.19 29.91 -3.49
CA SER A 642 24.53 30.45 -3.39
C SER A 642 25.41 29.59 -2.51
N SER A 643 24.86 29.08 -1.40
CA SER A 643 25.64 28.23 -0.52
C SER A 643 26.06 26.96 -1.22
N TYR A 644 25.14 26.33 -1.94
CA TYR A 644 25.48 25.11 -2.67
C TYR A 644 26.57 25.40 -3.70
N VAL A 645 26.40 26.49 -4.45
CA VAL A 645 27.38 26.84 -5.45
C VAL A 645 28.73 27.08 -4.82
N HIS A 646 28.77 27.81 -3.72
CA HIS A 646 30.04 28.17 -3.12
C HIS A 646 30.72 26.94 -2.53
N ALA A 647 29.96 26.03 -1.93
CA ALA A 647 30.55 24.79 -1.44
C ALA A 647 31.16 23.98 -2.58
N CYS A 648 30.41 23.85 -3.67
CA CYS A 648 30.92 23.10 -4.80
C CYS A 648 32.17 23.75 -5.39
N ALA A 649 32.17 25.08 -5.49
CA ALA A 649 33.35 25.78 -6.00
C ALA A 649 34.52 25.66 -5.04
N ALA A 650 34.24 25.53 -3.74
CA ALA A 650 35.31 25.19 -2.80
C ALA A 650 35.90 23.83 -3.12
N LYS A 651 35.04 22.86 -3.43
CA LYS A 651 35.56 21.56 -3.84
C LYS A 651 36.24 21.60 -5.20
N GLY A 652 36.09 22.67 -5.96
CA GLY A 652 36.78 22.79 -7.23
C GLY A 652 35.94 22.54 -8.45
N VAL A 653 34.71 23.07 -8.48
CA VAL A 653 33.85 23.02 -9.65
C VAL A 653 33.28 24.42 -9.88
N GLN A 654 33.34 24.89 -11.13
CA GLN A 654 32.93 26.25 -11.46
C GLN A 654 31.50 26.23 -12.01
N LEU A 655 30.54 26.12 -11.10
CA LEU A 655 29.14 26.20 -11.48
C LEU A 655 28.83 27.61 -11.96
N SER A 656 28.19 27.71 -13.12
CA SER A 656 27.98 28.98 -13.78
C SER A 656 26.57 29.05 -14.35
N ASP A 657 26.06 30.28 -14.47
CA ASP A 657 24.79 30.55 -15.14
C ASP A 657 23.64 29.76 -14.53
N TRP A 658 23.62 29.65 -13.21
CA TRP A 658 22.58 28.88 -12.54
C TRP A 658 21.38 29.73 -12.14
N ARG A 659 21.41 31.03 -12.39
CA ARG A 659 20.35 31.93 -11.97
C ARG A 659 19.33 32.18 -13.06
N ASP A 660 19.07 31.17 -13.90
CA ASP A 660 18.10 31.29 -14.98
C ASP A 660 16.70 31.51 -14.42
N GLY A 661 16.13 32.69 -14.66
CA GLY A 661 14.79 32.96 -14.19
C GLY A 661 14.64 32.96 -12.69
N VAL A 662 15.74 33.04 -11.95
CA VAL A 662 15.71 32.99 -10.50
C VAL A 662 16.85 33.86 -9.97
N CYS A 663 16.57 34.58 -8.88
CA CYS A 663 17.58 35.36 -8.18
C CYS A 663 18.18 36.45 -9.06
N THR A 664 17.46 36.91 -10.07
CA THR A 664 17.99 37.93 -10.96
C THR A 664 17.93 39.33 -10.37
N LYS A 665 17.10 39.54 -9.34
CA LYS A 665 17.12 40.83 -8.67
C LYS A 665 18.45 41.07 -7.98
N TYR A 666 19.27 40.02 -7.83
CA TYR A 666 20.65 40.19 -7.40
C TYR A 666 21.61 40.44 -8.54
N MET A 667 21.22 40.10 -9.78
CA MET A 667 21.93 40.66 -10.92
C MET A 667 21.75 42.17 -10.96
N GLN A 668 20.49 42.63 -10.87
CA GLN A 668 20.23 44.03 -11.22
C GLN A 668 20.64 45.01 -10.13
N ASN A 669 20.59 44.64 -8.86
CA ASN A 669 20.73 45.60 -7.77
C ASN A 669 22.17 46.07 -7.59
N CYS A 670 23.05 45.78 -8.53
CA CYS A 670 24.47 46.09 -8.37
C CYS A 670 24.69 47.59 -8.23
N PRO A 671 25.76 48.00 -7.53
CA PRO A 671 26.15 49.41 -7.55
C PRO A 671 26.46 49.86 -8.96
N LYS A 672 26.13 51.12 -9.24
CA LYS A 672 26.30 51.66 -10.57
C LYS A 672 27.77 51.63 -10.99
N SER A 673 27.99 51.37 -12.27
CA SER A 673 29.29 51.23 -12.93
C SER A 673 29.96 49.89 -12.62
N GLN A 674 29.38 49.07 -11.75
CA GLN A 674 29.86 47.71 -11.54
C GLN A 674 29.01 46.74 -12.35
N ARG A 675 29.32 45.46 -12.23
CA ARG A 675 28.51 44.44 -12.90
C ARG A 675 28.72 43.11 -12.21
N TYR A 676 27.79 42.19 -12.45
CA TYR A 676 27.90 40.87 -11.86
C TYR A 676 29.07 40.10 -12.47
N ALA A 677 29.52 39.09 -11.76
CA ALA A 677 30.51 38.15 -12.25
C ALA A 677 30.38 36.84 -11.48
N TYR A 678 30.39 35.73 -12.21
CA TYR A 678 30.18 34.43 -11.61
C TYR A 678 31.46 33.85 -11.04
N VAL A 679 32.60 34.10 -11.67
CA VAL A 679 33.88 33.61 -11.20
C VAL A 679 34.72 34.84 -10.88
N VAL A 680 34.68 35.27 -9.62
CA VAL A 680 35.58 36.28 -9.09
C VAL A 680 36.62 35.53 -8.26
N ASP A 681 37.83 35.40 -8.80
CA ASP A 681 38.84 34.53 -8.21
C ASP A 681 40.12 35.26 -7.87
N ALA A 682 40.03 36.54 -7.52
CA ALA A 682 41.22 37.31 -7.19
C ALA A 682 40.80 38.57 -6.44
N CYS A 683 41.75 39.49 -6.30
CA CYS A 683 41.47 40.79 -5.72
C CYS A 683 40.61 41.61 -6.66
N GLN A 684 40.30 42.84 -6.25
CA GLN A 684 39.56 43.76 -7.10
C GLN A 684 40.53 44.67 -7.83
N PRO A 685 40.49 44.74 -9.15
CA PRO A 685 41.44 45.59 -9.86
C PRO A 685 41.24 47.07 -9.56
N THR A 686 42.27 47.70 -9.00
CA THR A 686 42.18 49.08 -8.55
C THR A 686 43.29 49.92 -9.16
N CYS A 687 43.01 51.20 -9.34
CA CYS A 687 44.00 52.11 -9.90
C CYS A 687 45.21 52.23 -8.99
N ARG A 688 44.97 52.35 -7.68
CA ARG A 688 46.08 52.38 -6.73
C ARG A 688 46.92 51.11 -6.84
N GLY A 689 46.26 49.95 -6.95
CA GLY A 689 46.99 48.70 -7.00
C GLY A 689 47.85 48.58 -8.24
N LEU A 690 47.29 48.91 -9.41
CA LEU A 690 48.09 48.85 -10.62
C LEU A 690 49.19 49.90 -10.62
N SER A 691 49.00 50.98 -9.86
CA SER A 691 50.05 51.98 -9.78
C SER A 691 51.20 51.54 -8.88
N GLU A 692 50.89 50.97 -7.70
CA GLU A 692 51.92 50.75 -6.71
C GLU A 692 51.78 49.41 -5.98
N ALA A 693 51.25 48.40 -6.65
CA ALA A 693 51.06 47.08 -6.05
C ALA A 693 50.11 47.14 -4.86
N ASP A 694 49.86 46.00 -4.22
CA ASP A 694 48.88 45.94 -3.13
C ASP A 694 49.06 44.67 -2.33
N VAL A 695 49.04 44.79 -1.00
CA VAL A 695 49.06 43.61 -0.14
C VAL A 695 47.80 42.79 -0.31
N THR A 696 46.70 43.43 -0.70
CA THR A 696 45.40 42.75 -0.78
C THR A 696 45.46 41.53 -1.67
N CYS A 697 46.07 41.66 -2.85
CA CYS A 697 45.97 40.64 -3.88
C CYS A 697 46.87 39.44 -3.63
N SER A 698 47.44 39.32 -2.43
CA SER A 698 48.29 38.19 -2.09
C SER A 698 47.59 37.19 -1.19
N VAL A 699 46.28 37.05 -1.32
CA VAL A 699 45.49 36.15 -0.50
C VAL A 699 44.71 35.22 -1.41
N SER A 700 44.82 33.92 -1.15
CA SER A 700 44.14 32.92 -1.96
C SER A 700 42.84 32.52 -1.25
N PHE A 701 41.72 32.75 -1.92
CA PHE A 701 40.41 32.41 -1.39
C PHE A 701 39.59 31.74 -2.48
N VAL A 702 38.63 30.93 -2.05
CA VAL A 702 37.82 30.17 -3.01
C VAL A 702 37.10 31.15 -3.93
N PRO A 703 36.96 30.87 -5.22
CA PRO A 703 36.41 31.86 -6.14
C PRO A 703 34.92 32.08 -5.92
N VAL A 704 34.59 33.22 -5.34
CA VAL A 704 33.21 33.57 -5.03
C VAL A 704 32.65 34.40 -6.18
N ASP A 705 31.33 34.51 -6.22
CA ASP A 705 30.67 35.33 -7.20
C ASP A 705 30.20 36.63 -6.56
N GLY A 706 29.90 37.61 -7.40
CA GLY A 706 29.40 38.87 -6.88
C GLY A 706 29.63 39.98 -7.87
N CYS A 707 29.47 41.20 -7.38
CA CYS A 707 29.54 42.39 -8.23
C CYS A 707 30.94 42.99 -8.16
N THR A 708 31.53 43.19 -9.33
CA THR A 708 32.87 43.76 -9.44
C THR A 708 32.92 44.58 -10.72
N CYS A 709 33.96 45.39 -10.83
CA CYS A 709 34.21 46.06 -12.09
C CYS A 709 34.60 45.04 -13.15
N PRO A 710 34.23 45.28 -14.41
CA PRO A 710 34.61 44.34 -15.47
C PRO A 710 36.09 44.46 -15.80
N ALA A 711 36.59 43.44 -16.51
CA ALA A 711 37.99 43.42 -16.89
C ALA A 711 38.30 44.60 -17.81
N GLY A 712 39.53 45.07 -17.73
CA GLY A 712 39.93 46.25 -18.47
C GLY A 712 39.49 47.55 -17.85
N THR A 713 38.84 47.52 -16.70
CA THR A 713 38.42 48.70 -15.97
C THR A 713 39.00 48.66 -14.58
N PHE A 714 39.02 49.82 -13.92
CA PHE A 714 39.50 49.92 -12.56
C PHE A 714 38.66 50.98 -11.85
N LEU A 715 38.58 50.83 -10.54
CA LEU A 715 37.87 51.78 -9.70
C LEU A 715 38.88 52.68 -9.00
N ASN A 716 38.73 53.98 -9.21
CA ASN A 716 39.64 54.95 -8.61
C ASN A 716 39.29 55.11 -7.14
N ASP A 717 40.00 55.99 -6.44
CA ASP A 717 39.70 56.23 -5.04
C ASP A 717 38.27 56.72 -4.87
N ALA A 718 37.72 57.38 -5.89
CA ALA A 718 36.32 57.78 -5.86
C ALA A 718 35.39 56.59 -5.92
N GLY A 719 35.87 55.43 -6.36
CA GLY A 719 35.06 54.24 -6.45
C GLY A 719 34.37 54.03 -7.77
N ALA A 720 34.27 55.07 -8.59
CA ALA A 720 33.66 54.93 -9.91
C ALA A 720 34.54 54.09 -10.81
N CYS A 721 33.90 53.39 -11.75
CA CYS A 721 34.59 52.45 -12.63
C CYS A 721 34.95 53.15 -13.94
N VAL A 722 36.25 53.33 -14.15
CA VAL A 722 36.76 53.99 -15.36
C VAL A 722 37.84 53.10 -15.96
N PRO A 723 38.09 53.20 -17.27
CA PRO A 723 39.20 52.46 -17.86
C PRO A 723 40.54 52.96 -17.34
N ALA A 724 41.59 52.23 -17.72
CA ALA A 724 42.93 52.58 -17.25
C ALA A 724 43.34 53.97 -17.69
N GLN A 725 42.92 54.38 -18.88
CA GLN A 725 43.30 55.68 -19.41
C GLN A 725 42.77 56.84 -18.57
N GLU A 726 41.67 56.64 -17.85
CA GLU A 726 41.06 57.70 -17.07
C GLU A 726 41.53 57.74 -15.62
N CYS A 727 42.32 56.76 -15.19
CA CYS A 727 42.73 56.78 -13.80
C CYS A 727 44.23 57.07 -13.69
N PRO A 728 44.64 57.79 -12.65
CA PRO A 728 46.00 58.33 -12.60
C PRO A 728 46.99 57.42 -11.89
N CYS A 729 48.25 57.54 -12.30
CA CYS A 729 49.34 56.96 -11.52
C CYS A 729 49.55 57.76 -10.25
N TYR A 730 49.99 57.06 -9.19
CA TYR A 730 50.15 57.66 -7.88
C TYR A 730 51.60 57.51 -7.41
N ALA A 731 52.29 58.64 -7.27
CA ALA A 731 53.66 58.65 -6.77
C ALA A 731 53.69 59.38 -5.44
N HIS A 732 54.24 58.73 -4.42
CA HIS A 732 54.29 59.26 -3.06
C HIS A 732 52.91 59.60 -2.53
N GLY A 733 51.88 58.93 -3.04
CA GLY A 733 50.51 59.28 -2.72
C GLY A 733 49.97 60.47 -3.45
N THR A 734 50.71 61.02 -4.41
CA THR A 734 50.25 62.17 -5.19
C THR A 734 49.49 61.70 -6.42
N VAL A 735 48.31 62.28 -6.62
CA VAL A 735 47.53 61.99 -7.80
C VAL A 735 48.25 62.59 -9.01
N LEU A 736 48.81 61.71 -9.85
CA LEU A 736 49.54 62.14 -11.03
C LEU A 736 48.72 61.72 -12.23
N ALA A 737 48.13 62.69 -12.91
CA ALA A 737 47.05 62.42 -13.86
C ALA A 737 47.54 61.60 -15.04
N PRO A 738 46.64 60.87 -15.71
CA PRO A 738 47.06 60.03 -16.82
C PRO A 738 47.58 60.83 -18.00
N GLY A 739 48.52 60.23 -18.73
CA GLY A 739 49.07 60.85 -19.93
C GLY A 739 49.74 62.17 -19.65
N GLU A 740 50.40 62.28 -18.49
CA GLU A 740 50.98 63.54 -18.05
C GLU A 740 52.46 63.34 -17.78
N VAL A 741 53.29 64.12 -18.46
CA VAL A 741 54.74 64.09 -18.29
C VAL A 741 55.10 65.10 -17.21
N VAL A 742 55.90 64.67 -16.24
CA VAL A 742 56.24 65.50 -15.10
C VAL A 742 57.73 65.41 -14.81
N HIS A 743 58.20 66.32 -13.98
CA HIS A 743 59.58 66.37 -13.54
C HIS A 743 59.64 66.05 -12.05
N ASP A 744 60.62 65.25 -11.65
CA ASP A 744 60.80 64.92 -10.24
C ASP A 744 62.22 64.46 -10.01
N GLU A 745 62.96 65.18 -9.15
CA GLU A 745 64.27 64.74 -8.66
C GLU A 745 65.25 64.49 -9.81
N GLY A 746 65.32 65.42 -10.76
CA GLY A 746 66.18 65.25 -11.90
C GLY A 746 65.74 64.16 -12.85
N ALA A 747 64.46 63.81 -12.86
CA ALA A 747 63.95 62.72 -13.68
C ALA A 747 62.67 63.16 -14.39
N VAL A 748 62.39 62.50 -15.51
CA VAL A 748 61.20 62.78 -16.30
C VAL A 748 60.29 61.56 -16.26
N CYS A 749 59.03 61.75 -15.88
CA CYS A 749 58.12 60.64 -15.68
C CYS A 749 56.88 60.83 -16.54
N SER A 750 56.22 59.70 -16.80
CA SER A 750 55.00 59.66 -17.60
C SER A 750 54.01 58.72 -16.95
N CYS A 751 52.73 58.97 -17.24
CA CYS A 751 51.61 58.22 -16.69
C CYS A 751 50.81 57.69 -17.87
N THR A 752 51.20 56.52 -18.37
CA THR A 752 50.60 55.95 -19.57
C THR A 752 49.68 54.80 -19.17
N GLY A 753 48.39 54.96 -19.47
CA GLY A 753 47.42 53.91 -19.16
C GLY A 753 47.35 53.59 -17.68
N GLY A 754 47.51 54.58 -16.81
CA GLY A 754 47.55 54.37 -15.39
C GLY A 754 48.88 53.84 -14.87
N LYS A 755 49.82 53.54 -15.75
CA LYS A 755 51.11 52.96 -15.37
C LYS A 755 52.14 54.08 -15.28
N LEU A 756 52.91 54.07 -14.20
CA LEU A 756 53.91 55.10 -13.94
C LEU A 756 55.28 54.64 -14.45
N SER A 757 55.95 55.53 -15.20
CA SER A 757 57.28 55.26 -15.72
C SER A 757 58.16 56.47 -15.46
N CYS A 758 59.43 56.24 -15.14
CA CYS A 758 60.36 57.33 -14.84
C CYS A 758 61.71 57.07 -15.50
N LEU A 759 62.32 58.15 -16.00
CA LEU A 759 63.52 58.09 -16.82
C LEU A 759 64.53 59.11 -16.31
N GLY A 760 65.81 58.79 -16.48
CA GLY A 760 66.88 59.67 -16.08
C GLY A 760 67.47 59.36 -14.72
N ALA B 46 -24.88 21.02 23.46
CA ALA B 46 -24.72 21.11 22.01
C ALA B 46 -23.38 21.76 21.66
N HIS B 47 -23.36 22.51 20.56
CA HIS B 47 -22.15 23.20 20.13
C HIS B 47 -21.94 24.43 21.02
N ASN B 48 -21.57 24.15 22.27
CA ASN B 48 -21.49 25.20 23.28
C ASN B 48 -20.27 26.08 23.06
N GLY B 49 -19.08 25.51 23.14
CA GLY B 49 -17.87 26.30 23.02
C GLY B 49 -16.90 25.75 22.01
N ARG B 50 -17.43 25.16 20.94
CA ARG B 50 -16.61 24.62 19.87
C ARG B 50 -16.92 25.32 18.56
N VAL B 51 -17.17 26.62 18.63
CA VAL B 51 -17.55 27.42 17.46
C VAL B 51 -16.74 28.70 17.45
N CYS B 52 -16.35 29.14 16.26
CA CYS B 52 -15.80 30.47 16.04
C CYS B 52 -16.34 31.02 14.73
N SER B 53 -16.26 32.34 14.55
CA SER B 53 -16.84 32.91 13.35
C SER B 53 -16.18 34.22 12.98
N THR B 54 -16.36 34.60 11.72
CA THR B 54 -15.92 35.88 11.19
C THR B 54 -17.08 36.49 10.43
N TRP B 55 -17.44 37.72 10.78
CA TRP B 55 -18.62 38.31 10.18
C TRP B 55 -18.44 39.82 10.05
N GLY B 56 -19.26 40.38 9.15
CA GLY B 56 -19.42 41.81 9.06
C GLY B 56 -18.11 42.54 8.87
N ASP B 57 -17.96 43.63 9.61
CA ASP B 57 -16.79 44.49 9.52
C ASP B 57 -15.66 43.92 10.38
N PHE B 58 -15.01 42.89 9.84
CA PHE B 58 -13.83 42.28 10.45
C PHE B 58 -14.08 41.95 11.92
N HIS B 59 -15.23 41.37 12.20
CA HIS B 59 -15.57 40.96 13.56
C HIS B 59 -15.24 39.48 13.73
N TYR B 60 -14.41 39.17 14.70
CA TYR B 60 -13.99 37.81 14.96
C TYR B 60 -14.53 37.38 16.31
N LYS B 61 -15.20 36.24 16.35
CA LYS B 61 -15.69 35.64 17.57
C LYS B 61 -14.92 34.35 17.78
N THR B 62 -14.22 34.24 18.89
CA THR B 62 -13.38 33.09 19.15
C THR B 62 -14.19 31.96 19.77
N PHE B 63 -13.51 30.85 20.07
CA PHE B 63 -14.18 29.69 20.61
C PHE B 63 -14.81 29.99 21.96
N ASP B 64 -14.10 30.71 22.82
CA ASP B 64 -14.52 30.88 24.20
C ASP B 64 -15.34 32.14 24.42
N GLY B 65 -15.84 32.76 23.36
CA GLY B 65 -16.78 33.85 23.48
C GLY B 65 -16.23 35.23 23.23
N ASP B 66 -14.92 35.39 23.11
CA ASP B 66 -14.37 36.71 22.86
C ASP B 66 -14.75 37.21 21.47
N VAL B 67 -15.07 38.49 21.42
CA VAL B 67 -15.34 39.19 20.17
C VAL B 67 -14.32 40.33 20.06
N PHE B 68 -13.80 40.54 18.86
CA PHE B 68 -13.00 41.73 18.63
C PHE B 68 -13.07 42.09 17.17
N ARG B 69 -12.43 43.18 16.82
CA ARG B 69 -12.38 43.66 15.45
C ARG B 69 -10.94 43.79 15.01
N PHE B 70 -10.60 43.17 13.91
CA PHE B 70 -9.25 43.25 13.41
C PHE B 70 -9.30 43.48 11.91
N PRO B 71 -9.05 44.70 11.43
CA PRO B 71 -9.27 45.04 10.02
C PRO B 71 -8.11 44.65 9.10
N GLY B 72 -7.65 43.42 9.21
CA GLY B 72 -6.60 42.95 8.33
C GLY B 72 -7.05 42.90 6.89
N LEU B 73 -6.06 42.80 5.99
CA LEU B 73 -6.36 42.71 4.56
C LEU B 73 -5.53 41.66 3.84
N CYS B 74 -5.06 40.63 4.53
CA CYS B 74 -4.29 39.56 3.91
C CYS B 74 -4.63 38.22 4.58
N ASN B 75 -3.79 37.22 4.33
CA ASN B 75 -4.05 35.89 4.88
C ASN B 75 -3.69 35.84 6.36
N TYR B 76 -4.44 35.03 7.11
CA TYR B 76 -4.18 34.82 8.52
C TYR B 76 -4.54 33.40 8.89
N VAL B 77 -3.88 32.87 9.91
CA VAL B 77 -4.15 31.52 10.36
C VAL B 77 -5.40 31.57 11.21
N PHE B 78 -6.55 31.32 10.59
CA PHE B 78 -7.81 31.37 11.32
C PHE B 78 -7.89 30.28 12.38
N SER B 79 -7.42 29.08 12.06
CA SER B 79 -7.26 28.05 13.07
C SER B 79 -6.33 26.99 12.53
N GLU B 80 -5.62 26.32 13.43
CA GLU B 80 -4.62 25.35 13.06
C GLU B 80 -4.34 24.46 14.24
N HIS B 81 -4.29 23.15 14.01
CA HIS B 81 -3.88 22.23 15.05
C HIS B 81 -2.38 22.41 15.25
N CYS B 82 -2.01 23.19 16.26
CA CYS B 82 -0.62 23.62 16.41
C CYS B 82 -0.01 23.25 17.76
N ARG B 83 -0.68 22.44 18.56
CA ARG B 83 -0.07 21.96 19.79
C ARG B 83 -0.13 20.45 19.82
N ALA B 84 0.27 19.82 18.73
CA ALA B 84 0.27 18.37 18.62
C ALA B 84 1.44 17.92 17.77
N ALA B 85 1.76 16.63 17.88
CA ALA B 85 2.88 16.07 17.12
C ALA B 85 2.62 16.18 15.62
N TYR B 86 1.37 15.99 15.20
CA TYR B 86 1.00 16.03 13.79
C TYR B 86 -0.25 16.87 13.63
N GLU B 87 -0.23 17.82 12.71
CA GLU B 87 -1.37 18.70 12.49
C GLU B 87 -2.51 17.96 11.81
N ASP B 88 -3.74 18.32 12.17
CA ASP B 88 -4.92 17.73 11.59
C ASP B 88 -5.66 18.66 10.64
N PHE B 89 -5.69 19.95 10.95
CA PHE B 89 -6.39 20.91 10.11
C PHE B 89 -5.62 22.23 10.11
N ASN B 90 -5.77 22.97 9.03
CA ASN B 90 -5.13 24.28 8.89
C ASN B 90 -6.05 25.13 8.01
N VAL B 91 -6.91 25.91 8.65
CA VAL B 91 -7.88 26.74 7.96
C VAL B 91 -7.44 28.19 8.07
N GLN B 92 -7.37 28.87 6.92
CA GLN B 92 -6.91 30.24 6.83
C GLN B 92 -7.89 31.06 6.01
N LEU B 93 -7.97 32.35 6.31
CA LEU B 93 -8.77 33.27 5.51
C LEU B 93 -7.93 34.44 5.02
N ARG B 94 -8.28 34.93 3.84
CA ARG B 94 -7.80 36.20 3.32
C ARG B 94 -8.99 37.13 3.24
N ARG B 95 -8.90 38.28 3.87
CA ARG B 95 -10.01 39.23 3.90
C ARG B 95 -9.70 40.42 2.99
N GLY B 96 -10.63 40.73 2.10
CA GLY B 96 -10.48 41.85 1.20
C GLY B 96 -11.69 42.76 1.17
N LEU B 97 -11.81 43.57 0.12
CA LEU B 97 -12.86 44.57 0.01
C LEU B 97 -13.66 44.35 -1.27
N VAL B 98 -14.99 44.47 -1.16
CA VAL B 98 -15.83 44.66 -2.33
C VAL B 98 -16.27 46.12 -2.33
N GLY B 99 -15.51 46.95 -3.03
CA GLY B 99 -15.77 48.38 -3.08
C GLY B 99 -15.44 49.01 -1.75
N SER B 100 -16.29 48.73 -0.77
CA SER B 100 -16.02 49.06 0.63
C SER B 100 -16.39 47.96 1.61
N ARG B 101 -17.22 47.00 1.22
CA ARG B 101 -17.70 46.01 2.17
C ARG B 101 -16.58 45.04 2.49
N PRO B 102 -16.29 44.80 3.77
CA PRO B 102 -15.33 43.75 4.12
C PRO B 102 -15.88 42.38 3.75
N VAL B 103 -15.09 41.62 3.00
CA VAL B 103 -15.48 40.29 2.56
C VAL B 103 -14.31 39.34 2.76
N VAL B 104 -14.58 38.06 2.65
CA VAL B 104 -13.55 37.02 2.61
C VAL B 104 -13.35 36.64 1.16
N THR B 105 -12.14 36.84 0.66
CA THR B 105 -11.87 36.61 -0.75
C THR B 105 -11.30 35.22 -1.04
N ARG B 106 -10.86 34.48 -0.02
CA ARG B 106 -10.33 33.14 -0.25
C ARG B 106 -10.12 32.46 1.09
N VAL B 107 -10.54 31.20 1.17
CA VAL B 107 -10.33 30.34 2.33
C VAL B 107 -9.51 29.15 1.88
N VAL B 108 -8.52 28.77 2.67
CA VAL B 108 -7.71 27.59 2.39
C VAL B 108 -7.79 26.68 3.61
N ILE B 109 -8.42 25.53 3.44
CA ILE B 109 -8.51 24.52 4.49
C ILE B 109 -7.60 23.37 4.09
N LYS B 110 -6.54 23.17 4.85
CA LYS B 110 -5.66 22.02 4.66
C LYS B 110 -5.95 21.05 5.79
N ALA B 111 -6.21 19.79 5.44
CA ALA B 111 -6.58 18.81 6.45
C ALA B 111 -6.24 17.42 5.95
N GLN B 112 -5.31 16.77 6.65
CA GLN B 112 -5.07 15.34 6.49
C GLN B 112 -4.72 15.01 5.04
N GLY B 113 -3.91 15.86 4.42
CA GLY B 113 -3.48 15.64 3.05
C GLY B 113 -4.46 16.07 1.99
N LEU B 114 -5.50 16.81 2.36
CA LEU B 114 -6.46 17.35 1.41
C LEU B 114 -6.44 18.87 1.48
N VAL B 115 -6.32 19.51 0.33
CA VAL B 115 -6.22 20.97 0.23
C VAL B 115 -7.49 21.48 -0.44
N LEU B 116 -8.20 22.37 0.23
CA LEU B 116 -9.49 22.85 -0.24
C LEU B 116 -9.45 24.37 -0.25
N GLU B 117 -9.48 24.97 -1.43
CA GLU B 117 -9.36 26.42 -1.58
C GLU B 117 -10.66 26.96 -2.16
N ALA B 118 -11.42 27.69 -1.37
CA ALA B 118 -12.70 28.24 -1.76
C ALA B 118 -12.55 29.74 -2.01
N SER B 119 -12.85 30.16 -3.24
CA SER B 119 -12.66 31.55 -3.63
C SER B 119 -13.28 31.74 -5.01
N ASN B 120 -13.66 32.98 -5.30
CA ASN B 120 -14.21 33.33 -6.61
C ASN B 120 -15.43 32.47 -6.93
N GLY B 121 -16.23 32.18 -5.90
CA GLY B 121 -17.43 31.40 -6.08
C GLY B 121 -17.17 29.98 -6.52
N SER B 122 -15.92 29.55 -6.44
CA SER B 122 -15.51 28.22 -6.86
C SER B 122 -14.77 27.53 -5.73
N VAL B 123 -14.68 26.20 -5.84
CA VAL B 123 -14.03 25.36 -4.84
C VAL B 123 -12.98 24.52 -5.56
N LEU B 124 -11.78 24.48 -5.00
CA LEU B 124 -10.68 23.70 -5.53
C LEU B 124 -10.35 22.60 -4.53
N ILE B 125 -10.41 21.35 -4.98
CA ILE B 125 -10.08 20.21 -4.14
C ILE B 125 -8.76 19.63 -4.64
N ASN B 126 -7.70 19.82 -3.86
CA ASN B 126 -6.36 19.34 -4.20
C ASN B 126 -5.92 19.89 -5.56
N GLY B 127 -6.32 21.13 -5.85
CA GLY B 127 -5.91 21.78 -7.08
C GLY B 127 -6.86 21.65 -8.24
N GLN B 128 -7.94 20.90 -8.10
CA GLN B 128 -8.92 20.70 -9.18
C GLN B 128 -10.25 21.31 -8.79
N ARG B 129 -10.85 22.06 -9.71
CA ARG B 129 -12.21 22.53 -9.51
C ARG B 129 -13.15 21.34 -9.44
N GLU B 130 -14.18 21.44 -8.61
CA GLU B 130 -15.17 20.39 -8.49
C GLU B 130 -16.56 21.00 -8.47
N GLU B 131 -17.54 20.21 -8.88
CA GLU B 131 -18.92 20.66 -8.91
C GLU B 131 -19.62 20.25 -7.62
N LEU B 132 -20.19 21.23 -6.94
CA LEU B 132 -20.85 20.96 -5.68
C LEU B 132 -22.09 20.11 -5.91
N PRO B 133 -22.37 19.15 -5.02
CA PRO B 133 -21.56 18.74 -3.87
C PRO B 133 -20.48 17.76 -4.29
N TYR B 134 -19.39 17.73 -3.54
CA TYR B 134 -18.30 16.79 -3.76
C TYR B 134 -18.13 16.00 -2.48
N SER B 135 -18.26 14.68 -2.57
CA SER B 135 -18.28 13.83 -1.40
C SER B 135 -17.25 12.72 -1.53
N ARG B 136 -16.59 12.43 -0.42
CA ARG B 136 -15.58 11.39 -0.31
CA ARG B 136 -15.66 11.32 -0.33
C ARG B 136 -15.58 10.90 1.12
N THR B 137 -14.94 9.76 1.36
CA THR B 137 -14.89 9.21 2.70
C THR B 137 -14.43 10.26 3.70
N GLY B 138 -15.30 10.58 4.65
CA GLY B 138 -15.02 11.55 5.69
C GLY B 138 -15.28 13.00 5.32
N LEU B 139 -15.18 13.38 4.06
CA LEU B 139 -15.33 14.76 3.63
C LEU B 139 -16.54 14.94 2.74
N LEU B 140 -17.29 16.01 2.97
CA LEU B 140 -18.35 16.37 2.04
C LEU B 140 -18.50 17.87 1.99
N VAL B 141 -18.52 18.41 0.77
CA VAL B 141 -18.63 19.84 0.53
C VAL B 141 -19.88 20.08 -0.31
N GLU B 142 -20.64 21.10 0.05
CA GLU B 142 -21.94 21.31 -0.56
C GLU B 142 -22.24 22.79 -0.67
N GLN B 143 -23.15 23.11 -1.59
CA GLN B 143 -23.75 24.43 -1.72
C GLN B 143 -25.00 24.56 -0.87
N SER B 144 -25.06 23.80 0.23
CA SER B 144 -26.27 23.67 1.02
C SER B 144 -26.74 25.03 1.54
N GLY B 145 -28.05 25.26 1.42
CA GLY B 145 -28.63 26.47 1.96
C GLY B 145 -28.08 27.71 1.28
N ASP B 146 -27.77 28.72 2.10
CA ASP B 146 -27.28 30.00 1.63
C ASP B 146 -25.76 30.07 1.60
N TYR B 147 -25.08 28.97 1.87
CA TYR B 147 -23.64 28.98 2.10
C TYR B 147 -22.97 27.90 1.28
N ILE B 148 -21.66 27.77 1.49
CA ILE B 148 -20.87 26.63 1.07
C ILE B 148 -20.36 25.98 2.35
N LYS B 149 -20.68 24.72 2.55
CA LYS B 149 -20.35 24.02 3.78
C LYS B 149 -19.38 22.89 3.48
N VAL B 150 -18.32 22.83 4.25
CA VAL B 150 -17.31 21.78 4.15
C VAL B 150 -17.27 21.06 5.49
N SER B 151 -17.73 19.81 5.51
CA SER B 151 -17.73 19.03 6.74
C SER B 151 -16.75 17.87 6.59
N ILE B 152 -15.78 17.81 7.47
CA ILE B 152 -14.78 16.74 7.52
C ILE B 152 -15.05 15.98 8.81
N ARG B 153 -15.62 14.79 8.69
CA ARG B 153 -16.21 14.10 9.83
C ARG B 153 -15.12 13.79 10.86
N LEU B 154 -15.47 13.95 12.14
CA LEU B 154 -14.56 13.99 13.29
C LEU B 154 -13.51 15.11 13.23
N VAL B 155 -13.56 16.03 12.27
CA VAL B 155 -12.56 17.09 12.26
C VAL B 155 -13.24 18.43 12.42
N LEU B 156 -14.06 18.83 11.46
CA LEU B 156 -14.53 20.20 11.51
C LEU B 156 -15.75 20.39 10.62
N THR B 157 -16.38 21.54 10.81
CA THR B 157 -17.52 21.97 10.03
C THR B 157 -17.24 23.42 9.66
N PHE B 158 -17.30 23.75 8.38
CA PHE B 158 -16.93 25.07 7.91
C PHE B 158 -18.07 25.62 7.06
N LEU B 159 -18.75 26.63 7.56
CA LEU B 159 -19.80 27.30 6.82
C LEU B 159 -19.24 28.60 6.27
N TRP B 160 -19.54 28.90 5.01
CA TRP B 160 -19.03 30.11 4.39
C TRP B 160 -20.09 30.68 3.46
N ASN B 161 -20.72 31.78 3.87
CA ASN B 161 -21.79 32.35 3.05
C ASN B 161 -21.28 32.80 1.69
N GLY B 162 -19.97 32.90 1.52
CA GLY B 162 -19.39 33.29 0.26
C GLY B 162 -19.15 34.78 0.12
N GLU B 163 -19.73 35.59 1.01
CA GLU B 163 -19.46 37.02 0.97
C GLU B 163 -18.75 37.50 2.23
N ASP B 164 -19.37 37.39 3.41
CA ASP B 164 -18.72 37.87 4.62
C ASP B 164 -18.52 36.80 5.68
N SER B 165 -19.57 36.08 6.07
CA SER B 165 -19.48 35.24 7.24
C SER B 165 -18.66 33.98 6.95
N ALA B 166 -18.12 33.40 8.01
CA ALA B 166 -17.41 32.13 7.92
C ALA B 166 -17.29 31.56 9.33
N LEU B 167 -17.82 30.36 9.53
CA LEU B 167 -18.02 29.80 10.85
C LEU B 167 -17.39 28.42 10.93
N LEU B 168 -16.64 28.17 12.00
CA LEU B 168 -15.97 26.91 12.22
C LEU B 168 -16.56 26.22 13.44
N GLU B 169 -16.94 24.97 13.28
CA GLU B 169 -17.26 24.07 14.38
C GLU B 169 -16.13 23.04 14.47
N LEU B 170 -15.59 22.85 15.67
CA LEU B 170 -14.50 21.93 15.85
C LEU B 170 -14.89 20.82 16.83
N ASP B 171 -14.22 19.69 16.70
CA ASP B 171 -14.46 18.59 17.63
C ASP B 171 -13.98 18.99 19.03
N PRO B 172 -14.58 18.42 20.07
CA PRO B 172 -14.05 18.65 21.42
C PRO B 172 -12.64 18.15 21.61
N LYS B 173 -12.18 17.18 20.81
CA LYS B 173 -10.87 16.61 21.06
C LYS B 173 -9.73 17.57 20.76
N TYR B 174 -9.97 18.64 20.01
CA TYR B 174 -8.95 19.64 19.75
C TYR B 174 -8.92 20.72 20.81
N ALA B 175 -9.41 20.43 22.00
CA ALA B 175 -9.31 21.39 23.08
C ALA B 175 -7.84 21.66 23.39
N ASN B 176 -7.49 22.94 23.47
CA ASN B 176 -6.19 23.38 23.96
C ASN B 176 -5.06 23.12 22.98
N GLN B 177 -5.33 22.43 21.88
CA GLN B 177 -4.29 22.12 20.90
C GLN B 177 -4.41 22.96 19.64
N THR B 178 -5.22 24.00 19.65
CA THR B 178 -5.35 24.86 18.49
C THR B 178 -4.79 26.24 18.81
N CYS B 179 -4.56 27.01 17.76
CA CYS B 179 -4.11 28.39 17.92
C CYS B 179 -4.38 29.15 16.64
N GLY B 180 -5.00 30.31 16.81
CA GLY B 180 -5.36 31.15 15.68
C GLY B 180 -6.37 32.18 16.14
N LEU B 181 -6.87 32.93 15.16
CA LEU B 181 -7.85 33.98 15.46
C LEU B 181 -9.04 33.41 16.22
N CYS B 182 -9.35 32.13 16.03
CA CYS B 182 -10.42 31.49 16.75
C CYS B 182 -10.07 31.18 18.19
N GLY B 183 -8.82 31.36 18.60
CA GLY B 183 -8.48 31.23 20.00
C GLY B 183 -7.90 29.88 20.37
N ASP B 184 -7.73 29.63 21.67
CA ASP B 184 -7.04 28.43 22.14
C ASP B 184 -7.95 27.26 22.43
N PHE B 185 -9.27 27.43 22.48
CA PHE B 185 -10.21 26.32 22.68
C PHE B 185 -9.94 25.59 23.99
N ASN B 186 -9.45 26.32 24.99
CA ASN B 186 -9.24 25.77 26.33
C ASN B 186 -10.41 26.04 27.26
N GLY B 187 -11.29 26.97 26.90
CA GLY B 187 -12.48 27.26 27.67
C GLY B 187 -12.42 28.50 28.52
N LEU B 188 -11.27 29.14 28.64
CA LEU B 188 -11.14 30.35 29.44
C LEU B 188 -11.03 31.55 28.53
N PRO B 189 -12.06 32.38 28.44
CA PRO B 189 -12.08 33.44 27.42
C PRO B 189 -11.10 34.57 27.70
N ALA B 190 -11.09 35.05 28.93
CA ALA B 190 -10.58 36.38 29.23
C ALA B 190 -9.15 36.40 29.72
N PHE B 191 -8.40 35.30 29.64
CA PHE B 191 -7.11 35.32 30.32
C PHE B 191 -6.00 34.76 29.42
N ASN B 192 -6.33 33.93 28.44
CA ASN B 192 -5.22 33.24 27.79
C ASN B 192 -5.02 33.59 26.31
N GLU B 193 -5.98 34.31 25.70
CA GLU B 193 -5.86 34.63 24.28
C GLU B 193 -4.78 35.65 23.97
N PHE B 194 -4.77 36.77 24.70
CA PHE B 194 -3.99 37.95 24.31
C PHE B 194 -2.79 38.18 25.21
N TYR B 195 -2.27 37.10 25.79
CA TYR B 195 -1.13 37.17 26.68
C TYR B 195 0.01 36.37 26.08
N ALA B 196 0.88 37.04 25.34
CA ALA B 196 2.02 36.42 24.70
C ALA B 196 3.27 36.83 25.46
N HIS B 197 4.02 35.84 25.94
CA HIS B 197 5.20 36.07 26.76
C HIS B 197 4.86 36.98 27.93
N ASN B 198 3.72 36.69 28.58
CA ASN B 198 3.20 37.32 29.80
C ASN B 198 2.71 38.73 29.53
N ALA B 199 2.86 39.25 28.32
CA ALA B 199 2.43 40.60 28.00
C ALA B 199 1.03 40.57 27.41
N ARG B 200 0.11 41.32 28.01
CA ARG B 200 -1.25 41.43 27.46
C ARG B 200 -1.25 42.34 26.25
N LEU B 201 -1.84 41.88 25.17
CA LEU B 201 -1.81 42.62 23.90
C LEU B 201 -3.23 42.84 23.37
N THR B 202 -3.30 43.56 22.25
CA THR B 202 -4.53 44.15 21.76
C THR B 202 -5.00 43.48 20.48
N PRO B 203 -6.31 43.56 20.17
CA PRO B 203 -6.84 42.95 18.95
C PRO B 203 -6.01 43.15 17.69
N LEU B 204 -5.48 44.35 17.49
CA LEU B 204 -4.61 44.57 16.34
C LEU B 204 -3.38 43.68 16.44
N GLN B 205 -2.77 43.66 17.63
CA GLN B 205 -1.60 42.84 17.88
C GLN B 205 -1.91 41.36 17.75
N PHE B 206 -3.03 40.92 18.33
CA PHE B 206 -3.39 39.51 18.29
C PHE B 206 -3.67 39.05 16.88
N GLY B 207 -4.41 39.87 16.11
CA GLY B 207 -4.69 39.50 14.74
C GLY B 207 -3.50 39.62 13.83
N ASN B 208 -2.49 40.39 14.23
CA ASN B 208 -1.28 40.49 13.43
C ASN B 208 -0.26 39.41 13.76
N LEU B 209 -0.27 38.89 14.99
CA LEU B 209 0.62 37.78 15.31
C LEU B 209 0.27 36.56 14.46
N GLN B 210 -1.01 36.29 14.29
CA GLN B 210 -1.45 35.14 13.49
C GLN B 210 -1.49 35.50 12.02
N LYS B 211 -0.39 36.05 11.49
CA LYS B 211 -0.31 36.47 10.10
C LYS B 211 0.51 35.45 9.31
N LEU B 212 0.34 35.49 7.99
CA LEU B 212 1.08 34.60 7.09
C LEU B 212 1.08 35.24 5.71
N ASP B 213 2.24 35.68 5.27
CA ASP B 213 2.35 36.29 3.94
C ASP B 213 2.37 35.21 2.87
N GLY B 214 2.11 35.63 1.64
CA GLY B 214 2.31 34.77 0.50
C GLY B 214 3.79 34.57 0.26
N PRO B 215 4.14 33.67 -0.67
CA PRO B 215 5.57 33.44 -0.93
C PRO B 215 6.31 34.68 -1.39
N THR B 216 5.66 35.55 -2.17
CA THR B 216 6.30 36.74 -2.71
C THR B 216 5.51 38.00 -2.34
N GLU B 217 4.81 37.97 -1.22
CA GLU B 217 3.91 39.04 -0.83
C GLU B 217 4.35 39.62 0.50
N GLN B 218 4.27 40.94 0.63
CA GLN B 218 4.52 41.64 1.88
C GLN B 218 3.32 42.53 2.17
N CYS B 219 2.30 41.95 2.79
CA CYS B 219 1.11 42.69 3.16
C CYS B 219 1.41 43.57 4.38
N PRO B 220 0.89 44.79 4.41
CA PRO B 220 1.15 45.66 5.56
C PRO B 220 0.36 45.26 6.78
N ASP B 221 0.44 46.06 7.83
CA ASP B 221 -0.49 45.88 8.93
C ASP B 221 -1.44 47.06 9.00
N PRO B 222 -2.75 46.80 9.00
CA PRO B 222 -3.72 47.90 9.03
C PRO B 222 -3.56 48.70 10.31
N LEU B 223 -3.69 50.02 10.19
CA LEU B 223 -3.48 50.90 11.32
C LEU B 223 -4.78 51.06 12.10
N PRO B 224 -4.70 51.42 13.39
CA PRO B 224 -5.92 51.57 14.20
C PRO B 224 -6.87 52.60 13.60
N LEU B 225 -8.15 52.26 13.62
CA LEU B 225 -9.16 53.19 13.13
C LEU B 225 -9.46 54.22 14.22
N PRO B 226 -9.70 55.48 13.86
CA PRO B 226 -10.01 56.50 14.87
C PRO B 226 -11.32 56.25 15.60
N ALA B 227 -11.68 57.17 16.48
CA ALA B 227 -12.81 57.00 17.39
C ALA B 227 -14.12 56.78 16.63
N GLY B 228 -15.11 56.25 17.35
CA GLY B 228 -16.40 55.94 16.80
C GLY B 228 -17.43 57.06 17.00
N ASN B 229 -18.56 56.88 16.34
CA ASN B 229 -19.63 57.87 16.30
C ASN B 229 -20.95 57.10 16.19
N CYS B 230 -21.99 57.80 15.73
CA CYS B 230 -23.26 57.18 15.36
C CYS B 230 -23.93 56.54 16.57
N THR B 231 -23.34 55.44 17.04
CA THR B 231 -23.91 54.58 18.07
C THR B 231 -25.29 54.08 17.65
N ASP B 232 -26.05 53.52 18.59
CA ASP B 232 -27.41 53.09 18.30
C ASP B 232 -28.38 54.20 18.70
N GLU B 233 -28.56 55.14 17.76
CA GLU B 233 -29.43 56.29 18.02
C GLU B 233 -30.90 55.85 18.06
N GLU B 234 -31.40 55.29 16.96
CA GLU B 234 -32.81 54.92 16.91
C GLU B 234 -33.12 53.70 17.76
N GLY B 235 -32.11 53.07 18.35
CA GLY B 235 -32.34 51.91 19.19
C GLY B 235 -32.61 50.63 18.45
N ILE B 236 -32.36 50.60 17.13
CA ILE B 236 -32.70 49.43 16.33
C ILE B 236 -31.96 48.20 16.87
N CYS B 237 -30.69 48.35 17.19
CA CYS B 237 -29.94 47.22 17.74
C CYS B 237 -30.52 46.80 19.09
N HIS B 238 -30.89 47.78 19.93
CA HIS B 238 -31.50 47.44 21.20
C HIS B 238 -32.92 46.95 21.02
N ARG B 239 -33.65 47.50 20.04
CA ARG B 239 -35.02 47.07 19.82
C ARG B 239 -35.08 45.63 19.33
N THR B 240 -34.18 45.25 18.43
CA THR B 240 -34.18 43.90 17.87
C THR B 240 -33.44 42.92 18.79
N LEU B 241 -32.15 43.17 19.04
CA LEU B 241 -31.33 42.22 19.79
C LEU B 241 -31.94 41.91 21.14
N LEU B 242 -32.43 42.94 21.84
CA LEU B 242 -33.09 42.75 23.12
C LEU B 242 -34.57 42.44 22.96
N GLY B 243 -35.07 42.38 21.72
CA GLY B 243 -36.46 42.11 21.49
C GLY B 243 -36.84 40.68 21.83
N PRO B 244 -38.13 40.36 21.68
CA PRO B 244 -38.59 39.01 22.05
C PRO B 244 -37.93 37.91 21.24
N ALA B 245 -37.54 38.22 20.00
CA ALA B 245 -37.03 37.19 19.09
C ALA B 245 -35.92 36.38 19.72
N PHE B 246 -35.10 37.02 20.54
CA PHE B 246 -33.95 36.38 21.15
C PHE B 246 -34.05 36.30 22.66
N ALA B 247 -35.28 36.17 23.19
CA ALA B 247 -35.47 36.20 24.63
C ALA B 247 -34.57 35.18 25.34
N GLU B 248 -34.78 33.90 25.05
CA GLU B 248 -33.94 32.87 25.66
C GLU B 248 -32.51 32.95 25.16
N CYS B 249 -32.25 33.60 24.02
CA CYS B 249 -30.89 33.81 23.59
C CYS B 249 -30.12 34.68 24.57
N HIS B 250 -30.81 35.57 25.28
CA HIS B 250 -30.17 36.33 26.34
C HIS B 250 -29.69 35.42 27.46
N ALA B 251 -30.36 34.28 27.65
CA ALA B 251 -29.96 33.32 28.67
C ALA B 251 -28.73 32.52 28.26
N LEU B 252 -28.29 32.62 27.01
CA LEU B 252 -27.20 31.79 26.50
C LEU B 252 -26.01 32.60 26.02
N VAL B 253 -26.23 33.61 25.18
CA VAL B 253 -25.15 34.38 24.57
C VAL B 253 -25.36 35.84 24.89
N ASP B 254 -24.36 36.46 25.53
CA ASP B 254 -24.48 37.85 25.95
C ASP B 254 -24.25 38.78 24.76
N SER B 255 -25.09 39.80 24.65
CA SER B 255 -25.18 40.61 23.45
C SER B 255 -24.37 41.91 23.51
N THR B 256 -23.62 42.13 24.58
CA THR B 256 -22.90 43.40 24.74
C THR B 256 -21.98 43.64 23.56
N ALA B 257 -21.13 42.66 23.25
CA ALA B 257 -20.25 42.79 22.10
C ALA B 257 -21.05 42.88 20.82
N TYR B 258 -22.15 42.14 20.73
CA TYR B 258 -23.00 42.22 19.55
C TYR B 258 -23.67 43.59 19.46
N LEU B 259 -24.05 44.17 20.59
CA LEU B 259 -24.58 45.53 20.57
C LEU B 259 -23.56 46.51 20.04
N ALA B 260 -22.32 46.42 20.53
CA ALA B 260 -21.28 47.33 20.07
C ALA B 260 -21.01 47.14 18.58
N ALA B 261 -20.95 45.89 18.13
CA ALA B 261 -20.70 45.61 16.71
C ALA B 261 -21.84 46.12 15.86
N CYS B 262 -23.07 46.00 16.34
CA CYS B 262 -24.22 46.57 15.65
C CYS B 262 -24.06 48.08 15.49
N ALA B 263 -23.68 48.76 16.56
CA ALA B 263 -23.48 50.21 16.45
C ALA B 263 -22.37 50.54 15.46
N GLN B 264 -21.27 49.78 15.51
CA GLN B 264 -20.14 50.05 14.61
C GLN B 264 -20.54 49.85 13.16
N ASP B 265 -21.29 48.78 12.87
CA ASP B 265 -21.80 48.60 11.51
C ASP B 265 -22.77 49.70 11.14
N LEU B 266 -23.57 50.18 12.09
CA LEU B 266 -24.40 51.33 11.80
C LEU B 266 -23.58 52.54 11.40
N CYS B 267 -22.35 52.66 11.92
CA CYS B 267 -21.45 53.70 11.41
C CYS B 267 -21.07 53.43 9.96
N ARG B 268 -20.98 52.16 9.58
CA ARG B 268 -20.76 51.81 8.19
C ARG B 268 -22.10 51.94 7.44
N CYS B 269 -22.18 51.36 6.25
CA CYS B 269 -23.33 51.58 5.39
C CYS B 269 -24.63 51.16 6.08
N PRO B 270 -25.72 51.90 5.87
CA PRO B 270 -26.93 51.48 6.36
C PRO B 270 -27.65 50.38 5.58
N THR B 271 -27.06 49.79 4.53
CA THR B 271 -27.60 48.54 4.02
C THR B 271 -26.90 47.29 4.59
N CYS B 272 -25.92 47.47 5.45
CA CYS B 272 -25.17 46.37 6.03
C CYS B 272 -25.15 46.38 7.56
N PRO B 273 -26.30 46.52 8.23
CA PRO B 273 -26.28 46.43 9.68
C PRO B 273 -26.73 45.07 10.21
N CYS B 274 -27.27 44.20 9.36
CA CYS B 274 -27.91 42.97 9.82
C CYS B 274 -26.94 41.81 9.96
N ALA B 275 -25.67 41.99 9.61
CA ALA B 275 -24.70 40.92 9.79
C ALA B 275 -24.58 40.53 11.26
N THR B 276 -24.53 41.51 12.16
CA THR B 276 -24.44 41.20 13.58
C THR B 276 -25.69 40.46 14.06
N PHE B 277 -26.86 40.88 13.59
CA PHE B 277 -28.08 40.19 13.98
C PHE B 277 -28.05 38.74 13.54
N VAL B 278 -27.69 38.50 12.27
CA VAL B 278 -27.64 37.13 11.78
C VAL B 278 -26.63 36.31 12.57
N GLU B 279 -25.48 36.92 12.88
CA GLU B 279 -24.47 36.19 13.66
C GLU B 279 -24.99 35.86 15.05
N TYR B 280 -25.72 36.77 15.66
CA TYR B 280 -26.29 36.47 16.97
C TYR B 280 -27.31 35.35 16.88
N SER B 281 -28.10 35.33 15.80
CA SER B 281 -29.01 34.21 15.61
C SER B 281 -28.24 32.90 15.49
N ARG B 282 -27.17 32.89 14.70
CA ARG B 282 -26.36 31.69 14.54
C ARG B 282 -25.80 31.23 15.88
N GLN B 283 -25.25 32.16 16.65
CA GLN B 283 -24.65 31.81 17.94
C GLN B 283 -25.70 31.32 18.93
N CYS B 284 -26.86 31.97 18.98
CA CYS B 284 -27.92 31.50 19.86
C CYS B 284 -28.36 30.09 19.47
N ALA B 285 -28.49 29.84 18.17
CA ALA B 285 -28.81 28.50 17.71
C ALA B 285 -27.75 27.50 18.14
N HIS B 286 -26.48 27.89 18.05
CA HIS B 286 -25.39 26.96 18.29
C HIS B 286 -25.20 26.66 19.78
N ALA B 287 -25.46 27.63 20.65
CA ALA B 287 -25.37 27.37 22.07
C ALA B 287 -26.43 26.37 22.51
N GLY B 288 -27.52 26.27 21.76
CA GLY B 288 -28.56 25.32 22.06
C GLY B 288 -29.96 25.90 22.00
N GLY B 289 -30.06 27.22 22.11
CA GLY B 289 -31.35 27.87 22.17
C GLY B 289 -32.08 27.84 20.85
N GLN B 290 -33.34 28.29 20.91
CA GLN B 290 -34.20 28.30 19.75
C GLN B 290 -34.52 29.73 19.38
N PRO B 291 -33.85 30.32 18.39
CA PRO B 291 -34.15 31.70 18.02
C PRO B 291 -35.51 31.82 17.37
N ARG B 292 -36.06 33.03 17.39
CA ARG B 292 -37.33 33.32 16.78
CA ARG B 292 -37.34 33.34 16.79
C ARG B 292 -37.14 34.21 15.56
N ASN B 293 -38.15 34.23 14.69
CA ASN B 293 -38.05 34.96 13.43
C ASN B 293 -38.04 36.45 13.70
N TRP B 294 -36.86 37.06 13.72
CA TRP B 294 -36.73 38.49 13.95
C TRP B 294 -36.95 39.31 12.68
N ARG B 295 -36.92 38.67 11.51
CA ARG B 295 -36.97 39.41 10.26
C ARG B 295 -38.36 39.96 10.01
N CYS B 296 -38.41 41.09 9.32
CA CYS B 296 -39.62 41.73 8.83
C CYS B 296 -39.31 42.24 7.43
N PRO B 297 -40.35 42.50 6.61
CA PRO B 297 -40.11 42.92 5.23
C PRO B 297 -39.15 44.08 5.06
N GLU B 298 -38.75 44.73 6.15
CA GLU B 298 -37.74 45.78 6.10
C GLU B 298 -36.40 45.36 6.72
N LEU B 299 -36.41 44.46 7.69
CA LEU B 299 -35.18 44.11 8.43
C LEU B 299 -34.42 43.05 7.65
N CYS B 300 -33.71 43.51 6.62
CA CYS B 300 -32.96 42.65 5.70
C CYS B 300 -33.85 41.49 5.26
N PRO B 301 -34.90 41.75 4.48
CA PRO B 301 -35.87 40.70 4.18
C PRO B 301 -35.24 39.58 3.34
N ARG B 302 -35.81 38.39 3.47
CA ARG B 302 -35.35 37.23 2.74
C ARG B 302 -36.42 36.75 1.77
N THR B 303 -35.98 36.14 0.68
CA THR B 303 -36.88 35.58 -0.32
C THR B 303 -36.55 34.10 -0.51
N CYS B 304 -37.58 33.29 -0.66
CA CYS B 304 -37.48 31.85 -0.86
C CYS B 304 -38.42 31.46 -1.99
N PRO B 305 -38.25 30.25 -2.56
CA PRO B 305 -39.15 29.81 -3.65
C PRO B 305 -40.63 29.79 -3.28
N LEU B 306 -41.49 29.53 -4.27
CA LEU B 306 -42.91 29.83 -4.13
C LEU B 306 -43.55 29.05 -2.97
N ASN B 307 -43.26 27.77 -2.86
CA ASN B 307 -43.83 26.92 -1.82
C ASN B 307 -42.98 26.94 -0.56
N MET B 308 -41.94 27.75 -0.52
CA MET B 308 -40.83 27.57 0.40
C MET B 308 -40.65 28.87 1.17
N GLN B 309 -40.51 28.76 2.49
CA GLN B 309 -40.53 29.91 3.38
C GLN B 309 -39.20 30.08 4.09
N HIS B 310 -38.82 31.32 4.35
CA HIS B 310 -37.58 31.61 5.07
C HIS B 310 -37.86 31.60 6.57
N GLN B 311 -37.26 30.66 7.27
CA GLN B 311 -37.42 30.51 8.71
C GLN B 311 -36.07 30.64 9.42
N GLU B 312 -36.12 31.26 10.59
CA GLU B 312 -35.05 31.19 11.57
C GLU B 312 -35.35 30.02 12.50
N CYS B 313 -34.34 29.19 12.74
CA CYS B 313 -34.54 27.95 13.50
C CYS B 313 -35.64 27.08 12.89
N GLY B 314 -35.40 26.57 11.70
CA GLY B 314 -36.14 25.42 11.20
C GLY B 314 -35.25 24.19 11.29
N SER B 315 -35.89 23.03 11.25
CA SER B 315 -35.15 21.78 11.39
C SER B 315 -34.13 21.62 10.28
N PRO B 316 -32.87 21.32 10.60
CA PRO B 316 -31.86 21.22 9.55
C PRO B 316 -32.08 20.07 8.60
N CYS B 317 -32.75 19.02 9.06
CA CYS B 317 -33.01 17.83 8.24
C CYS B 317 -34.42 17.97 7.66
N THR B 318 -34.50 18.61 6.49
CA THR B 318 -35.79 18.81 5.84
C THR B 318 -36.36 17.47 5.42
N ASP B 319 -37.56 17.16 5.88
CA ASP B 319 -38.20 15.92 5.46
C ASP B 319 -38.58 16.02 3.99
N THR B 320 -38.10 15.06 3.21
CA THR B 320 -38.29 15.07 1.76
C THR B 320 -38.81 13.70 1.38
N CYS B 321 -39.89 13.65 0.59
CA CYS B 321 -40.54 12.35 0.42
C CYS B 321 -39.67 11.35 -0.33
N SER B 322 -38.43 11.70 -0.67
CA SER B 322 -37.41 10.67 -0.88
C SER B 322 -37.13 9.94 0.42
N ASN B 323 -37.07 10.67 1.53
CA ASN B 323 -36.98 10.10 2.88
C ASN B 323 -37.94 10.87 3.79
N PRO B 324 -39.25 10.74 3.56
CA PRO B 324 -40.20 11.68 4.16
C PRO B 324 -40.20 11.70 5.68
N GLN B 325 -39.50 10.78 6.34
CA GLN B 325 -39.42 10.80 7.80
C GLN B 325 -37.97 10.94 8.25
N ARG B 326 -37.19 11.75 7.51
CA ARG B 326 -35.80 12.00 7.90
C ARG B 326 -35.73 12.73 9.23
N ALA B 327 -36.65 13.65 9.47
CA ALA B 327 -36.62 14.51 10.65
C ALA B 327 -37.06 13.80 11.90
N GLN B 328 -37.09 12.46 11.92
CA GLN B 328 -37.69 11.74 13.02
C GLN B 328 -36.84 11.84 14.28
N LEU B 329 -35.61 11.32 14.24
CA LEU B 329 -34.73 11.31 15.41
C LEU B 329 -33.44 12.06 15.09
N CYS B 330 -33.58 13.23 14.49
CA CYS B 330 -32.42 14.04 14.13
C CYS B 330 -31.72 14.54 15.39
N GLU B 331 -30.42 14.78 15.25
CA GLU B 331 -29.64 15.48 16.27
C GLU B 331 -28.82 16.57 15.60
N ASP B 332 -29.42 17.75 15.51
CA ASP B 332 -28.74 18.95 15.01
C ASP B 332 -29.57 20.16 15.41
N HIS B 333 -28.89 21.22 15.85
CA HIS B 333 -29.56 22.38 16.41
C HIS B 333 -30.31 23.13 15.31
N CYS B 334 -30.97 24.23 15.70
CA CYS B 334 -31.63 25.07 14.73
C CYS B 334 -30.70 25.43 13.58
N VAL B 335 -31.28 25.62 12.41
CA VAL B 335 -30.58 26.16 11.26
C VAL B 335 -31.50 27.13 10.54
N ASP B 336 -30.98 28.30 10.19
CA ASP B 336 -31.69 29.27 9.39
C ASP B 336 -31.74 28.81 7.93
N GLY B 337 -32.80 29.18 7.22
CA GLY B 337 -32.81 28.97 5.80
C GLY B 337 -34.23 28.84 5.27
N CYS B 338 -34.34 28.36 4.04
CA CYS B 338 -35.62 28.06 3.44
C CYS B 338 -36.12 26.70 3.92
N PHE B 339 -37.43 26.55 4.00
CA PHE B 339 -38.06 25.36 4.55
C PHE B 339 -39.43 25.20 3.91
N CYS B 340 -40.14 24.18 4.34
CA CYS B 340 -41.50 23.89 3.95
C CYS B 340 -42.43 23.94 5.15
N PRO B 341 -43.69 24.32 4.96
CA PRO B 341 -44.63 24.30 6.06
C PRO B 341 -44.82 22.89 6.58
N PRO B 342 -45.11 22.73 7.87
CA PRO B 342 -45.25 21.38 8.43
C PRO B 342 -46.37 20.60 7.76
N GLY B 343 -46.14 19.31 7.56
CA GLY B 343 -47.12 18.45 6.93
C GLY B 343 -46.77 18.10 5.50
N THR B 344 -46.29 19.08 4.75
CA THR B 344 -45.86 18.87 3.36
C THR B 344 -44.34 18.81 3.31
N VAL B 345 -43.82 17.73 2.76
CA VAL B 345 -42.39 17.49 2.69
C VAL B 345 -41.80 18.09 1.42
N LEU B 346 -40.48 18.21 1.37
CA LEU B 346 -39.82 18.72 0.18
C LEU B 346 -39.76 17.65 -0.90
N ASP B 347 -39.87 18.07 -2.15
CA ASP B 347 -39.77 17.18 -3.30
C ASP B 347 -38.42 17.37 -3.97
N ASP B 348 -37.49 16.46 -3.68
CA ASP B 348 -36.18 16.49 -4.30
C ASP B 348 -36.10 15.60 -5.54
N ILE B 349 -37.16 14.87 -5.85
CA ILE B 349 -37.13 13.96 -6.99
C ILE B 349 -37.21 14.71 -8.31
N THR B 350 -38.12 15.67 -8.41
CA THR B 350 -38.20 16.52 -9.60
C THR B 350 -38.14 18.02 -9.29
N HIS B 351 -37.91 18.42 -8.05
CA HIS B 351 -37.71 19.82 -7.69
C HIS B 351 -38.95 20.66 -7.99
N SER B 352 -40.10 20.18 -7.53
CA SER B 352 -41.37 20.88 -7.71
C SER B 352 -41.79 21.66 -6.47
N GLY B 353 -40.84 22.07 -5.64
CA GLY B 353 -41.17 22.69 -4.37
C GLY B 353 -41.53 21.64 -3.34
N CYS B 354 -42.27 22.09 -2.32
CA CYS B 354 -42.77 21.16 -1.32
C CYS B 354 -44.12 20.62 -1.74
N LEU B 355 -44.29 19.31 -1.67
CA LEU B 355 -45.52 18.67 -2.07
C LEU B 355 -46.08 17.87 -0.92
N PRO B 356 -47.39 17.65 -0.89
CA PRO B 356 -47.96 16.77 0.15
C PRO B 356 -47.45 15.35 0.00
N LEU B 357 -47.47 14.62 1.10
CA LEU B 357 -46.86 13.29 1.13
C LEU B 357 -47.47 12.37 0.09
N GLY B 358 -48.71 12.62 -0.31
CA GLY B 358 -49.41 11.76 -1.24
C GLY B 358 -49.29 12.10 -2.71
N GLN B 359 -48.70 13.25 -3.07
CA GLN B 359 -48.67 13.66 -4.46
C GLN B 359 -47.25 13.74 -5.02
N CYS B 360 -46.31 13.16 -4.37
CA CYS B 360 -45.01 13.38 -4.97
C CYS B 360 -44.49 12.12 -5.63
N PRO B 361 -43.60 12.26 -6.63
CA PRO B 361 -43.26 11.11 -7.47
C PRO B 361 -42.46 10.06 -6.72
N CYS B 362 -42.27 8.93 -7.41
CA CYS B 362 -41.40 7.86 -6.95
C CYS B 362 -40.27 7.68 -7.95
N THR B 363 -39.33 6.81 -7.63
CA THR B 363 -38.16 6.59 -8.47
C THR B 363 -37.85 5.10 -8.53
N HIS B 364 -37.42 4.64 -9.71
CA HIS B 364 -36.98 3.26 -9.90
C HIS B 364 -35.95 3.22 -11.02
N GLY B 365 -34.72 2.89 -10.68
CA GLY B 365 -33.68 2.64 -11.68
C GLY B 365 -33.42 3.79 -12.63
N GLY B 366 -33.33 5.01 -12.12
CA GLY B 366 -33.15 6.17 -12.96
C GLY B 366 -34.41 6.67 -13.63
N ARG B 367 -35.55 6.02 -13.39
CA ARG B 367 -36.82 6.45 -13.93
C ARG B 367 -37.61 7.16 -12.85
N THR B 368 -38.28 8.24 -13.24
CA THR B 368 -39.14 8.98 -12.32
C THR B 368 -40.59 8.69 -12.68
N TYR B 369 -41.38 8.33 -11.67
CA TYR B 369 -42.77 7.93 -11.88
C TYR B 369 -43.68 8.94 -11.20
N SER B 370 -44.58 9.52 -11.98
CA SER B 370 -45.58 10.41 -11.40
C SER B 370 -46.54 9.61 -10.54
N PRO B 371 -47.25 10.24 -9.62
CA PRO B 371 -48.29 9.52 -8.88
C PRO B 371 -49.36 9.02 -9.83
N GLY B 372 -49.91 7.85 -9.50
CA GLY B 372 -50.87 7.16 -10.34
C GLY B 372 -50.24 6.15 -11.28
N THR B 373 -48.92 6.24 -11.46
CA THR B 373 -48.23 5.35 -12.36
C THR B 373 -47.90 4.02 -11.69
N SER B 374 -47.78 2.98 -12.51
CA SER B 374 -47.40 1.67 -12.06
C SER B 374 -46.40 1.09 -13.04
N PHE B 375 -45.57 0.19 -12.55
CA PHE B 375 -44.69 -0.56 -13.43
C PHE B 375 -44.64 -2.00 -12.94
N ASN B 376 -44.76 -2.93 -13.86
CA ASN B 376 -44.82 -4.35 -13.52
C ASN B 376 -43.56 -5.04 -14.02
N THR B 377 -42.82 -5.63 -13.10
CA THR B 377 -41.76 -6.56 -13.45
C THR B 377 -42.38 -7.90 -13.83
N THR B 378 -41.58 -8.79 -14.41
CA THR B 378 -42.09 -10.09 -14.80
C THR B 378 -42.52 -10.90 -13.58
N CYS B 379 -42.01 -10.54 -12.40
CA CYS B 379 -42.34 -11.25 -11.17
C CYS B 379 -43.19 -10.43 -10.20
N SER B 380 -43.35 -9.14 -10.43
CA SER B 380 -44.10 -8.31 -9.50
C SER B 380 -44.57 -7.03 -10.19
N SER B 381 -45.54 -6.37 -9.55
CA SER B 381 -46.08 -5.10 -10.03
C SER B 381 -46.13 -4.10 -8.89
N CYS B 382 -45.63 -2.89 -9.15
CA CYS B 382 -45.49 -1.87 -8.11
C CYS B 382 -46.14 -0.57 -8.57
N THR B 383 -46.96 0.00 -7.70
CA THR B 383 -47.68 1.25 -7.95
C THR B 383 -47.07 2.36 -7.10
N CYS B 384 -46.79 3.50 -7.72
CA CYS B 384 -46.24 4.64 -7.01
C CYS B 384 -47.36 5.37 -6.29
N SER B 385 -47.50 5.11 -4.99
CA SER B 385 -48.55 5.77 -4.23
C SER B 385 -48.18 5.77 -2.75
N GLY B 386 -48.82 6.67 -2.01
CA GLY B 386 -48.47 6.86 -0.62
C GLY B 386 -47.09 7.44 -0.42
N GLY B 387 -46.48 7.97 -1.48
CA GLY B 387 -45.09 8.34 -1.44
C GLY B 387 -44.13 7.16 -1.47
N LEU B 388 -44.65 5.95 -1.62
CA LEU B 388 -43.85 4.74 -1.62
C LEU B 388 -44.23 3.91 -2.84
N TRP B 389 -43.71 2.69 -2.90
CA TRP B 389 -44.11 1.71 -3.90
C TRP B 389 -44.96 0.65 -3.22
N GLN B 390 -46.22 0.55 -3.63
CA GLN B 390 -47.11 -0.52 -3.20
C GLN B 390 -46.91 -1.67 -4.17
N CYS B 391 -46.25 -2.73 -3.72
CA CYS B 391 -45.82 -3.81 -4.59
C CYS B 391 -46.59 -5.08 -4.25
N GLN B 392 -47.23 -5.67 -5.25
CA GLN B 392 -47.79 -7.00 -5.13
C GLN B 392 -47.04 -7.95 -6.06
N ASP B 393 -47.15 -9.24 -5.77
CA ASP B 393 -46.36 -10.26 -6.44
C ASP B 393 -47.25 -11.07 -7.38
N LEU B 394 -47.05 -10.88 -8.67
CA LEU B 394 -47.66 -11.76 -9.65
C LEU B 394 -47.05 -13.16 -9.53
N PRO B 395 -47.78 -14.19 -9.93
CA PRO B 395 -47.23 -15.55 -9.87
C PRO B 395 -45.98 -15.67 -10.73
N CYS B 396 -44.99 -16.40 -10.22
CA CYS B 396 -43.71 -16.55 -10.89
C CYS B 396 -43.31 -18.02 -10.92
N PRO B 397 -43.22 -18.64 -12.09
CA PRO B 397 -42.67 -20.00 -12.15
C PRO B 397 -41.19 -20.01 -11.80
N GLY B 398 -40.83 -20.83 -10.82
CA GLY B 398 -39.44 -20.89 -10.41
C GLY B 398 -38.56 -21.50 -11.48
N THR B 399 -37.26 -21.29 -11.34
CA THR B 399 -36.31 -21.67 -12.39
C THR B 399 -35.02 -22.13 -11.78
N CYS B 400 -34.82 -23.44 -11.76
CA CYS B 400 -33.51 -24.03 -11.47
C CYS B 400 -32.72 -24.14 -12.75
N SER B 401 -31.42 -24.30 -12.61
CA SER B 401 -30.61 -24.47 -13.79
C SER B 401 -29.25 -25.03 -13.41
N VAL B 402 -28.68 -25.79 -14.34
CA VAL B 402 -27.30 -26.27 -14.25
C VAL B 402 -26.58 -25.79 -15.49
N GLN B 403 -25.55 -24.96 -15.27
CA GLN B 403 -24.84 -24.27 -16.33
C GLN B 403 -23.35 -24.55 -16.18
N GLY B 404 -22.66 -24.65 -17.32
CA GLY B 404 -21.26 -24.95 -17.33
C GLY B 404 -20.92 -26.37 -16.95
N GLY B 405 -21.92 -27.19 -16.65
CA GLY B 405 -21.68 -28.52 -16.15
C GLY B 405 -21.28 -28.59 -14.70
N ALA B 406 -21.07 -27.46 -14.06
CA ALA B 406 -20.64 -27.45 -12.68
C ALA B 406 -21.48 -26.55 -11.80
N HIS B 407 -21.99 -25.43 -12.32
CA HIS B 407 -22.65 -24.44 -11.50
C HIS B 407 -24.15 -24.67 -11.49
N ILE B 408 -24.77 -24.47 -10.33
CA ILE B 408 -26.18 -24.71 -10.12
C ILE B 408 -26.80 -23.46 -9.55
N SER B 409 -27.87 -23.00 -10.19
CA SER B 409 -28.69 -21.92 -9.66
C SER B 409 -30.00 -22.54 -9.22
N THR B 410 -30.23 -22.60 -7.91
CA THR B 410 -31.39 -23.31 -7.39
C THR B 410 -32.65 -22.50 -7.64
N TYR B 411 -33.78 -22.99 -7.13
CA TYR B 411 -35.04 -22.25 -7.23
C TYR B 411 -35.02 -20.99 -6.38
N ASP B 412 -34.33 -21.03 -5.25
CA ASP B 412 -34.15 -19.88 -4.37
C ASP B 412 -33.03 -18.97 -4.83
N GLU B 413 -32.47 -19.21 -6.02
CA GLU B 413 -31.38 -18.41 -6.57
C GLU B 413 -30.14 -18.45 -5.67
N LYS B 414 -29.77 -19.65 -5.24
CA LYS B 414 -28.54 -19.84 -4.46
C LYS B 414 -27.49 -20.46 -5.37
N LEU B 415 -26.72 -19.63 -6.02
CA LEU B 415 -25.71 -20.11 -6.96
C LEU B 415 -24.59 -20.81 -6.21
N TYR B 416 -24.23 -22.00 -6.67
CA TYR B 416 -23.13 -22.74 -6.08
C TYR B 416 -22.58 -23.73 -7.10
N ASP B 417 -21.28 -23.97 -7.05
CA ASP B 417 -20.66 -24.87 -8.00
C ASP B 417 -20.63 -26.29 -7.45
N LEU B 418 -20.75 -27.27 -8.34
CA LEU B 418 -20.77 -28.67 -7.98
C LEU B 418 -19.91 -29.44 -8.96
N HIS B 419 -18.75 -29.92 -8.50
CA HIS B 419 -17.83 -30.72 -9.30
C HIS B 419 -18.03 -32.18 -8.90
N GLY B 420 -18.90 -32.88 -9.62
CA GLY B 420 -19.27 -34.22 -9.26
C GLY B 420 -19.17 -35.16 -10.45
N ASP B 421 -19.07 -36.45 -10.13
CA ASP B 421 -19.02 -37.53 -11.11
C ASP B 421 -20.02 -38.58 -10.68
N CYS B 422 -21.28 -38.38 -11.01
CA CYS B 422 -22.37 -39.30 -10.68
C CYS B 422 -23.63 -38.80 -11.35
N SER B 423 -24.75 -39.44 -11.04
CA SER B 423 -26.07 -38.93 -11.39
C SER B 423 -26.70 -38.37 -10.13
N TYR B 424 -27.15 -37.13 -10.19
CA TYR B 424 -27.67 -36.43 -9.02
C TYR B 424 -29.14 -36.14 -9.22
N VAL B 425 -29.92 -36.28 -8.14
CA VAL B 425 -31.34 -35.99 -8.22
C VAL B 425 -31.47 -34.48 -8.29
N LEU B 426 -31.62 -33.96 -9.50
CA LEU B 426 -31.62 -32.52 -9.69
C LEU B 426 -32.82 -31.89 -9.01
N SER B 427 -34.00 -32.48 -9.16
CA SER B 427 -35.17 -31.92 -8.49
C SER B 427 -36.23 -32.99 -8.39
N LYS B 428 -36.98 -32.96 -7.29
CA LYS B 428 -37.95 -34.03 -7.02
C LYS B 428 -38.94 -33.54 -5.97
N LYS B 429 -40.22 -33.63 -6.28
CA LYS B 429 -41.26 -33.27 -5.32
C LYS B 429 -41.28 -34.31 -4.21
N CYS B 430 -40.55 -34.06 -3.13
CA CYS B 430 -40.11 -35.12 -2.24
C CYS B 430 -41.18 -35.66 -1.30
N ALA B 431 -42.39 -35.10 -1.33
CA ALA B 431 -43.49 -35.74 -0.62
C ALA B 431 -43.79 -37.10 -1.23
N ASP B 432 -43.77 -37.18 -2.55
CA ASP B 432 -44.04 -38.41 -3.29
C ASP B 432 -43.07 -38.56 -4.45
N SER B 433 -43.38 -39.44 -5.40
CA SER B 433 -42.51 -39.61 -6.57
C SER B 433 -43.22 -39.24 -7.86
N SER B 434 -43.91 -38.09 -7.88
CA SER B 434 -44.62 -37.67 -9.09
C SER B 434 -43.65 -37.45 -10.25
N PHE B 435 -42.54 -36.77 -10.01
CA PHE B 435 -41.50 -36.61 -11.01
C PHE B 435 -40.16 -36.57 -10.30
N THR B 436 -39.10 -36.84 -11.06
CA THR B 436 -37.73 -36.77 -10.54
C THR B 436 -36.81 -36.42 -11.69
N VAL B 437 -36.49 -35.14 -11.84
CA VAL B 437 -35.54 -34.71 -12.85
C VAL B 437 -34.14 -35.05 -12.36
N LEU B 438 -33.44 -35.90 -13.10
CA LEU B 438 -32.11 -36.39 -12.77
C LEU B 438 -31.10 -35.80 -13.74
N ALA B 439 -29.92 -35.49 -13.23
CA ALA B 439 -28.83 -34.99 -14.03
C ALA B 439 -27.60 -35.83 -13.77
N GLU B 440 -26.97 -36.31 -14.83
CA GLU B 440 -25.73 -37.05 -14.73
C GLU B 440 -24.59 -36.12 -15.11
N LEU B 441 -23.66 -35.90 -14.19
CA LEU B 441 -22.55 -35.00 -14.39
C LEU B 441 -21.26 -35.82 -14.40
N ARG B 442 -20.47 -35.69 -15.46
CA ARG B 442 -19.34 -36.56 -15.65
C ARG B 442 -18.07 -35.75 -15.79
N LYS B 443 -16.98 -36.28 -15.26
CA LYS B 443 -15.68 -35.64 -15.39
C LYS B 443 -15.22 -35.69 -16.84
N CYS B 444 -14.64 -34.59 -17.31
CA CYS B 444 -14.35 -34.40 -18.74
C CYS B 444 -12.90 -34.09 -19.04
N GLY B 445 -11.99 -34.20 -18.08
CA GLY B 445 -10.65 -33.75 -18.34
C GLY B 445 -9.64 -34.37 -17.39
N LEU B 446 -8.40 -33.91 -17.52
CA LEU B 446 -7.35 -34.41 -16.64
C LEU B 446 -7.64 -34.08 -15.18
N THR B 447 -8.12 -32.87 -14.92
CA THR B 447 -8.36 -32.41 -13.57
C THR B 447 -9.76 -32.80 -13.10
N ASP B 448 -9.90 -32.99 -11.79
CA ASP B 448 -11.16 -33.46 -11.22
C ASP B 448 -12.25 -32.39 -11.24
N ASN B 449 -11.91 -31.15 -11.59
CA ASN B 449 -12.90 -30.09 -11.66
C ASN B 449 -13.23 -29.69 -13.09
N GLU B 450 -13.08 -30.60 -14.05
CA GLU B 450 -13.43 -30.36 -15.45
C GLU B 450 -14.63 -31.23 -15.77
N ASN B 451 -15.84 -30.70 -15.55
CA ASN B 451 -17.05 -31.49 -15.63
C ASN B 451 -17.93 -31.05 -16.79
N CYS B 452 -18.77 -31.98 -17.24
CA CYS B 452 -19.80 -31.71 -18.23
C CYS B 452 -21.08 -32.42 -17.83
N LEU B 453 -22.21 -31.72 -17.98
CA LEU B 453 -23.50 -32.38 -17.96
C LEU B 453 -23.57 -33.33 -19.14
N LYS B 454 -24.03 -34.56 -18.89
CA LYS B 454 -24.05 -35.55 -19.96
C LYS B 454 -25.42 -36.13 -20.26
N ALA B 455 -26.40 -35.93 -19.39
CA ALA B 455 -27.75 -36.40 -19.66
C ALA B 455 -28.71 -35.66 -18.76
N VAL B 456 -29.98 -35.72 -19.10
CA VAL B 456 -31.05 -35.23 -18.24
C VAL B 456 -32.16 -36.27 -18.30
N THR B 457 -32.39 -36.97 -17.21
CA THR B 457 -33.29 -38.11 -17.19
C THR B 457 -34.52 -37.76 -16.36
N LEU B 458 -35.55 -37.25 -17.01
CA LEU B 458 -36.81 -37.03 -16.32
C LEU B 458 -37.45 -38.39 -16.03
N SER B 459 -37.38 -38.83 -14.78
CA SER B 459 -38.08 -40.01 -14.34
C SER B 459 -39.45 -39.61 -13.81
N LEU B 460 -40.46 -40.41 -14.14
CA LEU B 460 -41.83 -40.00 -14.00
C LEU B 460 -42.68 -41.14 -13.48
N ASP B 461 -43.77 -40.80 -12.80
CA ASP B 461 -44.75 -41.77 -12.32
C ASP B 461 -44.09 -42.82 -11.44
N GLY B 462 -43.19 -42.38 -10.57
CA GLY B 462 -42.44 -43.32 -9.76
C GLY B 462 -41.50 -44.18 -10.58
N GLY B 463 -40.89 -43.59 -11.60
CA GLY B 463 -39.99 -44.32 -12.46
C GLY B 463 -40.65 -45.12 -13.55
N ASP B 464 -41.98 -45.11 -13.62
CA ASP B 464 -42.67 -45.87 -14.65
C ASP B 464 -42.40 -45.31 -16.04
N THR B 465 -42.13 -44.01 -16.14
CA THR B 465 -41.84 -43.37 -17.42
C THR B 465 -40.48 -42.70 -17.33
N ALA B 466 -39.76 -42.64 -18.44
CA ALA B 466 -38.42 -42.07 -18.44
C ALA B 466 -38.20 -41.34 -19.75
N ILE B 467 -37.81 -40.07 -19.67
CA ILE B 467 -37.44 -39.30 -20.84
C ILE B 467 -36.00 -38.84 -20.64
N ARG B 468 -35.10 -39.37 -21.45
CA ARG B 468 -33.67 -39.17 -21.26
C ARG B 468 -33.14 -38.36 -22.42
N VAL B 469 -32.80 -37.10 -22.16
CA VAL B 469 -32.20 -36.25 -23.18
C VAL B 469 -30.69 -36.34 -23.03
N GLN B 470 -30.03 -36.89 -24.04
CA GLN B 470 -28.58 -37.04 -24.00
C GLN B 470 -27.92 -35.72 -24.39
N ALA B 471 -26.60 -35.74 -24.51
CA ALA B 471 -25.84 -34.54 -24.82
C ALA B 471 -25.77 -34.22 -26.29
N ASP B 472 -25.88 -35.21 -27.18
CA ASP B 472 -25.83 -34.95 -28.60
C ASP B 472 -27.19 -34.62 -29.19
N GLY B 473 -28.24 -34.62 -28.38
CA GLY B 473 -29.58 -34.33 -28.83
C GLY B 473 -30.51 -35.51 -28.89
N GLY B 474 -29.98 -36.74 -28.82
CA GLY B 474 -30.83 -37.91 -28.84
C GLY B 474 -31.72 -37.99 -27.63
N VAL B 475 -33.02 -38.18 -27.84
CA VAL B 475 -33.99 -38.25 -26.77
C VAL B 475 -34.57 -39.65 -26.73
N PHE B 476 -34.57 -40.26 -25.55
CA PHE B 476 -34.96 -41.65 -25.36
C PHE B 476 -36.21 -41.68 -24.50
N LEU B 477 -37.28 -42.27 -25.02
CA LEU B 477 -38.49 -42.50 -24.23
C LEU B 477 -38.49 -43.96 -23.80
N ASN B 478 -38.30 -44.19 -22.50
CA ASN B 478 -38.12 -45.53 -21.95
C ASN B 478 -37.00 -46.27 -22.69
N SER B 479 -35.85 -45.60 -22.78
CA SER B 479 -34.63 -46.17 -23.34
C SER B 479 -34.80 -46.57 -24.80
N ILE B 480 -35.82 -46.02 -25.47
CA ILE B 480 -36.03 -46.25 -26.90
C ILE B 480 -35.84 -44.92 -27.60
N TYR B 481 -35.04 -44.91 -28.65
CA TYR B 481 -34.84 -43.68 -29.40
C TYR B 481 -36.17 -43.16 -29.91
N THR B 482 -36.38 -41.86 -29.72
CA THR B 482 -37.61 -41.21 -30.11
C THR B 482 -37.25 -39.92 -30.81
N GLN B 483 -37.68 -39.75 -32.06
CA GLN B 483 -37.40 -38.51 -32.74
C GLN B 483 -38.36 -37.43 -32.23
N LEU B 484 -38.06 -36.18 -32.56
CA LEU B 484 -38.86 -35.10 -32.03
C LEU B 484 -39.59 -34.39 -33.16
N PRO B 485 -40.81 -33.87 -32.90
CA PRO B 485 -41.55 -33.84 -31.63
C PRO B 485 -42.29 -35.14 -31.31
N LEU B 486 -42.63 -35.33 -30.04
CA LEU B 486 -43.51 -36.41 -29.61
C LEU B 486 -44.55 -35.81 -28.67
N SER B 487 -45.72 -36.42 -28.61
CA SER B 487 -46.81 -35.90 -27.79
C SER B 487 -47.66 -37.04 -27.25
N ALA B 488 -47.41 -37.46 -26.01
CA ALA B 488 -48.16 -38.56 -25.42
C ALA B 488 -48.10 -38.49 -23.91
N ALA B 489 -49.17 -38.95 -23.26
CA ALA B 489 -49.28 -38.93 -21.80
C ALA B 489 -49.11 -37.51 -21.25
N ASN B 490 -49.66 -36.55 -21.98
CA ASN B 490 -49.56 -35.11 -21.71
C ASN B 490 -48.14 -34.57 -21.82
N ILE B 491 -47.17 -35.42 -22.15
CA ILE B 491 -45.79 -35.00 -22.31
C ILE B 491 -45.56 -34.60 -23.75
N THR B 492 -44.97 -33.43 -23.95
CA THR B 492 -44.67 -32.89 -25.27
C THR B 492 -43.18 -32.64 -25.37
N LEU B 493 -42.53 -33.24 -26.35
CA LEU B 493 -41.10 -33.08 -26.58
C LEU B 493 -40.92 -32.41 -27.94
N PHE B 494 -40.21 -31.30 -27.97
CA PHE B 494 -40.00 -30.66 -29.25
C PHE B 494 -38.79 -29.74 -29.20
N THR B 495 -38.24 -29.44 -30.36
CA THR B 495 -37.09 -28.56 -30.43
C THR B 495 -37.53 -27.19 -30.90
N PRO B 496 -37.56 -26.18 -30.03
CA PRO B 496 -37.87 -24.83 -30.50
C PRO B 496 -36.87 -24.32 -31.52
N SER B 497 -35.61 -24.72 -31.40
CA SER B 497 -34.59 -24.43 -32.38
C SER B 497 -33.58 -25.55 -32.35
N SER B 498 -32.51 -25.41 -33.13
CA SER B 498 -31.49 -26.45 -33.15
C SER B 498 -30.64 -26.45 -31.90
N PHE B 499 -30.77 -25.44 -31.04
CA PHE B 499 -29.93 -25.35 -29.85
C PHE B 499 -30.59 -25.91 -28.60
N PHE B 500 -31.92 -26.03 -28.58
CA PHE B 500 -32.64 -26.34 -27.36
C PHE B 500 -33.68 -27.43 -27.59
N ILE B 501 -33.94 -28.20 -26.54
CA ILE B 501 -34.97 -29.23 -26.52
C ILE B 501 -35.90 -28.94 -25.35
N VAL B 502 -37.20 -28.86 -25.60
CA VAL B 502 -38.19 -28.57 -24.58
C VAL B 502 -38.96 -29.84 -24.29
N VAL B 503 -39.03 -30.20 -23.00
CA VAL B 503 -39.80 -31.32 -22.50
C VAL B 503 -40.85 -30.74 -21.59
N GLN B 504 -42.04 -30.48 -22.13
CA GLN B 504 -43.15 -29.90 -21.40
C GLN B 504 -44.04 -31.00 -20.87
N THR B 505 -44.09 -31.14 -19.55
CA THR B 505 -44.94 -32.15 -18.94
C THR B 505 -46.17 -31.49 -18.35
N GLY B 506 -47.22 -32.28 -18.20
CA GLY B 506 -48.42 -31.78 -17.58
C GLY B 506 -48.38 -31.74 -16.07
N LEU B 507 -47.39 -32.39 -15.47
CA LEU B 507 -47.28 -32.46 -14.02
C LEU B 507 -46.99 -31.11 -13.38
N GLY B 508 -46.63 -30.11 -14.18
CA GLY B 508 -46.40 -28.78 -13.67
C GLY B 508 -45.08 -28.19 -14.13
N LEU B 509 -44.04 -29.01 -14.22
CA LEU B 509 -42.72 -28.52 -14.58
C LEU B 509 -42.52 -28.55 -16.09
N GLN B 510 -41.38 -27.99 -16.51
CA GLN B 510 -40.98 -27.95 -17.89
C GLN B 510 -39.46 -27.91 -17.97
N LEU B 511 -38.87 -28.81 -18.74
CA LEU B 511 -37.42 -28.83 -18.92
C LEU B 511 -37.06 -28.16 -20.23
N LEU B 512 -35.99 -27.39 -20.21
CA LEU B 512 -35.45 -26.74 -21.40
C LEU B 512 -33.95 -27.00 -21.39
N VAL B 513 -33.49 -27.82 -22.32
CA VAL B 513 -32.12 -28.32 -22.31
C VAL B 513 -31.37 -27.74 -23.50
N GLN B 514 -30.21 -27.15 -23.23
CA GLN B 514 -29.37 -26.57 -24.26
C GLN B 514 -28.29 -27.56 -24.64
N LEU B 515 -28.13 -27.77 -25.95
CA LEU B 515 -27.13 -28.65 -26.51
C LEU B 515 -25.95 -27.91 -27.12
N VAL B 516 -26.22 -26.85 -27.86
CA VAL B 516 -25.20 -26.05 -28.54
C VAL B 516 -24.97 -24.79 -27.72
N PRO B 517 -23.72 -24.47 -27.35
CA PRO B 517 -22.48 -25.18 -27.65
C PRO B 517 -22.25 -26.38 -26.77
N LEU B 518 -22.70 -26.40 -25.52
CA LEU B 518 -22.56 -27.57 -24.68
C LEU B 518 -23.88 -27.82 -23.97
N MET B 519 -23.87 -28.73 -23.00
CA MET B 519 -25.10 -29.24 -22.39
C MET B 519 -25.38 -28.48 -21.11
N GLN B 520 -26.53 -27.79 -21.06
CA GLN B 520 -27.01 -27.09 -19.88
C GLN B 520 -28.49 -27.40 -19.70
N VAL B 521 -28.98 -27.27 -18.48
CA VAL B 521 -30.39 -27.59 -18.24
C VAL B 521 -31.06 -26.46 -17.49
N PHE B 522 -32.33 -26.24 -17.80
CA PHE B 522 -33.16 -25.25 -17.11
C PHE B 522 -34.49 -25.89 -16.77
N VAL B 523 -34.90 -25.77 -15.52
CA VAL B 523 -36.11 -26.42 -15.03
C VAL B 523 -37.05 -25.34 -14.54
N ARG B 524 -38.28 -25.36 -15.04
CA ARG B 524 -39.28 -24.35 -14.70
C ARG B 524 -40.42 -25.00 -13.94
N LEU B 525 -40.80 -24.41 -12.83
CA LEU B 525 -41.86 -24.94 -11.98
C LEU B 525 -43.04 -23.99 -11.90
N ASP B 526 -44.24 -24.53 -12.15
CA ASP B 526 -45.47 -23.84 -11.78
C ASP B 526 -45.43 -23.53 -10.29
N PRO B 527 -45.68 -22.29 -9.89
CA PRO B 527 -45.45 -21.90 -8.48
C PRO B 527 -46.21 -22.71 -7.46
N ALA B 528 -47.16 -23.54 -7.88
CA ALA B 528 -47.94 -24.31 -6.91
C ALA B 528 -47.05 -25.24 -6.10
N HIS B 529 -45.97 -25.74 -6.69
CA HIS B 529 -45.07 -26.64 -6.01
C HIS B 529 -44.19 -25.94 -4.98
N GLN B 530 -44.31 -24.62 -4.86
CA GLN B 530 -43.45 -23.86 -3.97
C GLN B 530 -43.50 -24.40 -2.55
N GLY B 531 -42.33 -24.54 -1.95
CA GLY B 531 -42.25 -25.07 -0.60
C GLY B 531 -42.53 -26.55 -0.51
N GLN B 532 -42.36 -27.28 -1.61
CA GLN B 532 -42.60 -28.71 -1.61
C GLN B 532 -41.46 -29.55 -2.16
N MET B 533 -40.65 -29.02 -3.06
CA MET B 533 -39.66 -29.83 -3.75
C MET B 533 -38.51 -30.21 -2.83
N CYS B 534 -37.62 -31.05 -3.36
CA CYS B 534 -36.37 -31.41 -2.71
C CYS B 534 -35.31 -31.51 -3.80
N GLY B 535 -34.18 -32.09 -3.47
CA GLY B 535 -33.14 -32.32 -4.45
C GLY B 535 -32.09 -31.24 -4.48
N LEU B 536 -31.29 -31.28 -5.55
CA LEU B 536 -30.22 -30.31 -5.71
C LEU B 536 -30.76 -28.89 -5.83
N CYS B 537 -31.84 -28.71 -6.55
CA CYS B 537 -32.32 -27.36 -6.78
C CYS B 537 -33.02 -26.79 -5.59
N GLY B 538 -33.13 -27.43 -4.43
CA GLY B 538 -33.71 -26.80 -3.27
C GLY B 538 -35.22 -26.82 -3.28
N ASN B 539 -35.80 -26.45 -2.14
CA ASN B 539 -37.21 -26.70 -1.86
C ASN B 539 -38.12 -25.60 -2.37
N PHE B 540 -37.59 -24.57 -3.02
CA PHE B 540 -38.43 -23.57 -3.67
C PHE B 540 -39.40 -22.94 -2.68
N ASN B 541 -38.85 -22.25 -1.67
CA ASN B 541 -39.67 -21.64 -0.63
C ASN B 541 -39.24 -20.20 -0.36
N GLN B 542 -38.53 -19.58 -1.29
CA GLN B 542 -38.08 -18.19 -1.17
C GLN B 542 -37.30 -17.99 0.13
N ASN B 543 -36.22 -18.75 0.24
CA ASN B 543 -35.33 -18.71 1.39
C ASN B 543 -34.02 -19.36 0.94
N GLN B 544 -32.95 -18.58 0.92
CA GLN B 544 -31.67 -19.10 0.45
C GLN B 544 -30.91 -19.85 1.51
N ALA B 545 -31.27 -19.72 2.77
CA ALA B 545 -30.55 -20.39 3.84
C ALA B 545 -31.03 -21.81 4.09
N ASP B 546 -32.21 -22.17 3.62
CA ASP B 546 -32.75 -23.50 3.85
C ASP B 546 -32.44 -24.47 2.73
N ASP B 547 -31.77 -24.03 1.67
CA ASP B 547 -31.60 -24.86 0.50
C ASP B 547 -30.80 -26.12 0.81
N PHE B 548 -29.81 -26.00 1.68
CA PHE B 548 -28.95 -27.13 2.02
C PHE B 548 -29.56 -28.02 3.08
N THR B 549 -30.86 -27.92 3.30
CA THR B 549 -31.54 -28.82 4.22
C THR B 549 -31.57 -30.22 3.61
N ALA B 550 -30.70 -31.09 4.08
CA ALA B 550 -30.68 -32.45 3.58
C ALA B 550 -31.84 -33.22 4.20
N LEU B 551 -31.96 -34.51 3.88
CA LEU B 551 -33.03 -35.33 4.45
C LEU B 551 -32.87 -35.53 5.95
N SER B 552 -31.70 -35.26 6.50
CA SER B 552 -31.46 -35.40 7.92
C SER B 552 -31.92 -34.20 8.72
N GLY B 553 -32.47 -33.18 8.07
CA GLY B 553 -33.07 -32.06 8.75
C GLY B 553 -32.12 -30.93 9.11
N VAL B 554 -30.86 -31.01 8.73
CA VAL B 554 -29.89 -29.97 9.05
C VAL B 554 -29.35 -29.39 7.75
N VAL B 555 -29.15 -28.07 7.74
CA VAL B 555 -28.54 -27.40 6.60
C VAL B 555 -27.09 -27.84 6.49
N GLU B 556 -26.70 -28.31 5.30
CA GLU B 556 -25.31 -28.67 5.07
C GLU B 556 -24.48 -27.39 4.93
N ALA B 557 -23.16 -27.55 5.04
CA ALA B 557 -22.30 -26.37 5.09
C ALA B 557 -22.02 -25.81 3.70
N THR B 558 -21.37 -26.59 2.86
CA THR B 558 -20.94 -26.15 1.54
C THR B 558 -21.80 -26.81 0.47
N GLY B 559 -21.56 -26.42 -0.77
CA GLY B 559 -22.34 -27.00 -1.85
C GLY B 559 -22.13 -28.49 -1.98
N ALA B 560 -20.88 -28.94 -2.00
CA ALA B 560 -20.59 -30.35 -2.26
C ALA B 560 -21.03 -31.23 -1.11
N ALA B 561 -20.93 -30.74 0.12
CA ALA B 561 -21.43 -31.52 1.25
C ALA B 561 -22.91 -31.77 1.11
N PHE B 562 -23.65 -30.82 0.55
CA PHE B 562 -25.08 -31.03 0.30
C PHE B 562 -25.30 -31.96 -0.88
N ALA B 563 -24.52 -31.78 -1.95
CA ALA B 563 -24.73 -32.58 -3.14
C ALA B 563 -24.43 -34.05 -2.92
N ASN B 564 -23.40 -34.37 -2.15
CA ASN B 564 -23.06 -35.76 -1.92
C ASN B 564 -24.09 -36.49 -1.08
N THR B 565 -25.21 -35.86 -0.75
CA THR B 565 -26.35 -36.54 -0.17
C THR B 565 -27.40 -36.92 -1.19
N TRP B 566 -27.29 -36.41 -2.42
CA TRP B 566 -28.30 -36.62 -3.45
C TRP B 566 -27.78 -37.45 -4.62
N LYS B 567 -26.65 -38.13 -4.46
CA LYS B 567 -26.17 -39.00 -5.51
C LYS B 567 -27.16 -40.12 -5.77
N ALA B 568 -27.27 -40.53 -7.03
CA ALA B 568 -28.15 -41.65 -7.33
C ALA B 568 -27.56 -42.96 -6.83
N GLN B 569 -26.29 -43.23 -7.11
CA GLN B 569 -25.67 -44.51 -6.83
C GLN B 569 -24.71 -44.38 -5.66
N ALA B 570 -24.83 -45.29 -4.68
CA ALA B 570 -23.92 -45.30 -3.55
C ALA B 570 -22.47 -45.49 -3.97
N ALA B 571 -22.23 -46.09 -5.14
CA ALA B 571 -20.87 -46.37 -5.59
C ALA B 571 -20.19 -45.15 -6.21
N CYS B 572 -20.89 -44.03 -6.33
CA CYS B 572 -20.28 -42.86 -6.93
C CYS B 572 -19.22 -42.28 -5.99
N ALA B 573 -18.40 -41.40 -6.55
CA ALA B 573 -17.37 -40.73 -5.79
C ALA B 573 -17.88 -39.39 -5.30
N ASN B 574 -17.70 -39.13 -4.01
CA ASN B 574 -18.18 -37.89 -3.41
C ASN B 574 -17.53 -36.69 -4.07
N ALA B 575 -18.32 -35.64 -4.27
CA ALA B 575 -17.78 -34.39 -4.78
C ALA B 575 -16.88 -33.75 -3.74
N ARG B 576 -15.95 -32.93 -4.21
CA ARG B 576 -15.00 -32.26 -3.34
C ARG B 576 -15.04 -30.77 -3.59
N ASN B 577 -14.58 -30.00 -2.61
CA ASN B 577 -14.58 -28.55 -2.74
C ASN B 577 -13.32 -28.09 -3.45
N SER B 578 -13.49 -27.15 -4.39
CA SER B 578 -12.42 -26.71 -5.27
C SER B 578 -12.10 -25.24 -5.00
N PHE B 579 -10.83 -24.97 -4.69
CA PHE B 579 -10.34 -23.60 -4.54
C PHE B 579 -9.40 -23.22 -5.67
N GLU B 580 -8.83 -24.21 -6.34
CA GLU B 580 -7.85 -23.97 -7.39
C GLU B 580 -8.51 -23.28 -8.57
N ASP B 581 -8.22 -22.00 -8.75
CA ASP B 581 -8.71 -21.28 -9.90
C ASP B 581 -8.00 -21.78 -11.14
N PRO B 582 -8.73 -22.29 -12.14
CA PRO B 582 -8.07 -22.69 -13.39
C PRO B 582 -7.42 -21.54 -14.10
N CYS B 583 -7.78 -20.31 -13.73
CA CYS B 583 -7.25 -19.14 -14.39
C CYS B 583 -5.76 -18.94 -14.10
N SER B 584 -5.31 -19.33 -12.91
CA SER B 584 -3.94 -19.10 -12.49
C SER B 584 -2.92 -19.96 -13.24
N LEU B 585 -3.37 -20.94 -14.02
CA LEU B 585 -2.43 -21.90 -14.58
C LEU B 585 -1.72 -21.36 -15.82
N SER B 586 -2.47 -21.05 -16.87
CA SER B 586 -1.90 -20.65 -18.15
C SER B 586 -2.13 -19.17 -18.39
N VAL B 587 -1.07 -18.44 -18.74
CA VAL B 587 -1.19 -17.01 -18.91
C VAL B 587 -1.99 -16.67 -20.17
N GLU B 588 -1.79 -17.42 -21.26
CA GLU B 588 -2.57 -17.14 -22.47
C GLU B 588 -4.04 -17.45 -22.25
N ASN B 589 -4.34 -18.52 -21.51
CA ASN B 589 -5.72 -18.77 -21.08
C ASN B 589 -6.25 -17.58 -20.32
N GLU B 590 -5.44 -17.01 -19.43
CA GLU B 590 -5.85 -15.84 -18.66
C GLU B 590 -6.22 -14.69 -19.58
N ASN B 591 -5.32 -14.32 -20.47
CA ASN B 591 -5.57 -13.16 -21.32
C ASN B 591 -6.79 -13.39 -22.20
N TYR B 592 -6.91 -14.59 -22.77
CA TYR B 592 -8.04 -14.89 -23.65
C TYR B 592 -9.36 -14.78 -22.88
N ALA B 593 -9.43 -15.48 -21.74
CA ALA B 593 -10.65 -15.53 -20.95
C ALA B 593 -11.03 -14.16 -20.45
N ARG B 594 -10.07 -13.39 -19.94
CA ARG B 594 -10.37 -12.05 -19.46
C ARG B 594 -10.87 -11.18 -20.60
N HIS B 595 -10.11 -11.14 -21.70
CA HIS B 595 -10.46 -10.25 -22.79
C HIS B 595 -11.85 -10.55 -23.34
N TRP B 596 -12.31 -11.80 -23.24
CA TRP B 596 -13.65 -12.05 -23.77
C TRP B 596 -14.74 -12.01 -22.72
N CYS B 597 -14.57 -12.70 -21.59
CA CYS B 597 -15.57 -12.69 -20.54
C CYS B 597 -15.77 -11.31 -19.94
N SER B 598 -14.85 -10.38 -20.14
CA SER B 598 -15.09 -9.02 -19.68
C SER B 598 -16.28 -8.37 -20.37
N ARG B 599 -16.71 -8.91 -21.51
CA ARG B 599 -17.86 -8.35 -22.21
C ARG B 599 -19.12 -8.39 -21.36
N LEU B 600 -19.15 -9.24 -20.34
CA LEU B 600 -20.33 -9.29 -19.47
C LEU B 600 -20.49 -7.99 -18.70
N THR B 601 -19.43 -7.53 -18.04
CA THR B 601 -19.52 -6.41 -17.12
C THR B 601 -19.30 -5.06 -17.80
N ASP B 602 -19.08 -5.04 -19.10
CA ASP B 602 -18.87 -3.79 -19.81
C ASP B 602 -20.17 -2.99 -19.84
N PRO B 603 -20.21 -1.78 -19.29
CA PRO B 603 -21.44 -0.98 -19.35
C PRO B 603 -21.79 -0.50 -20.74
N ASN B 604 -20.86 -0.55 -21.69
CA ASN B 604 -21.15 -0.21 -23.07
C ASN B 604 -21.55 -1.42 -23.90
N SER B 605 -21.45 -2.63 -23.34
CA SER B 605 -21.65 -3.85 -24.08
C SER B 605 -23.14 -4.08 -24.36
N ALA B 606 -23.41 -5.03 -25.25
CA ALA B 606 -24.78 -5.41 -25.55
C ALA B 606 -25.50 -5.94 -24.32
N PHE B 607 -24.81 -6.68 -23.46
CA PHE B 607 -25.40 -7.23 -22.26
C PHE B 607 -25.80 -6.16 -21.25
N SER B 608 -25.29 -4.94 -21.40
CA SER B 608 -25.44 -3.92 -20.37
C SER B 608 -26.90 -3.68 -19.99
N ARG B 609 -27.81 -3.82 -20.96
CA ARG B 609 -29.22 -3.56 -20.70
C ARG B 609 -29.75 -4.39 -19.55
N CYS B 610 -29.21 -5.57 -19.31
CA CYS B 610 -29.69 -6.44 -18.26
C CYS B 610 -29.00 -6.19 -16.92
N HIS B 611 -27.94 -5.38 -16.90
CA HIS B 611 -27.19 -5.18 -15.67
C HIS B 611 -28.06 -4.60 -14.57
N SER B 612 -28.98 -3.71 -14.92
CA SER B 612 -29.86 -3.08 -13.93
C SER B 612 -30.93 -4.02 -13.41
N ILE B 613 -30.93 -5.29 -13.82
CA ILE B 613 -31.90 -6.27 -13.37
C ILE B 613 -31.23 -7.50 -12.76
N ILE B 614 -30.29 -8.09 -13.48
CA ILE B 614 -29.53 -9.26 -13.02
C ILE B 614 -28.10 -8.84 -12.78
N ASN B 615 -27.61 -9.09 -11.58
CA ASN B 615 -26.21 -8.77 -11.27
C ASN B 615 -25.31 -9.73 -12.01
N PRO B 616 -24.44 -9.24 -12.90
CA PRO B 616 -23.64 -10.14 -13.75
C PRO B 616 -22.38 -10.69 -13.12
N LYS B 617 -22.11 -10.41 -11.84
CA LYS B 617 -20.88 -10.90 -11.23
C LYS B 617 -20.81 -12.42 -11.16
N PRO B 618 -21.85 -13.15 -10.69
CA PRO B 618 -21.75 -14.62 -10.73
C PRO B 618 -21.57 -15.15 -12.15
N PHE B 619 -22.21 -14.51 -13.12
CA PHE B 619 -22.04 -14.94 -14.51
C PHE B 619 -20.61 -14.70 -14.97
N HIS B 620 -20.00 -13.59 -14.58
CA HIS B 620 -18.60 -13.37 -14.92
C HIS B 620 -17.70 -14.40 -14.26
N SER B 621 -17.96 -14.73 -13.00
CA SER B 621 -17.17 -15.76 -12.34
C SER B 621 -17.32 -17.09 -13.04
N ASN B 622 -18.54 -17.43 -13.45
CA ASN B 622 -18.76 -18.65 -14.22
C ASN B 622 -17.98 -18.62 -15.52
N CYS B 623 -18.03 -17.51 -16.26
CA CYS B 623 -17.32 -17.43 -17.53
C CYS B 623 -15.83 -17.59 -17.32
N MET B 624 -15.28 -16.91 -16.31
CA MET B 624 -13.87 -17.05 -16.00
C MET B 624 -13.50 -18.49 -15.72
N PHE B 625 -14.22 -19.12 -14.78
CA PHE B 625 -13.88 -20.48 -14.38
C PHE B 625 -13.99 -21.42 -15.56
N ASP B 626 -15.10 -21.37 -16.29
CA ASP B 626 -15.30 -22.23 -17.44
C ASP B 626 -14.15 -22.06 -18.44
N THR B 627 -13.97 -20.85 -18.95
CA THR B 627 -13.01 -20.65 -20.02
C THR B 627 -11.60 -21.02 -19.58
N CYS B 628 -11.20 -20.64 -18.37
CA CYS B 628 -9.88 -20.99 -17.89
C CYS B 628 -9.75 -22.50 -17.70
N ASN B 629 -10.86 -23.21 -17.51
CA ASN B 629 -10.78 -24.64 -17.29
C ASN B 629 -11.20 -25.47 -18.50
N CYS B 630 -11.99 -24.91 -19.41
CA CYS B 630 -12.55 -25.67 -20.52
C CYS B 630 -11.47 -26.05 -21.52
N GLU B 631 -11.55 -27.28 -22.03
CA GLU B 631 -10.61 -27.70 -23.06
C GLU B 631 -10.85 -26.96 -24.37
N ARG B 632 -12.11 -26.91 -24.81
CA ARG B 632 -12.49 -26.06 -25.94
C ARG B 632 -13.05 -24.78 -25.32
N SER B 633 -12.14 -23.96 -24.81
CA SER B 633 -12.55 -22.84 -23.97
C SER B 633 -13.48 -21.89 -24.72
N GLU B 634 -13.44 -21.90 -26.05
CA GLU B 634 -14.45 -21.19 -26.80
C GLU B 634 -15.85 -21.73 -26.50
N ASP B 635 -15.98 -23.05 -26.45
CA ASP B 635 -17.28 -23.66 -26.19
C ASP B 635 -17.85 -23.19 -24.85
N CYS B 636 -17.04 -23.26 -23.80
CA CYS B 636 -17.52 -22.88 -22.48
C CYS B 636 -17.72 -21.37 -22.36
N LEU B 637 -16.88 -20.59 -23.04
CA LEU B 637 -17.09 -19.15 -23.07
C LEU B 637 -18.44 -18.80 -23.68
N CYS B 638 -18.71 -19.33 -24.87
CA CYS B 638 -19.99 -19.06 -25.50
C CYS B 638 -21.14 -19.64 -24.71
N ALA B 639 -20.91 -20.76 -24.02
CA ALA B 639 -21.96 -21.32 -23.18
C ALA B 639 -22.30 -20.38 -22.02
N ALA B 640 -21.28 -19.78 -21.41
CA ALA B 640 -21.54 -18.88 -20.30
C ALA B 640 -22.24 -17.61 -20.77
N LEU B 641 -21.81 -17.07 -21.92
CA LEU B 641 -22.49 -15.89 -22.44
C LEU B 641 -23.94 -16.21 -22.81
N SER B 642 -24.16 -17.37 -23.42
CA SER B 642 -25.52 -17.80 -23.72
C SER B 642 -26.33 -17.96 -22.46
N SER B 643 -25.72 -18.48 -21.40
CA SER B 643 -26.43 -18.66 -20.14
C SER B 643 -26.87 -17.32 -19.57
N TYR B 644 -25.98 -16.33 -19.61
CA TYR B 644 -26.37 -15.01 -19.11
C TYR B 644 -27.48 -14.42 -19.97
N VAL B 645 -27.37 -14.56 -21.28
CA VAL B 645 -28.40 -14.04 -22.17
C VAL B 645 -29.73 -14.70 -21.87
N HIS B 646 -29.73 -16.01 -21.68
CA HIS B 646 -30.98 -16.72 -21.45
C HIS B 646 -31.58 -16.36 -20.10
N ALA B 647 -30.76 -16.21 -19.07
CA ALA B 647 -31.29 -15.79 -17.78
C ALA B 647 -31.91 -14.40 -17.88
N CYS B 648 -31.27 -13.51 -18.61
CA CYS B 648 -31.83 -12.17 -18.78
C CYS B 648 -33.14 -12.20 -19.55
N ALA B 649 -33.22 -13.05 -20.58
CA ALA B 649 -34.48 -13.20 -21.29
C ALA B 649 -35.55 -13.81 -20.41
N ALA B 650 -35.15 -14.66 -19.47
CA ALA B 650 -36.09 -15.18 -18.48
C ALA B 650 -36.63 -14.05 -17.62
N LYS B 651 -35.78 -13.12 -17.21
CA LYS B 651 -36.28 -11.99 -16.45
C LYS B 651 -37.12 -11.03 -17.28
N GLY B 652 -37.00 -11.07 -18.60
CA GLY B 652 -37.82 -10.23 -19.44
C GLY B 652 -37.06 -9.16 -20.20
N VAL B 653 -35.82 -9.45 -20.58
CA VAL B 653 -34.98 -8.54 -21.36
C VAL B 653 -34.59 -9.24 -22.65
N GLN B 654 -34.67 -8.52 -23.77
CA GLN B 654 -34.39 -9.09 -25.08
C GLN B 654 -33.03 -8.61 -25.57
N LEU B 655 -32.00 -9.36 -25.21
CA LEU B 655 -30.66 -9.08 -25.70
C LEU B 655 -30.52 -9.60 -27.12
N SER B 656 -30.06 -8.74 -28.03
CA SER B 656 -29.93 -9.09 -29.44
C SER B 656 -28.59 -8.61 -29.96
N ASP B 657 -28.11 -9.29 -31.01
CA ASP B 657 -26.87 -8.93 -31.70
C ASP B 657 -25.69 -8.85 -30.74
N TRP B 658 -25.58 -9.83 -29.85
CA TRP B 658 -24.52 -9.81 -28.86
C TRP B 658 -23.28 -10.60 -29.26
N ARG B 659 -23.27 -11.22 -30.45
CA ARG B 659 -22.15 -12.07 -30.85
C ARG B 659 -21.23 -11.38 -31.84
N ASP B 660 -20.98 -10.09 -31.63
CA ASP B 660 -20.07 -9.33 -32.48
C ASP B 660 -18.66 -9.89 -32.43
N GLY B 661 -18.21 -10.48 -33.52
CA GLY B 661 -16.85 -11.00 -33.59
C GLY B 661 -16.56 -12.10 -32.58
N VAL B 662 -17.61 -12.73 -32.04
CA VAL B 662 -17.45 -13.75 -31.01
C VAL B 662 -18.52 -14.81 -31.22
N CYS B 663 -18.12 -16.08 -31.08
CA CYS B 663 -19.04 -17.21 -31.14
C CYS B 663 -19.77 -17.29 -32.48
N THR B 664 -19.15 -16.83 -33.56
CA THR B 664 -19.81 -16.83 -34.86
C THR B 664 -19.78 -18.20 -35.53
N LYS B 665 -18.92 -19.11 -35.07
CA LYS B 665 -18.95 -20.46 -35.60
C LYS B 665 -20.27 -21.15 -35.30
N TYR B 666 -21.05 -20.61 -34.36
CA TYR B 666 -22.40 -21.09 -34.13
C TYR B 666 -23.43 -20.49 -35.06
N MET B 667 -23.15 -19.32 -35.66
CA MET B 667 -23.91 -18.95 -36.84
C MET B 667 -23.62 -19.90 -38.00
N GLN B 668 -22.33 -20.10 -38.31
CA GLN B 668 -22.03 -20.70 -39.60
C GLN B 668 -22.41 -22.18 -39.68
N ASN B 669 -22.36 -22.92 -38.57
CA ASN B 669 -22.56 -24.36 -38.61
C ASN B 669 -24.02 -24.77 -38.77
N CYS B 670 -24.91 -23.84 -39.12
CA CYS B 670 -26.32 -24.15 -39.19
C CYS B 670 -26.61 -25.21 -40.26
N PRO B 671 -27.60 -26.07 -40.03
CA PRO B 671 -28.02 -27.00 -41.08
C PRO B 671 -28.52 -26.25 -42.29
N LYS B 672 -28.38 -26.87 -43.46
CA LYS B 672 -28.74 -26.20 -44.70
C LYS B 672 -30.22 -25.86 -44.70
N SER B 673 -30.56 -24.76 -45.37
CA SER B 673 -31.89 -24.19 -45.48
C SER B 673 -32.37 -23.54 -44.19
N GLN B 674 -31.58 -23.56 -43.13
CA GLN B 674 -31.91 -22.90 -41.88
C GLN B 674 -30.96 -21.73 -41.64
N ARG B 675 -31.40 -20.81 -40.78
CA ARG B 675 -30.57 -19.68 -40.42
C ARG B 675 -30.66 -19.44 -38.93
N TYR B 676 -29.63 -18.81 -38.38
CA TYR B 676 -29.64 -18.44 -36.98
C TYR B 676 -30.75 -17.43 -36.71
N ALA B 677 -31.19 -17.40 -35.46
CA ALA B 677 -32.19 -16.45 -35.01
C ALA B 677 -31.94 -16.16 -33.54
N TYR B 678 -31.86 -14.87 -33.21
CA TYR B 678 -31.55 -14.43 -31.87
C TYR B 678 -32.75 -14.56 -30.94
N VAL B 679 -33.95 -14.47 -31.48
CA VAL B 679 -35.18 -14.54 -30.70
C VAL B 679 -36.06 -15.59 -31.38
N VAL B 680 -36.09 -16.79 -30.80
CA VAL B 680 -37.10 -17.79 -31.12
C VAL B 680 -38.05 -17.79 -29.92
N ASP B 681 -39.17 -17.08 -30.05
CA ASP B 681 -40.00 -16.76 -28.90
C ASP B 681 -41.20 -17.68 -28.79
N ALA B 682 -41.32 -18.64 -29.70
CA ALA B 682 -42.49 -19.49 -29.73
C ALA B 682 -42.23 -20.65 -30.68
N CYS B 683 -43.32 -21.13 -31.25
CA CYS B 683 -43.44 -22.29 -32.11
C CYS B 683 -42.37 -22.31 -33.19
N GLN B 684 -41.91 -23.51 -33.56
CA GLN B 684 -41.23 -23.70 -34.84
C GLN B 684 -42.28 -23.84 -35.93
N PRO B 685 -42.31 -22.97 -36.93
CA PRO B 685 -43.37 -23.05 -37.94
C PRO B 685 -43.22 -24.26 -38.85
N THR B 686 -44.14 -25.19 -38.74
CA THR B 686 -44.13 -26.41 -39.54
C THR B 686 -45.26 -26.39 -40.55
N CYS B 687 -45.03 -27.06 -41.68
CA CYS B 687 -46.05 -27.16 -42.71
C CYS B 687 -47.21 -28.05 -42.26
N ARG B 688 -46.89 -29.16 -41.60
CA ARG B 688 -47.94 -30.01 -41.05
C ARG B 688 -48.86 -29.23 -40.13
N GLY B 689 -48.28 -28.35 -39.30
CA GLY B 689 -49.09 -27.58 -38.37
C GLY B 689 -50.04 -26.64 -39.08
N LEU B 690 -49.55 -25.93 -40.09
CA LEU B 690 -50.44 -25.05 -40.83
C LEU B 690 -51.46 -25.85 -41.62
N SER B 691 -51.20 -27.13 -41.84
CA SER B 691 -52.23 -27.98 -42.43
C SER B 691 -53.27 -28.40 -41.39
N GLU B 692 -52.84 -28.97 -40.27
CA GLU B 692 -53.79 -29.62 -39.37
C GLU B 692 -53.52 -29.30 -37.90
N ALA B 693 -53.03 -28.10 -37.59
CA ALA B 693 -52.78 -27.67 -36.22
C ALA B 693 -51.71 -28.52 -35.53
N ASP B 694 -51.44 -28.20 -34.26
CA ASP B 694 -50.27 -28.75 -33.58
C ASP B 694 -50.40 -28.58 -32.08
N VAL B 695 -50.49 -29.69 -31.35
CA VAL B 695 -50.54 -29.63 -29.90
C VAL B 695 -49.19 -29.28 -29.32
N THR B 696 -48.10 -29.54 -30.06
CA THR B 696 -46.76 -29.19 -29.61
C THR B 696 -46.63 -27.69 -29.39
N CYS B 697 -47.31 -26.90 -30.20
CA CYS B 697 -46.97 -25.52 -30.48
C CYS B 697 -47.80 -24.51 -29.65
N SER B 698 -48.47 -24.96 -28.59
CA SER B 698 -49.16 -24.06 -27.68
C SER B 698 -48.50 -24.03 -26.31
N VAL B 699 -47.17 -24.01 -26.27
CA VAL B 699 -46.40 -24.06 -25.03
C VAL B 699 -45.63 -22.77 -24.87
N SER B 700 -45.74 -22.15 -23.70
CA SER B 700 -45.04 -20.91 -23.40
C SER B 700 -43.70 -21.24 -22.78
N PHE B 701 -42.62 -20.91 -23.49
CA PHE B 701 -41.27 -21.09 -22.98
C PHE B 701 -40.52 -19.78 -23.15
N VAL B 702 -39.57 -19.55 -22.25
CA VAL B 702 -38.80 -18.30 -22.33
C VAL B 702 -38.05 -18.27 -23.66
N PRO B 703 -38.07 -17.16 -24.40
CA PRO B 703 -37.56 -17.17 -25.76
C PRO B 703 -36.07 -17.49 -25.83
N VAL B 704 -35.75 -18.62 -26.44
CA VAL B 704 -34.38 -19.05 -26.58
C VAL B 704 -33.92 -18.73 -28.00
N ASP B 705 -32.61 -18.83 -28.20
CA ASP B 705 -31.99 -18.55 -29.48
C ASP B 705 -31.66 -19.86 -30.19
N GLY B 706 -31.35 -19.76 -31.47
CA GLY B 706 -30.86 -20.92 -32.17
C GLY B 706 -31.19 -20.87 -33.66
N CYS B 707 -30.86 -21.95 -34.34
CA CYS B 707 -31.09 -22.06 -35.77
C CYS B 707 -32.52 -22.48 -36.02
N THR B 708 -33.17 -21.82 -36.96
CA THR B 708 -34.57 -22.05 -37.27
C THR B 708 -34.79 -21.71 -38.73
N CYS B 709 -35.87 -22.23 -39.29
CA CYS B 709 -36.30 -21.79 -40.61
C CYS B 709 -36.64 -20.31 -40.56
N PRO B 710 -36.33 -19.57 -41.61
CA PRO B 710 -36.68 -18.14 -41.64
C PRO B 710 -38.18 -17.95 -41.69
N ALA B 711 -38.61 -16.77 -41.24
CA ALA B 711 -40.03 -16.48 -41.12
C ALA B 711 -40.72 -16.56 -42.47
N GLY B 712 -41.99 -16.99 -42.45
CA GLY B 712 -42.75 -17.18 -43.66
C GLY B 712 -42.44 -18.46 -44.41
N THR B 713 -41.45 -19.22 -43.96
CA THR B 713 -41.07 -20.47 -44.60
C THR B 713 -41.30 -21.61 -43.62
N PHE B 714 -41.49 -22.81 -44.16
CA PHE B 714 -41.81 -23.97 -43.33
C PHE B 714 -40.97 -25.14 -43.78
N LEU B 715 -40.75 -26.08 -42.86
CA LEU B 715 -40.00 -27.28 -43.15
C LEU B 715 -40.95 -28.41 -43.47
N ASN B 716 -40.72 -29.10 -44.58
CA ASN B 716 -41.55 -30.22 -44.97
C ASN B 716 -41.08 -31.46 -44.21
N ASP B 717 -41.76 -32.58 -44.45
CA ASP B 717 -41.43 -33.80 -43.74
C ASP B 717 -40.01 -34.26 -44.05
N ALA B 718 -39.46 -33.84 -45.19
CA ALA B 718 -38.09 -34.18 -45.52
C ALA B 718 -37.08 -33.43 -44.67
N GLY B 719 -37.51 -32.40 -43.94
CA GLY B 719 -36.64 -31.60 -43.12
C GLY B 719 -36.10 -30.36 -43.80
N ALA B 720 -36.17 -30.29 -45.13
CA ALA B 720 -35.72 -29.10 -45.84
C ALA B 720 -36.71 -27.95 -45.64
N CYS B 721 -36.24 -26.73 -45.86
CA CYS B 721 -37.05 -25.55 -45.68
C CYS B 721 -37.49 -25.00 -47.04
N VAL B 722 -38.80 -24.88 -47.23
CA VAL B 722 -39.38 -24.32 -48.44
C VAL B 722 -40.46 -23.31 -48.04
N PRO B 723 -40.76 -22.37 -48.92
CA PRO B 723 -41.88 -21.45 -48.65
C PRO B 723 -43.21 -22.21 -48.62
N ALA B 724 -44.27 -21.47 -48.27
CA ALA B 724 -45.57 -22.10 -48.12
C ALA B 724 -46.09 -22.68 -49.43
N GLN B 725 -45.80 -22.03 -50.55
CA GLN B 725 -46.32 -22.48 -51.84
C GLN B 725 -45.79 -23.86 -52.24
N GLU B 726 -44.60 -24.24 -51.79
CA GLU B 726 -44.02 -25.50 -52.17
C GLU B 726 -44.44 -26.65 -51.27
N CYS B 727 -45.36 -26.43 -50.36
CA CYS B 727 -45.58 -27.49 -49.40
C CYS B 727 -47.00 -28.04 -49.47
N PRO B 728 -47.16 -29.36 -49.47
CA PRO B 728 -48.49 -29.94 -49.61
C PRO B 728 -49.35 -29.78 -48.37
N CYS B 729 -50.66 -29.78 -48.60
CA CYS B 729 -51.61 -29.84 -47.50
C CYS B 729 -51.93 -31.29 -47.16
N TYR B 730 -51.98 -31.60 -45.87
CA TYR B 730 -52.12 -32.97 -45.40
C TYR B 730 -53.55 -33.21 -44.95
N ALA B 731 -54.27 -34.04 -45.69
CA ALA B 731 -55.62 -34.46 -45.36
C ALA B 731 -55.59 -35.94 -45.01
N HIS B 732 -56.09 -36.27 -43.81
CA HIS B 732 -56.04 -37.63 -43.26
C HIS B 732 -54.62 -38.16 -43.21
N GLY B 733 -53.63 -37.27 -43.17
CA GLY B 733 -52.26 -37.69 -43.29
C GLY B 733 -51.81 -38.03 -44.70
N THR B 734 -52.62 -37.74 -45.70
CA THR B 734 -52.26 -38.01 -47.08
C THR B 734 -51.68 -36.76 -47.75
N VAL B 735 -50.55 -36.94 -48.41
CA VAL B 735 -49.88 -35.83 -49.07
C VAL B 735 -50.73 -35.39 -50.27
N LEU B 736 -50.88 -34.07 -50.43
CA LEU B 736 -51.68 -33.51 -51.51
C LEU B 736 -50.95 -32.26 -52.00
N ALA B 737 -50.41 -32.33 -53.21
CA ALA B 737 -49.50 -31.30 -53.71
C ALA B 737 -50.21 -29.95 -53.80
N PRO B 738 -49.47 -28.85 -53.63
CA PRO B 738 -50.10 -27.53 -53.63
C PRO B 738 -50.70 -27.18 -54.99
N GLY B 739 -51.74 -26.37 -54.95
CA GLY B 739 -52.39 -25.94 -56.18
C GLY B 739 -53.01 -27.08 -56.96
N GLU B 740 -53.65 -28.01 -56.26
CA GLU B 740 -54.33 -29.13 -56.88
C GLU B 740 -55.72 -29.25 -56.29
N VAL B 741 -56.72 -29.46 -57.14
CA VAL B 741 -58.10 -29.66 -56.72
C VAL B 741 -58.42 -31.14 -56.83
N VAL B 742 -58.93 -31.73 -55.76
CA VAL B 742 -59.21 -33.16 -55.72
C VAL B 742 -60.65 -33.38 -55.28
N HIS B 743 -61.16 -34.54 -55.69
CA HIS B 743 -62.48 -35.02 -55.32
C HIS B 743 -62.34 -35.90 -54.09
N ASP B 744 -63.12 -35.59 -53.05
CA ASP B 744 -63.07 -36.40 -51.84
C ASP B 744 -64.40 -36.29 -51.13
N GLU B 745 -65.07 -37.42 -50.93
CA GLU B 745 -66.33 -37.47 -50.18
C GLU B 745 -67.38 -36.56 -50.77
N GLY B 746 -67.57 -36.64 -52.09
CA GLY B 746 -68.53 -35.78 -52.75
C GLY B 746 -68.20 -34.31 -52.65
N ALA B 747 -66.97 -33.97 -52.27
CA ALA B 747 -66.56 -32.61 -52.03
C ALA B 747 -65.39 -32.26 -52.94
N VAL B 748 -65.23 -30.98 -53.22
CA VAL B 748 -64.17 -30.49 -54.08
C VAL B 748 -63.22 -29.65 -53.23
N CYS B 749 -61.97 -30.09 -53.12
CA CYS B 749 -61.01 -29.43 -52.25
C CYS B 749 -59.78 -29.02 -53.05
N SER B 750 -58.96 -28.17 -52.43
CA SER B 750 -57.77 -27.66 -53.06
C SER B 750 -56.68 -27.40 -52.03
N CYS B 751 -55.45 -27.64 -52.42
CA CYS B 751 -54.26 -27.38 -51.62
C CYS B 751 -53.68 -26.06 -52.12
N THR B 752 -54.10 -24.96 -51.51
CA THR B 752 -53.64 -23.64 -51.89
C THR B 752 -52.54 -23.21 -50.93
N GLY B 753 -51.32 -23.13 -51.43
CA GLY B 753 -50.21 -22.57 -50.67
C GLY B 753 -49.97 -23.22 -49.33
N GLY B 754 -50.31 -24.50 -49.19
CA GLY B 754 -50.14 -25.20 -47.94
C GLY B 754 -51.39 -25.35 -47.10
N LYS B 755 -52.41 -24.50 -47.29
CA LYS B 755 -53.67 -24.63 -46.58
C LYS B 755 -54.66 -25.39 -47.45
N LEU B 756 -55.43 -26.28 -46.83
CA LEU B 756 -56.43 -27.05 -47.55
C LEU B 756 -57.79 -26.38 -47.40
N SER B 757 -58.43 -26.10 -48.53
CA SER B 757 -59.73 -25.42 -48.55
C SER B 757 -60.68 -26.22 -49.42
N CYS B 758 -61.84 -26.57 -48.88
CA CYS B 758 -62.75 -27.48 -49.56
C CYS B 758 -64.19 -26.98 -49.48
N LEU B 759 -64.99 -27.39 -50.45
CA LEU B 759 -66.42 -27.04 -50.52
C LEU B 759 -67.21 -28.27 -50.90
N GLY B 760 -68.53 -28.15 -50.81
CA GLY B 760 -69.42 -29.24 -51.20
C GLY B 760 -69.92 -30.08 -50.03
N GLY C 1 20.25 45.61 46.17
CA GLY C 1 18.81 45.47 46.32
C GLY C 1 18.33 44.05 46.13
N CYS C 2 19.14 43.08 46.55
CA CYS C 2 18.83 41.67 46.39
C CYS C 2 18.73 41.05 47.78
N ALA C 3 18.44 39.75 47.84
CA ALA C 3 18.24 39.07 49.12
C ALA C 3 19.30 38.02 49.40
N ALA C 4 19.45 37.04 48.50
CA ALA C 4 20.44 35.99 48.68
C ALA C 4 21.84 36.55 48.43
N PRO C 5 22.90 35.83 48.89
CA PRO C 5 24.26 36.39 48.88
C PRO C 5 24.65 37.23 47.68
N MET C 6 24.10 36.91 46.51
CA MET C 6 24.34 37.73 45.32
C MET C 6 23.75 39.15 45.47
N VAL C 7 24.62 40.14 45.28
CA VAL C 7 24.30 41.55 45.52
C VAL C 7 24.30 42.31 44.20
N TYR C 8 23.65 43.47 44.16
CA TYR C 8 23.49 44.22 42.93
C TYR C 8 24.82 44.78 42.44
N LEU C 9 24.98 44.84 41.13
CA LEU C 9 26.08 45.51 40.47
C LEU C 9 25.53 46.47 39.44
N ASP C 10 25.99 47.72 39.50
CA ASP C 10 25.52 48.82 38.67
C ASP C 10 26.66 49.32 37.82
N CYS C 11 26.38 49.55 36.54
CA CYS C 11 27.40 50.00 35.59
C CYS C 11 27.56 51.52 35.54
N SER C 12 26.76 52.27 36.30
CA SER C 12 26.83 53.72 36.23
C SER C 12 28.19 54.23 36.72
N ASN C 13 28.70 53.67 37.82
CA ASN C 13 29.99 54.09 38.35
C ASN C 13 31.16 53.55 37.52
N SER C 14 31.08 52.30 37.08
CA SER C 14 32.19 51.69 36.35
C SER C 14 32.35 52.32 34.97
N SER C 15 33.59 52.38 34.51
CA SER C 15 33.86 52.83 33.15
C SER C 15 33.23 51.86 32.15
N ALA C 16 32.75 52.41 31.04
CA ALA C 16 31.96 51.62 30.10
C ALA C 16 32.76 50.45 29.55
N GLY C 17 32.16 49.26 29.59
CA GLY C 17 32.78 48.06 29.06
C GLY C 17 33.05 46.96 30.07
N THR C 18 32.78 47.15 31.37
CA THR C 18 33.05 46.11 32.34
C THR C 18 32.08 44.93 32.15
N PRO C 19 32.53 43.72 32.47
CA PRO C 19 31.63 42.56 32.38
C PRO C 19 30.56 42.60 33.46
N GLY C 20 29.33 42.92 33.08
CA GLY C 20 28.26 43.12 34.03
C GLY C 20 27.56 41.85 34.42
N ALA C 21 26.28 41.99 34.79
CA ALA C 21 25.50 40.83 35.22
C ALA C 21 25.34 39.82 34.09
N GLU C 22 25.41 40.27 32.84
CA GLU C 22 25.34 39.33 31.73
C GLU C 22 26.57 38.44 31.70
N CYS C 23 27.74 38.99 32.01
CA CYS C 23 28.96 38.20 32.10
C CYS C 23 29.17 37.69 33.52
N LEU C 24 28.11 37.09 34.04
CA LEU C 24 28.12 36.59 35.41
C LEU C 24 28.84 35.25 35.46
N ARG C 25 29.76 35.12 36.41
CA ARG C 25 30.43 33.83 36.61
C ARG C 25 29.37 32.77 36.92
N SER C 26 29.27 31.78 36.04
CA SER C 26 28.18 30.82 36.06
C SER C 26 28.72 29.43 35.80
N CYS C 27 27.88 28.44 36.07
CA CYS C 27 28.30 27.05 35.93
C CYS C 27 28.70 26.71 34.50
N HIS C 28 28.28 27.51 33.53
CA HIS C 28 28.72 27.34 32.14
C HIS C 28 29.73 28.38 31.69
N THR C 29 29.48 29.66 31.95
CA THR C 29 30.35 30.72 31.44
C THR C 29 31.56 30.95 32.32
N LEU C 30 31.69 30.21 33.42
CA LEU C 30 32.95 30.23 34.15
C LEU C 30 34.09 29.79 33.26
N ASP C 31 33.82 28.86 32.35
CA ASP C 31 34.86 28.24 31.56
C ASP C 31 35.09 28.92 30.22
N VAL C 32 34.05 29.13 29.43
CA VAL C 32 34.19 29.69 28.08
C VAL C 32 34.69 31.12 28.13
N GLY C 33 34.31 31.86 29.18
CA GLY C 33 34.66 33.26 29.27
C GLY C 33 33.66 34.10 28.51
N CYS C 34 33.08 35.08 29.17
CA CYS C 34 31.93 35.81 28.63
C CYS C 34 32.38 36.97 27.75
N PHE C 35 31.58 37.27 26.74
CA PHE C 35 31.81 38.39 25.84
C PHE C 35 30.61 39.32 25.89
N SER C 36 30.85 40.61 26.10
CA SER C 36 29.79 41.60 26.06
C SER C 36 30.40 42.99 26.01
N THR C 37 29.96 43.79 25.05
CA THR C 37 30.41 45.18 24.95
C THR C 37 29.52 46.14 25.73
N HIS C 38 28.42 45.67 26.31
CA HIS C 38 27.49 46.51 27.04
C HIS C 38 27.30 45.93 28.44
N CYS C 39 27.70 46.69 29.46
CA CYS C 39 27.46 46.26 30.82
C CYS C 39 25.97 46.35 31.13
N VAL C 40 25.48 45.41 31.93
CA VAL C 40 24.10 45.42 32.39
C VAL C 40 24.10 45.28 33.90
N SER C 41 23.22 46.05 34.56
CA SER C 41 23.14 46.03 36.01
C SER C 41 22.26 44.87 36.47
N GLY C 42 22.69 44.19 37.51
CA GLY C 42 21.93 43.05 38.01
C GLY C 42 22.63 42.45 39.20
N CYS C 43 21.94 41.51 39.84
CA CYS C 43 22.45 40.88 41.06
C CYS C 43 23.42 39.77 40.70
N VAL C 44 24.60 39.82 41.31
CA VAL C 44 25.73 38.97 40.99
C VAL C 44 26.33 38.42 42.27
N CYS C 45 26.70 37.14 42.27
CA CYS C 45 27.21 36.50 43.47
C CYS C 45 28.51 37.17 43.93
N PRO C 46 28.79 37.14 45.22
CA PRO C 46 30.03 37.73 45.72
C PRO C 46 31.23 36.93 45.23
N PRO C 47 32.41 37.56 45.16
CA PRO C 47 33.58 36.86 44.60
C PRO C 47 33.88 35.59 45.38
N GLY C 48 34.34 34.57 44.63
CA GLY C 48 34.59 33.26 45.18
C GLY C 48 33.51 32.24 44.89
N LEU C 49 32.36 32.68 44.38
CA LEU C 49 31.25 31.80 44.06
C LEU C 49 30.78 32.08 42.64
N VAL C 50 29.78 31.32 42.21
CA VAL C 50 29.06 31.53 40.98
C VAL C 50 27.58 31.41 41.28
N SER C 51 26.74 31.53 40.25
CA SER C 51 25.32 31.35 40.41
C SER C 51 24.89 30.00 39.81
N ASP C 52 23.77 29.50 40.30
CA ASP C 52 23.15 28.31 39.75
C ASP C 52 22.31 28.61 38.51
N GLY C 53 22.17 29.88 38.15
CA GLY C 53 21.26 30.30 37.10
C GLY C 53 19.87 30.60 37.56
N SER C 54 19.56 30.37 38.84
CA SER C 54 18.22 30.58 39.38
C SER C 54 18.22 31.59 40.53
N GLY C 55 19.33 32.29 40.74
CA GLY C 55 19.41 33.28 41.80
C GLY C 55 20.14 32.84 43.05
N GLY C 56 20.75 31.65 43.06
CA GLY C 56 21.53 31.18 44.17
C GLY C 56 23.02 31.45 43.98
N CYS C 57 23.79 31.06 45.00
CA CYS C 57 25.24 31.15 44.95
C CYS C 57 25.83 29.82 45.37
N ILE C 58 26.72 29.29 44.53
CA ILE C 58 27.32 27.97 44.72
C ILE C 58 28.81 28.08 44.48
N ALA C 59 29.60 27.32 45.23
CA ALA C 59 31.03 27.30 45.00
C ALA C 59 31.33 26.74 43.62
N GLU C 60 32.50 27.11 43.09
CA GLU C 60 32.90 26.72 41.74
C GLU C 60 33.23 25.24 41.63
N GLU C 61 33.38 24.53 42.74
CA GLU C 61 33.69 23.11 42.70
C GLU C 61 32.48 22.24 42.98
N ASP C 62 31.27 22.77 42.79
CA ASP C 62 30.06 21.96 42.90
C ASP C 62 29.05 22.32 41.81
N CYS C 63 29.50 22.97 40.74
CA CYS C 63 28.61 23.38 39.67
C CYS C 63 28.02 22.15 38.98
N PRO C 64 26.69 22.08 38.85
CA PRO C 64 26.09 20.90 38.22
C PRO C 64 26.55 20.71 36.79
N CYS C 65 26.71 19.45 36.40
CA CYS C 65 27.10 19.10 35.04
C CYS C 65 25.86 18.90 34.18
N VAL C 66 25.90 19.44 32.97
CA VAL C 66 24.78 19.41 32.04
C VAL C 66 25.11 18.46 30.90
N HIS C 67 24.21 17.52 30.63
CA HIS C 67 24.42 16.57 29.53
C HIS C 67 23.09 16.27 28.88
N ASN C 68 22.97 16.60 27.60
CA ASN C 68 21.79 16.28 26.78
C ASN C 68 20.54 16.94 27.35
N GLU C 69 20.61 18.26 27.54
CA GLU C 69 19.49 19.08 27.97
C GLU C 69 19.16 18.82 29.43
N ALA C 70 19.78 17.80 30.01
CA ALA C 70 19.57 17.51 31.42
C ALA C 70 20.53 18.31 32.27
N THR C 71 20.31 18.26 33.58
CA THR C 71 21.23 18.82 34.56
C THR C 71 21.40 17.81 35.68
N TYR C 72 22.64 17.56 36.07
CA TYR C 72 22.96 16.56 37.08
C TYR C 72 23.75 17.21 38.20
N LYS C 73 23.32 16.98 39.44
CA LYS C 73 24.09 17.45 40.58
C LYS C 73 25.36 16.62 40.72
N PRO C 74 26.42 17.21 41.28
CA PRO C 74 27.63 16.43 41.53
C PRO C 74 27.31 15.25 42.45
N GLY C 75 27.91 14.11 42.14
CA GLY C 75 27.57 12.86 42.78
C GLY C 75 26.59 12.01 42.01
N GLU C 76 26.10 12.49 40.86
CA GLU C 76 25.23 11.72 40.00
C GLU C 76 26.05 11.04 38.91
N THR C 77 25.58 9.88 38.47
CA THR C 77 26.24 9.13 37.42
C THR C 77 25.30 8.94 36.24
N ILE C 78 25.89 8.83 35.05
CA ILE C 78 25.14 8.59 33.83
C ILE C 78 25.82 7.47 33.07
N ARG C 79 25.08 6.85 32.16
CA ARG C 79 25.60 5.81 31.29
C ARG C 79 25.56 6.30 29.85
N VAL C 80 26.72 6.38 29.23
CA VAL C 80 26.84 6.72 27.81
C VAL C 80 27.37 5.48 27.09
N ASP C 81 26.62 5.05 26.07
CA ASP C 81 26.92 3.83 25.33
C ASP C 81 27.15 2.66 26.28
N CYS C 82 28.39 2.17 26.35
CA CYS C 82 28.72 1.01 27.15
C CYS C 82 29.45 1.38 28.43
N ASN C 83 29.74 2.66 28.66
CA ASN C 83 30.50 3.11 29.80
C ASN C 83 29.67 4.04 30.65
N THR C 84 30.17 4.34 31.84
CA THR C 84 29.48 5.18 32.81
C THR C 84 30.38 6.33 33.22
N CYS C 85 29.84 7.53 33.20
CA CYS C 85 30.53 8.72 33.64
C CYS C 85 29.91 9.21 34.95
N THR C 86 30.68 10.03 35.66
CA THR C 86 30.24 10.66 36.89
C THR C 86 30.64 12.13 36.86
N CYS C 87 29.79 12.98 37.41
CA CYS C 87 29.95 14.43 37.35
C CYS C 87 30.77 14.91 38.53
N ARG C 88 31.95 15.47 38.23
CA ARG C 88 32.82 16.03 39.26
C ARG C 88 33.51 17.27 38.72
N ASN C 89 33.44 18.36 39.49
CA ASN C 89 34.09 19.61 39.15
C ASN C 89 33.78 20.05 37.74
N ARG C 90 32.48 20.05 37.42
CA ARG C 90 31.97 20.41 36.10
C ARG C 90 32.62 19.59 34.99
N ARG C 91 32.81 18.29 35.23
CA ARG C 91 33.36 17.41 34.23
C ARG C 91 32.77 16.03 34.39
N TRP C 92 33.00 15.19 33.39
CA TRP C 92 32.60 13.79 33.43
C TRP C 92 33.84 12.92 33.44
N GLU C 93 33.97 12.09 34.47
CA GLU C 93 34.98 11.04 34.50
C GLU C 93 34.29 9.71 34.19
N CYS C 94 34.70 9.08 33.10
CA CYS C 94 34.04 7.89 32.59
C CYS C 94 34.97 6.70 32.68
N SER C 95 34.41 5.54 32.99
CA SER C 95 35.15 4.30 32.90
C SER C 95 35.68 4.14 31.47
N HIS C 96 36.81 3.46 31.35
CA HIS C 96 37.50 3.36 30.07
C HIS C 96 37.31 2.00 29.41
N ARG C 97 36.14 1.40 29.55
CA ARG C 97 35.85 0.16 28.85
C ARG C 97 35.63 0.44 27.37
N LEU C 98 36.20 -0.40 26.52
CA LEU C 98 35.96 -0.28 25.09
C LEU C 98 34.51 -0.60 24.77
N CYS C 99 33.99 0.04 23.72
CA CYS C 99 32.62 -0.14 23.27
C CYS C 99 32.60 -0.67 21.85
N LEU C 100 31.71 -1.62 21.59
CA LEU C 100 31.64 -2.27 20.29
C LEU C 100 31.19 -1.29 19.21
N GLY C 101 31.89 -1.28 18.08
CA GLY C 101 31.42 -0.54 16.93
C GLY C 101 30.14 -1.15 16.39
N THR C 102 29.31 -0.31 15.78
CA THR C 102 27.99 -0.73 15.36
C THR C 102 27.71 -0.27 13.93
N CYS C 103 27.34 -1.22 13.09
CA CYS C 103 26.83 -0.97 11.76
C CYS C 103 25.36 -1.34 11.72
N VAL C 104 24.56 -0.58 11.00
CA VAL C 104 23.13 -0.83 10.93
C VAL C 104 22.70 -0.78 9.47
N ALA C 105 22.14 -1.88 8.99
CA ALA C 105 21.68 -1.99 7.60
C ALA C 105 20.21 -2.37 7.65
N TYR C 106 19.31 -1.43 7.37
CA TYR C 106 17.90 -1.71 7.58
C TYR C 106 17.05 -1.00 6.54
N GLY C 107 15.75 -1.27 6.60
CA GLY C 107 14.76 -0.58 5.80
C GLY C 107 14.90 -0.84 4.32
N ASP C 108 14.49 0.16 3.53
CA ASP C 108 14.62 0.11 2.08
C ASP C 108 16.04 0.32 1.62
N GLY C 109 17.00 0.29 2.53
CA GLY C 109 18.39 0.39 2.14
C GLY C 109 19.16 1.41 2.92
N HIS C 110 18.61 1.90 4.02
CA HIS C 110 19.39 2.81 4.85
C HIS C 110 20.55 2.06 5.48
N PHE C 111 21.71 2.70 5.51
CA PHE C 111 22.87 2.19 6.22
C PHE C 111 23.43 3.27 7.14
N ILE C 112 23.83 2.84 8.32
CA ILE C 112 24.58 3.65 9.28
C ILE C 112 25.86 2.87 9.53
N THR C 113 26.95 3.27 8.88
CA THR C 113 28.16 2.47 8.96
C THR C 113 28.77 2.56 10.35
N PHE C 114 29.93 1.91 10.49
CA PHE C 114 30.59 1.83 11.79
C PHE C 114 31.02 3.21 12.27
N ASP C 115 31.53 4.03 11.37
CA ASP C 115 32.04 5.36 11.69
C ASP C 115 30.95 6.39 11.86
N GLY C 116 29.69 5.98 11.91
CA GLY C 116 28.59 6.89 12.16
C GLY C 116 28.02 7.57 10.93
N ASP C 117 28.58 7.34 9.75
CA ASP C 117 28.00 7.92 8.55
C ASP C 117 26.66 7.27 8.23
N ARG C 118 25.79 8.05 7.60
CA ARG C 118 24.46 7.57 7.23
C ARG C 118 24.23 7.82 5.75
N TYR C 119 23.62 6.85 5.08
CA TYR C 119 23.25 7.05 3.69
C TYR C 119 22.18 6.03 3.32
N SER C 120 21.68 6.14 2.10
CA SER C 120 20.62 5.27 1.59
C SER C 120 21.04 4.72 0.25
N PHE C 121 20.87 3.42 0.07
CA PHE C 121 21.26 2.76 -1.16
C PHE C 121 20.29 1.62 -1.43
N GLU C 122 19.59 1.69 -2.56
CA GLU C 122 18.62 0.68 -2.94
C GLU C 122 19.27 -0.27 -3.93
N GLY C 123 19.92 -1.31 -3.40
CA GLY C 123 20.56 -2.31 -4.21
C GLY C 123 19.74 -3.58 -4.28
N SER C 124 19.92 -4.33 -5.37
CA SER C 124 19.14 -5.54 -5.60
C SER C 124 19.98 -6.80 -5.65
N CYS C 125 21.29 -6.69 -5.88
CA CYS C 125 22.16 -7.86 -5.95
C CYS C 125 22.78 -8.11 -4.58
N GLU C 126 23.78 -8.98 -4.53
CA GLU C 126 24.44 -9.32 -3.29
C GLU C 126 25.55 -8.31 -3.00
N TYR C 127 25.53 -7.73 -1.80
CA TYR C 127 26.45 -6.66 -1.45
C TYR C 127 27.19 -7.02 -0.17
N ILE C 128 28.50 -6.83 -0.19
CA ILE C 128 29.34 -7.21 0.94
C ILE C 128 29.09 -6.22 2.07
N LEU C 129 28.32 -6.63 3.07
CA LEU C 129 28.04 -5.74 4.18
C LEU C 129 29.25 -5.58 5.08
N ALA C 130 30.15 -6.56 5.08
CA ALA C 130 31.40 -6.42 5.81
C ALA C 130 32.35 -7.52 5.35
N GLN C 131 33.64 -7.32 5.63
CA GLN C 131 34.61 -8.39 5.45
C GLN C 131 35.96 -7.93 5.95
N ASP C 132 36.78 -8.89 6.35
CA ASP C 132 38.20 -8.67 6.52
C ASP C 132 38.99 -9.00 5.28
N TYR C 133 38.32 -9.49 4.23
CA TYR C 133 38.99 -9.89 3.00
C TYR C 133 39.20 -8.68 2.08
N CYS C 134 39.90 -7.70 2.64
CA CYS C 134 40.38 -6.56 1.86
C CYS C 134 41.66 -6.07 2.51
N GLY C 135 42.77 -6.19 1.80
CA GLY C 135 44.05 -5.75 2.33
C GLY C 135 45.17 -6.23 1.43
N ASP C 136 46.37 -5.71 1.72
CA ASP C 136 47.55 -6.13 0.97
C ASP C 136 47.72 -7.64 1.05
N ASN C 137 47.19 -8.24 2.10
CA ASN C 137 46.97 -9.67 2.23
C ASN C 137 45.49 -9.86 2.55
N THR C 138 44.77 -10.55 1.67
CA THR C 138 43.37 -10.84 1.98
C THR C 138 43.25 -12.03 2.94
N THR C 139 44.26 -12.90 2.99
CA THR C 139 44.12 -14.20 3.62
C THR C 139 44.42 -14.21 5.12
N HIS C 140 44.90 -13.11 5.69
CA HIS C 140 44.93 -13.06 7.15
C HIS C 140 43.61 -12.55 7.72
N GLY C 141 42.64 -12.22 6.86
CA GLY C 141 41.31 -11.89 7.32
C GLY C 141 40.46 -13.13 7.56
N THR C 142 39.38 -12.96 8.31
CA THR C 142 38.60 -14.11 8.75
C THR C 142 37.19 -14.13 8.17
N PHE C 143 36.37 -13.10 8.41
CA PHE C 143 34.94 -13.25 8.17
C PHE C 143 34.50 -12.45 6.95
N ARG C 144 33.21 -12.55 6.65
CA ARG C 144 32.61 -11.91 5.48
C ARG C 144 31.09 -11.96 5.59
N ILE C 145 30.42 -10.83 5.37
CA ILE C 145 28.97 -10.75 5.48
C ILE C 145 28.43 -10.09 4.23
N VAL C 146 27.57 -10.81 3.51
CA VAL C 146 26.87 -10.33 2.33
C VAL C 146 25.39 -10.28 2.63
N THR C 147 24.70 -9.31 2.03
CA THR C 147 23.26 -9.22 2.15
C THR C 147 22.66 -8.88 0.79
N GLU C 148 21.38 -9.21 0.63
CA GLU C 148 20.64 -8.81 -0.56
C GLU C 148 19.17 -8.81 -0.21
N ASN C 149 18.39 -8.09 -1.00
CA ASN C 149 17.00 -7.81 -0.66
C ASN C 149 16.09 -8.87 -1.26
N ILE C 150 15.49 -9.68 -0.39
CA ILE C 150 14.48 -10.65 -0.81
C ILE C 150 13.12 -9.98 -0.85
N PRO C 151 12.36 -10.15 -1.91
CA PRO C 151 10.91 -9.97 -1.78
C PRO C 151 10.29 -11.27 -1.34
N CYS C 152 9.36 -11.22 -0.39
CA CYS C 152 8.85 -12.42 0.25
C CYS C 152 7.63 -13.01 -0.44
N GLY C 153 6.99 -12.28 -1.36
CA GLY C 153 5.82 -12.82 -2.02
C GLY C 153 5.70 -12.46 -3.48
N THR C 154 6.67 -11.71 -4.00
CA THR C 154 6.59 -11.19 -5.35
C THR C 154 8.01 -10.92 -5.83
N THR C 155 8.13 -10.15 -6.92
CA THR C 155 9.41 -9.58 -7.33
C THR C 155 9.17 -8.09 -7.49
N GLY C 156 9.21 -7.38 -6.37
CA GLY C 156 8.89 -5.96 -6.34
C GLY C 156 9.69 -5.23 -5.28
N THR C 157 9.00 -4.45 -4.46
CA THR C 157 9.64 -3.80 -3.33
C THR C 157 10.11 -4.85 -2.32
N THR C 158 11.22 -4.56 -1.65
CA THR C 158 11.84 -5.53 -0.77
C THR C 158 10.94 -5.85 0.41
N CYS C 159 10.99 -7.10 0.87
CA CYS C 159 10.22 -7.53 2.02
C CYS C 159 11.07 -8.13 3.11
N SER C 160 12.24 -8.65 2.78
CA SER C 160 13.15 -9.22 3.78
C SER C 160 14.55 -9.22 3.19
N LYS C 161 15.47 -9.84 3.91
CA LYS C 161 16.87 -9.87 3.53
C LYS C 161 17.36 -11.29 3.37
N ALA C 162 18.61 -11.42 2.98
CA ALA C 162 19.29 -12.70 2.89
C ALA C 162 20.76 -12.47 3.23
N ILE C 163 21.18 -12.99 4.37
CA ILE C 163 22.52 -12.76 4.90
C ILE C 163 23.38 -13.98 4.60
N LYS C 164 24.67 -13.77 4.38
CA LYS C 164 25.61 -14.87 4.23
C LYS C 164 26.81 -14.64 5.16
N LEU C 165 26.66 -15.07 6.41
CA LEU C 165 27.69 -14.96 7.44
C LEU C 165 28.75 -16.03 7.22
N PHE C 166 29.78 -15.70 6.45
CA PHE C 166 30.94 -16.59 6.36
C PHE C 166 31.84 -16.33 7.56
N VAL C 167 32.38 -17.40 8.13
CA VAL C 167 33.39 -17.29 9.18
C VAL C 167 34.47 -18.30 8.85
N GLU C 168 35.62 -17.82 8.37
CA GLU C 168 36.71 -18.68 7.94
C GLU C 168 36.21 -19.67 6.91
N SER C 169 36.17 -20.96 7.27
CA SER C 169 35.70 -22.00 6.36
C SER C 169 34.24 -22.37 6.57
N TYR C 170 33.58 -21.81 7.57
CA TYR C 170 32.17 -22.08 7.79
C TYR C 170 31.33 -21.19 6.88
N GLU C 171 30.02 -21.20 7.13
CA GLU C 171 29.08 -20.42 6.34
C GLU C 171 27.74 -20.52 7.03
N LEU C 172 26.97 -19.43 7.03
CA LEU C 172 25.60 -19.45 7.54
C LEU C 172 24.72 -18.57 6.68
N ILE C 173 23.69 -19.15 6.08
CA ILE C 173 22.73 -18.40 5.28
C ILE C 173 21.56 -18.05 6.19
N LEU C 174 21.21 -16.77 6.27
CA LEU C 174 20.08 -16.29 7.05
C LEU C 174 19.01 -15.86 6.07
N GLN C 175 17.93 -16.64 5.97
CA GLN C 175 16.85 -16.24 5.08
C GLN C 175 15.55 -16.78 5.61
N GLU C 176 14.45 -16.19 5.12
CA GLU C 176 13.12 -16.77 5.19
C GLU C 176 12.62 -16.95 6.62
N GLY C 177 13.42 -16.60 7.61
CA GLY C 177 12.99 -16.61 9.00
C GLY C 177 13.89 -17.36 9.94
N THR C 178 14.78 -18.20 9.44
CA THR C 178 15.74 -18.88 10.30
C THR C 178 17.07 -18.99 9.57
N PHE C 179 17.98 -19.76 10.16
CA PHE C 179 19.35 -19.89 9.70
C PHE C 179 19.56 -21.25 9.06
N LYS C 180 20.75 -21.41 8.49
CA LYS C 180 21.18 -22.69 7.96
C LYS C 180 22.66 -22.88 8.26
N ALA C 181 23.26 -23.91 7.67
CA ALA C 181 24.69 -24.13 7.82
C ALA C 181 25.15 -24.93 6.62
N VAL C 182 26.10 -24.39 5.87
CA VAL C 182 26.61 -25.04 4.67
C VAL C 182 28.11 -25.21 4.87
N ALA C 183 28.51 -25.52 6.11
CA ALA C 183 29.92 -25.73 6.42
C ALA C 183 30.58 -26.66 5.41
N ARG C 184 31.55 -26.14 4.67
CA ARG C 184 32.23 -26.88 3.62
C ARG C 184 33.68 -27.20 3.93
N GLY C 185 34.37 -26.33 4.66
CA GLY C 185 35.79 -26.48 4.90
C GLY C 185 36.10 -27.45 6.03
N PRO C 186 37.22 -27.20 6.72
CA PRO C 186 37.58 -28.02 7.89
C PRO C 186 36.46 -28.11 8.93
N GLY C 187 36.12 -29.33 9.32
CA GLY C 187 35.01 -29.55 10.21
C GLY C 187 35.34 -29.61 11.69
N GLY C 188 35.70 -28.48 12.29
CA GLY C 188 35.91 -28.38 13.71
C GLY C 188 34.66 -27.92 14.43
N ASP C 189 34.86 -27.45 15.65
CA ASP C 189 33.72 -26.89 16.36
C ASP C 189 33.33 -25.55 15.77
N PRO C 190 32.08 -25.11 15.98
CA PRO C 190 31.66 -23.80 15.46
C PRO C 190 32.47 -22.68 16.05
N PRO C 191 33.03 -21.80 15.22
CA PRO C 191 33.55 -20.52 15.72
C PRO C 191 32.47 -19.48 15.98
N TYR C 192 31.21 -19.90 15.94
CA TYR C 192 30.07 -19.04 16.19
C TYR C 192 29.20 -19.64 17.28
N LYS C 193 28.27 -18.84 17.78
CA LYS C 193 27.23 -19.30 18.68
C LYS C 193 25.93 -18.65 18.22
N ILE C 194 24.82 -19.35 18.43
CA ILE C 194 23.52 -18.91 17.92
C ILE C 194 22.59 -18.72 19.11
N ARG C 195 21.80 -17.65 19.08
CA ARG C 195 20.89 -17.36 20.17
C ARG C 195 19.66 -16.64 19.64
N TYR C 196 18.56 -16.81 20.37
CA TYR C 196 17.28 -16.20 20.03
C TYR C 196 17.09 -15.01 20.95
N MET C 197 17.63 -13.86 20.55
CA MET C 197 17.62 -12.68 21.38
C MET C 197 16.35 -11.88 21.07
N GLY C 198 15.29 -12.14 21.83
CA GLY C 198 14.04 -11.44 21.62
C GLY C 198 13.43 -11.73 20.27
N ILE C 199 13.46 -10.74 19.36
CA ILE C 199 12.96 -10.91 18.01
C ILE C 199 14.12 -10.95 17.04
N PHE C 200 15.29 -11.37 17.52
CA PHE C 200 16.51 -11.35 16.73
C PHE C 200 17.16 -12.71 16.74
N LEU C 201 17.72 -13.09 15.60
CA LEU C 201 18.75 -14.12 15.56
C LEU C 201 20.08 -13.43 15.83
N VAL C 202 20.77 -13.84 16.87
CA VAL C 202 22.06 -13.27 17.20
C VAL C 202 23.09 -14.37 17.01
N ILE C 203 24.12 -14.08 16.24
CA ILE C 203 25.19 -15.02 15.96
C ILE C 203 26.48 -14.35 16.39
N GLU C 204 27.15 -14.93 17.36
CA GLU C 204 28.40 -14.39 17.87
C GLU C 204 29.58 -15.15 17.29
N THR C 205 30.74 -14.50 17.30
CA THR C 205 32.01 -15.13 16.97
C THR C 205 33.09 -14.65 17.93
N HIS C 206 32.70 -14.33 19.17
CA HIS C 206 33.59 -13.96 20.27
C HIS C 206 34.19 -12.57 20.11
N GLY C 207 34.01 -11.96 18.93
CA GLY C 207 34.41 -10.59 18.72
C GLY C 207 33.57 -9.86 17.70
N MET C 208 32.49 -10.51 17.24
CA MET C 208 31.72 -10.03 16.10
C MET C 208 30.32 -10.64 16.20
N ALA C 209 29.36 -9.85 16.65
CA ALA C 209 28.01 -10.32 16.93
C ALA C 209 27.04 -9.70 15.94
N VAL C 210 26.32 -10.54 15.21
CA VAL C 210 25.38 -10.12 14.18
C VAL C 210 23.97 -10.36 14.69
N SER C 211 23.12 -9.34 14.63
CA SER C 211 21.75 -9.44 15.07
C SER C 211 20.82 -9.14 13.90
N TRP C 212 19.91 -10.06 13.63
CA TRP C 212 19.03 -10.00 12.47
C TRP C 212 17.59 -10.03 12.97
N ASP C 213 16.79 -9.04 12.61
CA ASP C 213 15.45 -8.97 13.18
C ASP C 213 14.53 -10.02 12.60
N ARG C 214 15.03 -10.87 11.71
CA ARG C 214 14.35 -11.93 10.98
C ARG C 214 13.54 -11.39 9.82
N LYS C 215 13.40 -10.07 9.66
CA LYS C 215 12.79 -9.55 8.44
C LYS C 215 13.75 -8.70 7.64
N THR C 216 14.16 -7.53 8.12
CA THR C 216 14.91 -6.66 7.21
C THR C 216 15.99 -5.78 7.84
N SER C 217 16.27 -5.86 9.14
CA SER C 217 17.27 -5.00 9.74
C SER C 217 18.38 -5.87 10.32
N VAL C 218 19.62 -5.48 10.06
CA VAL C 218 20.81 -6.16 10.57
C VAL C 218 21.60 -5.13 11.36
N PHE C 219 21.91 -5.46 12.61
CA PHE C 219 22.80 -4.64 13.44
C PHE C 219 24.01 -5.48 13.77
N ILE C 220 25.19 -5.01 13.37
CA ILE C 220 26.44 -5.74 13.58
C ILE C 220 27.27 -4.99 14.61
N ARG C 221 27.73 -5.68 15.63
CA ARG C 221 28.51 -5.09 16.70
C ARG C 221 29.86 -5.80 16.77
N LEU C 222 30.92 -5.04 16.54
CA LEU C 222 32.27 -5.55 16.46
C LEU C 222 33.10 -5.10 17.65
N HIS C 223 34.06 -5.93 18.03
CA HIS C 223 35.04 -5.53 19.02
C HIS C 223 35.96 -4.46 18.42
N GLN C 224 36.66 -3.74 19.29
CA GLN C 224 37.58 -2.71 18.83
C GLN C 224 38.79 -3.28 18.12
N ASP C 225 39.00 -4.60 18.17
CA ASP C 225 40.14 -5.20 17.50
C ASP C 225 40.09 -4.97 16.00
N TYR C 226 38.92 -5.11 15.40
CA TYR C 226 38.79 -5.06 13.95
C TYR C 226 38.82 -3.65 13.40
N LYS C 227 39.25 -2.69 14.20
CA LYS C 227 39.21 -1.30 13.77
C LYS C 227 40.17 -1.07 12.60
N GLY C 228 39.66 -0.45 11.55
CA GLY C 228 40.47 -0.07 10.42
C GLY C 228 40.77 -1.16 9.43
N ARG C 229 40.38 -2.41 9.71
CA ARG C 229 40.75 -3.55 8.88
C ARG C 229 39.54 -4.21 8.21
N VAL C 230 38.35 -3.63 8.32
CA VAL C 230 37.16 -4.15 7.67
C VAL C 230 36.81 -3.23 6.50
N CYS C 231 35.83 -3.65 5.70
CA CYS C 231 35.41 -2.86 4.55
C CYS C 231 33.99 -3.29 4.17
N GLY C 232 33.56 -2.90 2.97
CA GLY C 232 32.22 -3.21 2.52
C GLY C 232 31.26 -2.05 2.66
N LEU C 233 29.98 -2.32 2.95
CA LEU C 233 28.97 -1.28 3.09
C LEU C 233 28.84 -0.77 4.51
N CYS C 234 29.63 -1.27 5.45
CA CYS C 234 29.72 -0.69 6.78
C CYS C 234 31.00 0.11 6.95
N GLY C 235 31.53 0.67 5.87
CA GLY C 235 32.71 1.47 5.95
C GLY C 235 33.91 0.62 6.31
N ASN C 236 34.98 1.29 6.68
CA ASN C 236 36.21 0.62 7.07
C ASN C 236 36.51 0.76 8.55
N PHE C 237 35.57 1.27 9.34
CA PHE C 237 35.71 1.32 10.79
C PHE C 237 37.03 1.97 11.19
N ASP C 238 37.19 3.24 10.82
CA ASP C 238 38.42 3.95 11.08
C ASP C 238 38.20 5.23 11.89
N ASP C 239 36.99 5.45 12.41
CA ASP C 239 36.63 6.71 13.06
C ASP C 239 36.92 7.90 12.15
N ASN C 240 36.60 7.74 10.86
CA ASN C 240 36.78 8.80 9.87
C ASN C 240 35.65 8.60 8.86
N ALA C 241 34.54 9.29 9.09
CA ALA C 241 33.31 9.03 8.35
C ALA C 241 33.28 9.69 7.00
N ILE C 242 34.18 10.64 6.72
CA ILE C 242 34.13 11.33 5.44
C ILE C 242 34.56 10.39 4.31
N ASN C 243 35.56 9.55 4.57
CA ASN C 243 36.12 8.68 3.55
C ASN C 243 35.52 7.28 3.56
N ASP C 244 34.45 7.06 4.32
CA ASP C 244 33.83 5.74 4.35
C ASP C 244 33.19 5.36 3.04
N PHE C 245 33.04 6.29 2.10
CA PHE C 245 32.59 5.93 0.77
C PHE C 245 33.77 5.46 -0.07
N ALA C 246 34.52 4.49 0.44
CA ALA C 246 35.69 3.96 -0.24
C ALA C 246 35.28 2.70 -1.00
N THR C 247 35.39 2.75 -2.31
CA THR C 247 34.89 1.70 -3.18
C THR C 247 35.86 0.52 -3.18
N ARG C 248 35.67 -0.40 -4.12
CA ARG C 248 36.54 -1.57 -4.22
C ARG C 248 37.99 -1.16 -4.41
N SER C 249 38.23 -0.20 -5.28
CA SER C 249 39.58 0.27 -5.53
C SER C 249 40.00 1.40 -4.61
N ARG C 250 39.27 1.62 -3.53
CA ARG C 250 39.58 2.66 -2.54
C ARG C 250 39.76 4.03 -3.20
N SER C 251 38.78 4.42 -4.00
CA SER C 251 38.73 5.74 -4.62
C SER C 251 37.54 6.47 -4.02
N VAL C 252 37.78 7.16 -2.90
CA VAL C 252 36.69 7.72 -2.12
C VAL C 252 35.84 8.62 -3.00
N VAL C 253 34.54 8.35 -3.03
CA VAL C 253 33.61 9.07 -3.88
C VAL C 253 32.67 9.87 -3.00
N GLY C 254 32.09 10.91 -3.60
CA GLY C 254 31.09 11.71 -2.94
C GLY C 254 29.67 11.27 -3.23
N ASP C 255 29.50 10.08 -3.79
CA ASP C 255 28.19 9.58 -4.21
C ASP C 255 27.93 8.24 -3.56
N ALA C 256 26.67 8.00 -3.19
CA ALA C 256 26.31 6.73 -2.58
C ALA C 256 26.13 5.63 -3.61
N LEU C 257 25.65 5.97 -4.81
CA LEU C 257 25.36 4.95 -5.81
C LEU C 257 26.63 4.23 -6.25
N GLU C 258 27.71 4.98 -6.48
CA GLU C 258 28.96 4.33 -6.88
C GLU C 258 29.52 3.48 -5.76
N PHE C 259 29.44 3.95 -4.51
CA PHE C 259 29.95 3.17 -3.39
C PHE C 259 29.20 1.86 -3.23
N GLY C 260 27.88 1.90 -3.40
CA GLY C 260 27.12 0.66 -3.36
C GLY C 260 27.44 -0.26 -4.54
N ASN C 261 27.50 0.31 -5.74
CA ASN C 261 27.78 -0.47 -6.94
C ASN C 261 29.14 -1.14 -6.87
N SER C 262 30.08 -0.58 -6.11
CA SER C 262 31.40 -1.20 -6.03
C SER C 262 31.34 -2.58 -5.40
N TRP C 263 30.58 -2.72 -4.31
CA TRP C 263 30.66 -3.91 -3.48
C TRP C 263 29.66 -5.00 -3.85
N LYS C 264 29.19 -5.02 -5.09
CA LYS C 264 28.38 -6.15 -5.55
C LYS C 264 29.26 -7.37 -5.74
N LEU C 265 28.74 -8.53 -5.35
CA LEU C 265 29.55 -9.75 -5.43
C LEU C 265 29.86 -10.13 -6.87
N SER C 266 28.83 -10.18 -7.72
CA SER C 266 29.01 -10.66 -9.08
C SER C 266 29.06 -9.49 -10.03
N PRO C 267 30.20 -9.22 -10.68
CA PRO C 267 30.27 -8.09 -11.62
C PRO C 267 29.31 -8.20 -12.78
N SER C 268 28.80 -9.40 -13.06
CA SER C 268 27.77 -9.52 -14.09
C SER C 268 26.50 -8.77 -13.72
N CYS C 269 26.24 -8.60 -12.44
CA CYS C 269 24.99 -7.98 -12.01
C CYS C 269 24.92 -6.53 -12.50
N PRO C 270 23.74 -6.06 -12.92
CA PRO C 270 23.61 -4.67 -13.36
C PRO C 270 23.69 -3.71 -12.19
N ASP C 271 24.33 -2.56 -12.44
CA ASP C 271 24.41 -1.52 -11.43
C ASP C 271 23.04 -0.93 -11.18
N ALA C 272 22.76 -0.64 -9.91
CA ALA C 272 21.51 0.04 -9.56
C ALA C 272 21.50 1.43 -10.18
N LEU C 273 20.33 1.83 -10.68
CA LEU C 273 20.19 3.15 -11.26
C LEU C 273 19.95 4.16 -10.15
N ALA C 274 19.56 5.37 -10.52
CA ALA C 274 19.34 6.41 -9.53
C ALA C 274 18.16 6.04 -8.64
N PRO C 275 18.35 5.99 -7.33
CA PRO C 275 17.20 5.77 -6.44
C PRO C 275 16.19 6.90 -6.57
N LYS C 276 14.93 6.56 -6.40
CA LYS C 276 13.84 7.50 -6.61
C LYS C 276 13.17 7.82 -5.27
N ASP C 277 12.88 9.08 -5.04
CA ASP C 277 12.34 9.52 -3.76
C ASP C 277 10.93 8.95 -3.59
N PRO C 278 10.66 8.17 -2.55
CA PRO C 278 9.38 7.46 -2.46
C PRO C 278 8.16 8.37 -2.38
N CYS C 279 8.19 9.34 -1.46
CA CYS C 279 7.01 10.16 -1.23
C CYS C 279 6.62 10.97 -2.46
N THR C 280 7.62 11.44 -3.22
CA THR C 280 7.31 12.10 -4.48
C THR C 280 6.64 11.14 -5.45
N ALA C 281 7.12 9.89 -5.49
CA ALA C 281 6.58 8.91 -6.43
C ALA C 281 5.11 8.62 -6.16
N ASN C 282 4.75 8.47 -4.89
CA ASN C 282 3.41 8.07 -4.49
C ASN C 282 2.90 9.05 -3.45
N PRO C 283 2.45 10.23 -3.89
CA PRO C 283 2.02 11.25 -2.91
C PRO C 283 0.87 10.81 -2.05
N PHE C 284 -0.01 9.95 -2.56
CA PHE C 284 -1.21 9.59 -1.83
C PHE C 284 -0.92 8.75 -0.59
N ARG C 285 0.29 8.24 -0.45
CA ARG C 285 0.69 7.58 0.79
C ARG C 285 1.28 8.55 1.79
N LYS C 286 1.87 9.65 1.30
CA LYS C 286 2.70 10.49 2.14
C LYS C 286 2.01 10.88 3.42
N SER C 287 0.78 11.40 3.31
CA SER C 287 0.04 11.83 4.49
C SER C 287 -0.03 10.71 5.51
N TRP C 288 -0.51 9.54 5.08
CA TRP C 288 -0.56 8.39 5.97
C TRP C 288 0.80 8.15 6.58
N ALA C 289 1.83 8.11 5.74
CA ALA C 289 3.18 7.88 6.24
C ALA C 289 3.50 8.83 7.37
N GLN C 290 3.28 10.13 7.16
CA GLN C 290 3.63 11.09 8.18
C GLN C 290 2.81 10.84 9.44
N LYS C 291 1.51 10.59 9.29
CA LYS C 291 0.70 10.30 10.45
C LYS C 291 1.21 9.07 11.18
N GLN C 292 1.70 8.09 10.42
CA GLN C 292 2.30 6.94 11.07
C GLN C 292 3.65 7.28 11.66
N CYS C 293 4.46 8.05 10.94
CA CYS C 293 5.81 8.30 11.44
C CYS C 293 5.84 9.35 12.53
N SER C 294 4.78 10.16 12.65
CA SER C 294 4.71 11.15 13.70
C SER C 294 4.84 10.54 15.09
N ILE C 295 4.83 9.21 15.19
CA ILE C 295 5.03 8.56 16.47
C ILE C 295 6.38 8.95 17.05
N LEU C 296 7.34 9.29 16.18
CA LEU C 296 8.68 9.65 16.65
C LEU C 296 8.74 11.02 17.30
N HIS C 297 7.77 11.90 17.01
CA HIS C 297 7.75 13.21 17.66
C HIS C 297 6.85 13.24 18.89
N GLY C 298 5.94 12.29 19.03
CA GLY C 298 4.99 12.30 20.12
C GLY C 298 5.62 11.96 21.45
N PRO C 299 4.85 12.12 22.52
CA PRO C 299 5.40 11.92 23.87
C PRO C 299 5.87 10.51 24.12
N THR C 300 5.58 9.57 23.23
CA THR C 300 6.14 8.23 23.37
C THR C 300 7.65 8.27 23.31
N PHE C 301 8.19 9.07 22.39
CA PHE C 301 9.64 9.21 22.22
C PHE C 301 10.11 10.59 22.65
N ALA C 302 9.42 11.21 23.60
CA ALA C 302 9.84 12.52 24.09
C ALA C 302 11.20 12.44 24.77
N ALA C 303 11.41 11.41 25.59
CA ALA C 303 12.67 11.31 26.32
C ALA C 303 13.84 10.99 25.39
N CYS C 304 13.66 10.01 24.51
CA CYS C 304 14.78 9.58 23.68
C CYS C 304 15.21 10.65 22.68
N ARG C 305 14.29 11.52 22.25
CA ARG C 305 14.66 12.51 21.25
C ARG C 305 15.76 13.44 21.76
N SER C 306 15.97 13.50 23.07
CA SER C 306 17.05 14.29 23.64
C SER C 306 18.34 13.50 23.78
N GLN C 307 18.29 12.17 23.71
CA GLN C 307 19.48 11.34 23.81
C GLN C 307 19.99 10.86 22.47
N VAL C 308 19.10 10.69 21.48
CA VAL C 308 19.49 10.22 20.17
C VAL C 308 18.87 11.14 19.13
N ASP C 309 19.71 11.64 18.22
CA ASP C 309 19.20 12.49 17.15
C ASP C 309 18.32 11.69 16.23
N SER C 310 17.10 12.18 16.01
CA SER C 310 16.08 11.43 15.30
C SER C 310 15.63 12.10 14.02
N THR C 311 16.44 12.98 13.44
CA THR C 311 16.06 13.59 12.17
C THR C 311 16.11 12.56 11.05
N LYS C 312 17.28 11.98 10.82
CA LYS C 312 17.43 11.04 9.73
C LYS C 312 16.59 9.79 9.93
N TYR C 313 16.36 9.39 11.18
CA TYR C 313 15.47 8.27 11.42
C TYR C 313 14.06 8.59 10.96
N TYR C 314 13.59 9.82 11.22
CA TYR C 314 12.26 10.21 10.76
C TYR C 314 12.20 10.28 9.25
N GLU C 315 13.25 10.80 8.62
CA GLU C 315 13.25 10.81 7.16
C GLU C 315 13.19 9.40 6.62
N ALA C 316 13.92 8.47 7.23
CA ALA C 316 13.89 7.08 6.81
C ALA C 316 12.51 6.48 6.99
N CYS C 317 11.87 6.74 8.13
CA CYS C 317 10.53 6.21 8.38
C CYS C 317 9.56 6.68 7.31
N VAL C 318 9.58 7.99 7.03
CA VAL C 318 8.64 8.54 6.06
C VAL C 318 8.93 7.99 4.67
N ASN C 319 10.20 7.88 4.30
CA ASN C 319 10.56 7.35 2.99
C ASN C 319 10.10 5.90 2.85
N ASP C 320 10.30 5.08 3.88
CA ASP C 320 9.93 3.68 3.80
C ASP C 320 8.42 3.50 3.77
N ALA C 321 7.70 4.21 4.62
CA ALA C 321 6.25 4.12 4.61
C ALA C 321 5.65 4.69 3.32
N CYS C 322 6.37 5.59 2.64
CA CYS C 322 5.93 6.04 1.33
C CYS C 322 6.23 5.00 0.25
N ALA C 323 7.33 4.26 0.40
CA ALA C 323 7.79 3.38 -0.66
C ALA C 323 6.97 2.10 -0.75
N CYS C 324 6.55 1.54 0.37
CA CYS C 324 5.97 0.21 0.36
C CYS C 324 4.57 0.23 -0.22
N ASP C 325 4.45 0.48 -1.52
CA ASP C 325 3.16 0.57 -2.16
C ASP C 325 2.68 -0.75 -2.76
N SER C 326 3.42 -1.83 -2.57
CA SER C 326 3.03 -3.11 -3.13
C SER C 326 2.56 -4.10 -2.08
N GLY C 327 2.57 -3.74 -0.81
CA GLY C 327 2.07 -4.61 0.24
C GLY C 327 3.03 -4.68 1.40
N GLY C 328 2.49 -5.02 2.56
CA GLY C 328 3.30 -5.08 3.76
C GLY C 328 3.74 -3.71 4.20
N ASP C 329 2.79 -2.87 4.62
CA ASP C 329 3.10 -1.51 5.07
C ASP C 329 3.49 -1.47 6.54
N CYS C 330 2.77 -2.24 7.36
CA CYS C 330 3.05 -2.22 8.79
C CYS C 330 4.46 -2.69 9.08
N GLU C 331 4.95 -3.68 8.33
CA GLU C 331 6.31 -4.13 8.56
C GLU C 331 7.31 -3.02 8.25
N CYS C 332 7.09 -2.29 7.15
CA CYS C 332 7.99 -1.19 6.80
C CYS C 332 8.04 -0.16 7.91
N PHE C 333 6.87 0.32 8.34
CA PHE C 333 6.84 1.32 9.38
C PHE C 333 7.41 0.77 10.68
N CYS C 334 7.11 -0.48 11.01
CA CYS C 334 7.57 -1.09 12.25
C CYS C 334 9.09 -1.14 12.30
N THR C 335 9.72 -1.58 11.20
CA THR C 335 11.18 -1.67 11.23
C THR C 335 11.82 -0.30 11.18
N ALA C 336 11.23 0.64 10.45
CA ALA C 336 11.79 2.00 10.43
C ALA C 336 11.78 2.61 11.82
N VAL C 337 10.72 2.39 12.58
CA VAL C 337 10.71 2.89 13.96
C VAL C 337 11.61 2.04 14.84
N ALA C 338 11.72 0.74 14.58
CA ALA C 338 12.49 -0.13 15.46
C ALA C 338 13.99 0.12 15.36
N ALA C 339 14.47 0.65 14.24
CA ALA C 339 15.87 1.06 14.20
C ALA C 339 16.15 2.15 15.23
N TYR C 340 15.25 3.15 15.32
CA TYR C 340 15.37 4.15 16.36
C TYR C 340 15.15 3.54 17.74
N ALA C 341 14.26 2.56 17.84
CA ALA C 341 14.05 1.90 19.12
C ALA C 341 15.34 1.28 19.61
N GLN C 342 16.07 0.61 18.73
CA GLN C 342 17.33 0.02 19.13
C GLN C 342 18.39 1.07 19.40
N ALA C 343 18.39 2.18 18.66
CA ALA C 343 19.30 3.27 18.97
C ALA C 343 19.07 3.76 20.40
N CYS C 344 17.81 3.99 20.77
CA CYS C 344 17.49 4.38 22.14
C CYS C 344 17.90 3.29 23.13
N HIS C 345 17.66 2.03 22.78
CA HIS C 345 17.95 0.94 23.69
C HIS C 345 19.43 0.86 24.01
N ASP C 346 20.27 1.04 22.99
CA ASP C 346 21.70 1.01 23.21
C ASP C 346 22.15 2.27 23.95
N ALA C 347 21.55 3.43 23.65
CA ALA C 347 22.06 4.67 24.23
C ALA C 347 21.97 4.66 25.74
N GLY C 348 20.77 4.80 26.30
CA GLY C 348 20.62 4.54 27.72
C GLY C 348 19.24 4.11 28.17
N LEU C 349 18.31 3.95 27.25
CA LEU C 349 16.90 4.00 27.58
C LEU C 349 16.19 2.73 27.17
N CYS C 350 15.32 2.25 28.06
CA CYS C 350 14.45 1.10 27.82
C CYS C 350 13.09 1.65 27.39
N VAL C 351 13.00 2.10 26.16
CA VAL C 351 11.77 2.67 25.64
C VAL C 351 10.89 1.54 25.14
N SER C 352 9.58 1.66 25.39
CA SER C 352 8.61 0.62 25.05
C SER C 352 7.40 1.28 24.38
N TRP C 353 7.46 1.39 23.06
CA TRP C 353 6.36 2.00 22.33
C TRP C 353 5.24 1.01 21.98
N ARG C 354 5.44 0.20 20.95
CA ARG C 354 4.79 -1.08 20.70
C ARG C 354 3.38 -1.23 21.27
N THR C 355 2.50 -0.29 21.01
CA THR C 355 1.16 -0.39 21.55
C THR C 355 0.32 -1.37 20.75
N PRO C 356 -0.77 -1.88 21.32
CA PRO C 356 -1.64 -2.80 20.56
C PRO C 356 -2.15 -2.22 19.26
N ASP C 357 -2.35 -0.91 19.20
CA ASP C 357 -2.71 -0.27 17.95
C ASP C 357 -1.53 -0.09 17.00
N THR C 358 -0.32 0.02 17.54
CA THR C 358 0.84 0.41 16.76
C THR C 358 1.92 -0.65 16.90
N CYS C 359 2.21 -1.36 15.81
CA CYS C 359 3.25 -2.38 15.78
C CYS C 359 3.10 -3.37 16.93
N PRO C 360 2.01 -4.12 16.98
CA PRO C 360 1.86 -5.11 18.05
C PRO C 360 2.79 -6.28 17.82
N LEU C 361 3.11 -6.97 18.91
CA LEU C 361 3.98 -8.14 18.87
C LEU C 361 3.30 -9.27 19.63
N PHE C 362 2.79 -10.26 18.90
CA PHE C 362 2.15 -11.39 19.54
C PHE C 362 3.19 -12.15 20.35
N CYS C 363 3.02 -12.20 21.66
CA CYS C 363 3.93 -12.91 22.53
C CYS C 363 3.20 -13.89 23.44
N ASP C 364 1.88 -13.89 23.42
CA ASP C 364 1.11 -14.97 24.03
C ASP C 364 1.20 -16.26 23.23
N PHE C 365 1.73 -16.19 22.01
CA PHE C 365 1.67 -17.32 21.10
C PHE C 365 2.42 -18.52 21.65
N TYR C 366 3.64 -18.28 22.15
CA TYR C 366 4.44 -19.36 22.69
C TYR C 366 4.02 -19.74 24.11
N ASN C 367 3.01 -19.09 24.64
CA ASN C 367 2.42 -19.49 25.91
C ASN C 367 1.46 -20.64 25.66
N PRO C 368 1.78 -21.85 26.08
CA PRO C 368 0.85 -22.96 25.89
C PRO C 368 -0.14 -23.12 27.03
N HIS C 369 -1.42 -22.91 26.73
CA HIS C 369 -2.53 -23.27 27.60
C HIS C 369 -2.36 -22.70 29.02
N GLY C 370 -2.32 -21.38 29.09
CA GLY C 370 -2.27 -20.70 30.37
C GLY C 370 -0.89 -20.58 30.98
N GLY C 371 0.12 -21.19 30.38
CA GLY C 371 1.49 -20.96 30.84
C GLY C 371 1.90 -19.53 30.53
N CYS C 372 2.53 -18.89 31.51
CA CYS C 372 2.80 -17.46 31.42
C CYS C 372 4.26 -17.16 31.74
N GLU C 373 5.16 -17.92 31.10
CA GLU C 373 6.56 -17.51 31.06
C GLU C 373 6.78 -16.39 30.06
N TRP C 374 6.34 -16.59 28.82
CA TRP C 374 6.71 -15.72 27.72
C TRP C 374 6.08 -14.34 27.91
N HIS C 375 6.91 -13.35 28.25
CA HIS C 375 6.49 -11.99 28.45
C HIS C 375 7.34 -11.07 27.59
N TYR C 376 6.74 -9.96 27.13
CA TYR C 376 7.45 -9.00 26.31
C TYR C 376 8.27 -8.08 27.20
N GLN C 377 9.59 -8.19 27.12
CA GLN C 377 10.49 -7.28 27.82
C GLN C 377 11.06 -6.30 26.82
N PRO C 378 11.01 -4.99 27.08
CA PRO C 378 11.59 -4.04 26.12
C PRO C 378 13.09 -4.09 26.04
N CYS C 379 13.77 -4.69 27.02
CA CYS C 379 15.23 -4.85 26.98
C CYS C 379 15.56 -6.21 27.56
N GLY C 380 16.00 -7.14 26.71
CA GLY C 380 16.25 -8.50 27.14
C GLY C 380 17.54 -8.66 27.92
N ALA C 381 17.61 -9.76 28.66
CA ALA C 381 18.77 -10.03 29.50
C ALA C 381 20.03 -10.11 28.64
N PRO C 382 21.18 -9.69 29.16
CA PRO C 382 22.40 -9.69 28.33
C PRO C 382 22.77 -11.05 27.79
N CYS C 383 22.44 -12.13 28.49
CA CYS C 383 22.68 -13.47 28.00
C CYS C 383 21.51 -14.36 28.37
N LEU C 384 21.27 -15.38 27.55
CA LEU C 384 20.15 -16.29 27.72
C LEU C 384 20.67 -17.69 28.02
N LYS C 385 20.12 -18.30 29.06
CA LYS C 385 20.46 -19.69 29.41
C LYS C 385 19.68 -20.60 28.47
N THR C 386 20.17 -20.67 27.24
CA THR C 386 19.45 -21.39 26.19
C THR C 386 19.74 -22.88 26.27
N CYS C 387 18.95 -23.64 25.50
CA CYS C 387 19.19 -25.07 25.38
C CYS C 387 20.53 -25.36 24.75
N ARG C 388 20.96 -24.53 23.80
CA ARG C 388 22.25 -24.70 23.15
C ARG C 388 23.39 -24.24 24.03
N ASN C 389 23.16 -23.25 24.89
CA ASN C 389 24.15 -22.77 25.83
C ASN C 389 23.68 -23.12 27.24
N PRO C 390 23.83 -24.37 27.66
CA PRO C 390 23.40 -24.74 29.01
C PRO C 390 24.18 -24.04 30.10
N SER C 391 25.36 -23.50 29.78
CA SER C 391 26.15 -22.83 30.80
C SER C 391 25.46 -21.58 31.32
N GLY C 392 24.80 -20.83 30.44
CA GLY C 392 24.26 -19.54 30.80
C GLY C 392 25.19 -18.37 30.57
N HIS C 393 26.42 -18.63 30.14
CA HIS C 393 27.37 -17.58 29.84
C HIS C 393 27.27 -17.20 28.36
N CYS C 394 27.96 -16.12 28.00
CA CYS C 394 27.91 -15.64 26.63
C CYS C 394 29.25 -15.03 26.26
N LEU C 395 29.52 -14.96 24.96
CA LEU C 395 30.80 -14.48 24.47
C LEU C 395 30.77 -12.99 24.19
N VAL C 396 29.85 -12.54 23.35
CA VAL C 396 29.69 -11.12 23.04
C VAL C 396 28.40 -10.68 23.70
N ASP C 397 28.51 -10.13 24.91
CA ASP C 397 27.34 -9.79 25.71
C ASP C 397 26.61 -8.61 25.07
N LEU C 398 25.53 -8.91 24.34
CA LEU C 398 24.69 -7.84 23.81
C LEU C 398 23.84 -7.25 24.92
N PRO C 399 23.58 -5.95 24.88
CA PRO C 399 22.66 -5.36 25.85
C PRO C 399 21.21 -5.68 25.52
N GLY C 400 20.28 -5.07 26.25
CA GLY C 400 18.87 -5.34 26.00
C GLY C 400 18.45 -4.94 24.61
N LEU C 401 17.45 -5.64 24.10
CA LEU C 401 16.87 -5.39 22.79
C LEU C 401 15.46 -5.95 22.77
N GLU C 402 14.60 -5.37 21.93
CA GLU C 402 13.18 -5.66 22.02
C GLU C 402 12.90 -7.13 21.71
N GLY C 403 11.67 -7.54 21.94
CA GLY C 403 11.25 -8.92 21.81
C GLY C 403 10.69 -9.44 23.12
N CYS C 404 10.17 -10.66 23.05
CA CYS C 404 9.63 -11.30 24.24
C CYS C 404 10.44 -12.53 24.59
N TYR C 405 10.64 -12.70 25.90
CA TYR C 405 11.52 -13.69 26.46
C TYR C 405 10.74 -14.54 27.45
N PRO C 406 11.16 -15.76 27.66
CA PRO C 406 10.50 -16.60 28.66
C PRO C 406 11.14 -16.46 30.02
N LYS C 407 10.31 -16.33 31.05
CA LYS C 407 10.78 -16.30 32.43
C LYS C 407 10.79 -17.75 32.93
N CYS C 408 11.83 -18.47 32.52
CA CYS C 408 11.89 -19.90 32.78
C CYS C 408 11.97 -20.17 34.28
N PRO C 409 11.01 -20.89 34.85
CA PRO C 409 10.99 -21.08 36.30
C PRO C 409 12.05 -22.09 36.70
N PRO C 410 12.38 -22.17 38.00
CA PRO C 410 13.40 -23.14 38.43
C PRO C 410 13.04 -24.58 38.11
N SER C 411 11.75 -24.91 38.10
CA SER C 411 11.35 -26.28 37.74
C SER C 411 11.64 -26.59 36.28
N GLN C 412 11.53 -25.60 35.40
CA GLN C 412 11.83 -25.76 33.97
C GLN C 412 12.77 -24.64 33.56
N PRO C 413 14.02 -24.69 34.00
CA PRO C 413 14.93 -23.54 33.84
C PRO C 413 15.71 -23.50 32.53
N PHE C 414 15.35 -24.28 31.52
CA PHE C 414 16.09 -24.29 30.26
C PHE C 414 15.18 -23.78 29.15
N PHE C 415 15.57 -22.66 28.55
CA PHE C 415 14.85 -22.15 27.40
C PHE C 415 15.33 -22.85 26.13
N ASN C 416 14.41 -23.50 25.44
CA ASN C 416 14.71 -24.22 24.21
C ASN C 416 14.18 -23.43 23.03
N GLU C 417 15.07 -23.12 22.09
CA GLU C 417 14.72 -22.32 20.92
C GLU C 417 14.01 -23.15 19.87
N ASP C 418 14.39 -24.42 19.73
CA ASP C 418 13.81 -25.23 18.67
C ASP C 418 12.36 -25.60 18.96
N GLN C 419 11.89 -25.39 20.19
CA GLN C 419 10.47 -25.46 20.50
C GLN C 419 9.96 -24.18 21.14
N MET C 420 10.84 -23.24 21.48
CA MET C 420 10.48 -22.00 22.14
C MET C 420 9.70 -22.27 23.42
N LYS C 421 10.36 -22.94 24.35
CA LYS C 421 9.65 -23.28 25.58
C LYS C 421 10.63 -23.46 26.73
N CYS C 422 10.15 -23.19 27.93
CA CYS C 422 10.90 -23.46 29.15
C CYS C 422 10.66 -24.91 29.55
N VAL C 423 11.74 -25.69 29.64
CA VAL C 423 11.68 -27.12 29.91
C VAL C 423 12.72 -27.45 30.95
N ALA C 424 12.67 -28.68 31.45
CA ALA C 424 13.56 -29.11 32.53
C ALA C 424 14.93 -29.52 32.01
N GLN C 425 14.98 -30.54 31.15
CA GLN C 425 16.24 -31.08 30.66
C GLN C 425 16.30 -30.93 29.14
N CYS C 426 17.47 -30.55 28.64
CA CYS C 426 17.66 -30.28 27.22
C CYS C 426 17.99 -31.55 26.45
N GLY C 427 17.83 -31.46 25.13
CA GLY C 427 18.15 -32.55 24.23
C GLY C 427 19.60 -32.50 23.77
N CYS C 428 19.82 -32.44 22.46
CA CYS C 428 21.18 -32.49 21.94
C CYS C 428 21.26 -31.77 20.60
N TYR C 429 22.43 -31.19 20.33
CA TYR C 429 22.76 -30.58 19.05
C TYR C 429 23.98 -31.29 18.48
N ASP C 430 23.95 -31.57 17.18
CA ASP C 430 25.07 -32.24 16.53
C ASP C 430 26.03 -31.20 15.97
N LYS C 431 26.98 -31.64 15.14
CA LYS C 431 27.92 -30.71 14.53
C LYS C 431 27.21 -29.71 13.63
N ASP C 432 26.32 -30.18 12.77
CA ASP C 432 25.58 -29.28 11.90
C ASP C 432 24.58 -28.44 12.67
N GLY C 433 24.18 -28.86 13.86
CA GLY C 433 23.27 -28.09 14.68
C GLY C 433 21.83 -28.54 14.71
N ASN C 434 21.53 -29.74 14.23
CA ASN C 434 20.17 -30.23 14.32
C ASN C 434 19.86 -30.72 15.73
N TYR C 435 18.59 -30.67 16.10
CA TYR C 435 18.15 -30.98 17.44
C TYR C 435 17.35 -32.29 17.46
N TYR C 436 17.47 -33.01 18.58
CA TYR C 436 16.69 -34.21 18.82
C TYR C 436 16.30 -34.23 20.29
N ASP C 437 15.23 -34.98 20.57
CA ASP C 437 14.89 -35.23 21.96
C ASP C 437 15.87 -36.23 22.57
N VAL C 438 16.01 -36.17 23.89
CA VAL C 438 16.87 -37.12 24.58
C VAL C 438 16.40 -38.55 24.29
N GLY C 439 17.33 -39.49 24.36
CA GLY C 439 17.00 -40.87 24.04
C GLY C 439 16.83 -41.18 22.58
N ALA C 440 17.41 -40.36 21.70
CA ALA C 440 17.30 -40.55 20.26
C ALA C 440 18.69 -40.71 19.65
N ARG C 441 18.83 -41.70 18.77
CA ARG C 441 20.05 -41.89 18.03
C ARG C 441 20.18 -40.85 16.91
N VAL C 442 21.41 -40.54 16.56
CA VAL C 442 21.70 -39.49 15.59
C VAL C 442 22.29 -40.10 14.33
N PRO C 443 21.89 -39.66 13.13
CA PRO C 443 22.48 -40.10 11.87
C PRO C 443 23.97 -39.78 11.76
N CYS C 451 25.17 -43.31 17.95
CA CYS C 451 25.19 -42.62 19.23
C CYS C 451 23.81 -42.08 19.57
N ASN C 452 23.45 -42.11 20.85
CA ASN C 452 22.13 -41.74 21.32
C ASN C 452 22.16 -40.36 21.99
N CYS C 453 21.03 -39.95 22.54
CA CYS C 453 20.93 -38.71 23.30
C CYS C 453 20.69 -39.04 24.76
N THR C 454 21.49 -38.45 25.64
CA THR C 454 21.55 -38.80 27.06
C THR C 454 21.75 -37.53 27.87
N PRO C 455 21.83 -37.61 29.20
CA PRO C 455 22.25 -36.42 29.97
C PRO C 455 23.55 -35.83 29.48
N SER C 456 24.50 -36.66 29.05
CA SER C 456 25.69 -36.14 28.39
C SER C 456 25.34 -35.48 27.06
N GLY C 457 24.40 -36.06 26.32
CA GLY C 457 24.03 -35.54 25.02
C GLY C 457 24.23 -36.61 23.96
N ILE C 458 24.90 -36.26 22.86
CA ILE C 458 25.25 -37.24 21.85
C ILE C 458 26.52 -37.96 22.33
N GLN C 459 26.36 -39.20 22.77
CA GLN C 459 27.45 -39.99 23.32
C GLN C 459 27.43 -41.40 22.73
N CYS C 460 28.59 -42.03 22.73
CA CYS C 460 28.72 -43.41 22.28
C CYS C 460 30.09 -43.98 22.63
N GLY D 1 -19.01 -65.53 -3.19
CA GLY D 1 -17.63 -65.16 -3.41
C GLY D 1 -17.16 -64.02 -2.54
N CYS D 2 -17.76 -63.90 -1.37
CA CYS D 2 -17.40 -62.84 -0.41
C CYS D 2 -17.17 -63.49 0.95
N ALA D 3 -16.84 -62.67 1.94
CA ALA D 3 -16.51 -63.17 3.27
C ALA D 3 -17.53 -62.72 4.31
N ALA D 4 -17.80 -61.41 4.36
CA ALA D 4 -18.77 -60.87 5.30
C ALA D 4 -20.17 -61.34 4.91
N PRO D 5 -21.15 -61.23 5.83
CA PRO D 5 -22.53 -61.66 5.53
C PRO D 5 -23.01 -61.26 4.13
N MET D 6 -22.51 -60.14 3.62
CA MET D 6 -22.80 -59.75 2.25
C MET D 6 -22.31 -60.82 1.27
N VAL D 7 -23.23 -61.29 0.42
CA VAL D 7 -22.95 -62.38 -0.50
C VAL D 7 -22.90 -61.84 -1.93
N TYR D 8 -22.36 -62.61 -2.85
CA TYR D 8 -22.21 -62.15 -4.22
C TYR D 8 -23.56 -62.11 -4.94
N LEU D 9 -23.66 -61.21 -5.91
CA LEU D 9 -24.80 -61.12 -6.82
C LEU D 9 -24.28 -60.94 -8.23
N ASP D 10 -24.79 -61.75 -9.15
CA ASP D 10 -24.37 -61.76 -10.54
C ASP D 10 -25.58 -61.56 -11.43
N CYS D 11 -25.43 -60.76 -12.48
CA CYS D 11 -26.53 -60.43 -13.36
C CYS D 11 -26.76 -61.45 -14.45
N SER D 12 -25.89 -62.47 -14.57
CA SER D 12 -26.05 -63.45 -15.63
C SER D 12 -27.35 -64.23 -15.48
N ASN D 13 -27.71 -64.59 -14.25
CA ASN D 13 -28.94 -65.32 -14.01
C ASN D 13 -30.18 -64.44 -14.14
N SER D 14 -30.12 -63.23 -13.57
CA SER D 14 -31.27 -62.34 -13.59
C SER D 14 -31.46 -61.74 -14.97
N SER D 15 -32.70 -61.39 -15.28
CA SER D 15 -32.99 -60.65 -16.50
C SER D 15 -32.38 -59.26 -16.43
N ALA D 16 -32.05 -58.71 -17.60
CA ALA D 16 -31.42 -57.39 -17.64
C ALA D 16 -32.35 -56.34 -17.04
N GLY D 17 -31.76 -55.38 -16.33
CA GLY D 17 -32.51 -54.30 -15.72
C GLY D 17 -32.69 -54.41 -14.22
N THR D 18 -32.43 -55.56 -13.59
CA THR D 18 -32.56 -55.67 -12.15
C THR D 18 -31.51 -54.81 -11.46
N PRO D 19 -31.83 -54.28 -10.27
CA PRO D 19 -30.86 -53.45 -9.55
C PRO D 19 -29.66 -54.23 -9.09
N GLY D 20 -28.50 -53.96 -9.67
CA GLY D 20 -27.27 -54.67 -9.34
C GLY D 20 -26.62 -54.14 -8.09
N ALA D 21 -25.33 -54.42 -7.96
CA ALA D 21 -24.59 -53.99 -6.78
C ALA D 21 -24.47 -52.47 -6.71
N GLU D 22 -24.67 -51.79 -7.84
CA GLU D 22 -24.68 -50.33 -7.81
C GLU D 22 -25.88 -49.82 -7.04
N CYS D 23 -27.03 -50.48 -7.20
CA CYS D 23 -28.24 -50.14 -6.45
C CYS D 23 -28.30 -50.95 -5.17
N LEU D 24 -27.18 -50.94 -4.44
CA LEU D 24 -27.08 -51.67 -3.19
C LEU D 24 -27.73 -50.86 -2.09
N ARG D 25 -28.59 -51.50 -1.31
CA ARG D 25 -29.17 -50.83 -0.15
C ARG D 25 -28.05 -50.37 0.78
N SER D 26 -27.97 -49.05 0.98
CA SER D 26 -26.85 -48.47 1.69
C SER D 26 -27.35 -47.27 2.49
N CYS D 27 -26.52 -46.86 3.46
CA CYS D 27 -26.92 -45.81 4.39
C CYS D 27 -27.25 -44.52 3.68
N HIS D 28 -26.75 -44.33 2.46
CA HIS D 28 -27.15 -43.20 1.63
C HIS D 28 -28.25 -43.52 0.65
N THR D 29 -28.17 -44.66 -0.04
CA THR D 29 -29.10 -44.97 -1.10
C THR D 29 -30.32 -45.74 -0.61
N LEU D 30 -30.37 -46.07 0.69
CA LEU D 30 -31.62 -46.58 1.24
C LEU D 30 -32.69 -45.52 1.20
N ASP D 31 -32.30 -44.24 1.18
CA ASP D 31 -33.24 -43.14 1.36
C ASP D 31 -33.65 -42.47 0.06
N VAL D 32 -32.72 -42.33 -0.89
CA VAL D 32 -33.00 -41.59 -2.12
C VAL D 32 -33.71 -42.46 -3.14
N GLY D 33 -33.21 -43.68 -3.34
CA GLY D 33 -33.73 -44.55 -4.38
C GLY D 33 -32.81 -44.58 -5.56
N CYS D 34 -32.25 -45.74 -5.89
CA CYS D 34 -31.16 -45.84 -6.84
C CYS D 34 -31.68 -45.85 -8.28
N PHE D 35 -30.87 -45.33 -9.19
CA PHE D 35 -31.17 -45.33 -10.62
C PHE D 35 -29.97 -45.90 -11.38
N SER D 36 -30.25 -46.84 -12.28
CA SER D 36 -29.23 -47.38 -13.17
C SER D 36 -29.90 -48.23 -14.24
N THR D 37 -29.41 -48.11 -15.48
CA THR D 37 -29.91 -48.92 -16.58
C THR D 37 -29.17 -50.24 -16.74
N HIS D 38 -28.09 -50.46 -15.98
CA HIS D 38 -27.27 -51.66 -16.14
C HIS D 38 -27.06 -52.29 -14.78
N CYS D 39 -27.26 -53.61 -14.70
CA CYS D 39 -26.90 -54.36 -13.51
C CYS D 39 -25.39 -54.55 -13.44
N VAL D 40 -24.87 -54.60 -12.22
CA VAL D 40 -23.46 -54.90 -11.99
C VAL D 40 -23.35 -56.03 -10.99
N SER D 41 -22.38 -56.90 -11.19
CA SER D 41 -22.12 -57.98 -10.26
C SER D 41 -21.21 -57.48 -9.13
N GLY D 42 -21.48 -57.94 -7.93
CA GLY D 42 -20.67 -57.52 -6.79
C GLY D 42 -21.26 -58.09 -5.51
N CYS D 43 -20.58 -57.80 -4.41
CA CYS D 43 -21.00 -58.31 -3.10
C CYS D 43 -22.00 -57.34 -2.46
N VAL D 44 -23.13 -57.88 -2.03
CA VAL D 44 -24.26 -57.10 -1.55
C VAL D 44 -24.77 -57.73 -0.25
N CYS D 45 -25.08 -56.88 0.73
CA CYS D 45 -25.52 -57.36 2.03
C CYS D 45 -26.80 -58.19 1.89
N PRO D 46 -27.00 -59.17 2.76
CA PRO D 46 -28.21 -59.99 2.70
C PRO D 46 -29.44 -59.16 2.99
N PRO D 47 -30.62 -59.59 2.52
CA PRO D 47 -31.82 -58.80 2.72
C PRO D 47 -32.11 -58.55 4.20
N GLY D 48 -32.64 -57.36 4.48
CA GLY D 48 -32.88 -56.92 5.84
C GLY D 48 -31.83 -55.99 6.41
N LEU D 49 -30.63 -55.98 5.83
CA LEU D 49 -29.53 -55.14 6.28
C LEU D 49 -29.04 -54.31 5.10
N VAL D 50 -28.23 -53.30 5.41
CA VAL D 50 -27.62 -52.44 4.41
C VAL D 50 -26.11 -52.48 4.61
N SER D 51 -25.39 -51.72 3.81
CA SER D 51 -23.94 -51.67 3.91
C SER D 51 -23.48 -50.29 4.36
N ASP D 52 -22.36 -50.29 5.10
CA ASP D 52 -21.71 -49.06 5.52
C ASP D 52 -20.85 -48.44 4.42
N GLY D 53 -20.73 -49.11 3.27
CA GLY D 53 -19.83 -48.68 2.23
C GLY D 53 -18.42 -49.21 2.36
N SER D 54 -18.11 -49.94 3.42
CA SER D 54 -16.78 -50.51 3.63
C SER D 54 -16.80 -52.03 3.60
N GLY D 55 -17.80 -52.63 2.96
CA GLY D 55 -17.92 -54.06 2.90
C GLY D 55 -18.59 -54.71 4.09
N GLY D 56 -18.93 -53.94 5.12
CA GLY D 56 -19.65 -54.44 6.27
C GLY D 56 -21.15 -54.48 6.02
N CYS D 57 -21.88 -54.95 7.03
CA CYS D 57 -23.33 -54.98 6.99
C CYS D 57 -23.85 -54.46 8.32
N ILE D 58 -24.92 -53.65 8.24
CA ILE D 58 -25.46 -52.94 9.39
C ILE D 58 -26.98 -52.97 9.30
N ALA D 59 -27.64 -53.11 10.43
CA ALA D 59 -29.09 -52.96 10.47
C ALA D 59 -29.48 -51.55 10.06
N GLU D 60 -30.60 -51.43 9.35
CA GLU D 60 -31.03 -50.15 8.82
C GLU D 60 -31.32 -49.11 9.89
N GLU D 61 -31.51 -49.53 11.14
CA GLU D 61 -31.78 -48.61 12.23
C GLU D 61 -30.50 -48.14 12.92
N ASP D 62 -29.33 -48.33 12.29
CA ASP D 62 -28.07 -47.90 12.87
C ASP D 62 -27.15 -47.26 11.84
N CYS D 63 -27.70 -46.75 10.75
CA CYS D 63 -26.88 -46.18 9.70
C CYS D 63 -26.21 -44.90 10.17
N PRO D 64 -24.92 -44.72 9.94
CA PRO D 64 -24.25 -43.49 10.36
C PRO D 64 -24.82 -42.27 9.67
N CYS D 65 -24.89 -41.17 10.41
CA CYS D 65 -25.34 -39.91 9.85
C CYS D 65 -24.15 -39.15 9.25
N VAL D 66 -24.36 -38.61 8.06
CA VAL D 66 -23.34 -37.86 7.33
C VAL D 66 -23.67 -36.38 7.45
N HIS D 67 -22.68 -35.58 7.82
CA HIS D 67 -22.88 -34.14 7.93
C HIS D 67 -21.58 -33.40 7.63
N ASN D 68 -21.61 -32.55 6.60
CA ASN D 68 -20.52 -31.64 6.27
C ASN D 68 -19.22 -32.41 6.02
N GLU D 69 -19.24 -33.23 4.98
CA GLU D 69 -18.07 -34.02 4.56
C GLU D 69 -17.55 -34.87 5.70
N ALA D 70 -18.41 -35.19 6.67
CA ALA D 70 -18.03 -36.04 7.77
C ALA D 70 -19.00 -37.21 7.91
N THR D 71 -18.84 -37.97 8.98
CA THR D 71 -19.69 -39.11 9.28
C THR D 71 -19.72 -39.31 10.79
N TYR D 72 -20.92 -39.49 11.33
CA TYR D 72 -21.11 -39.62 12.77
C TYR D 72 -21.84 -40.92 13.08
N LYS D 73 -21.36 -41.65 14.08
CA LYS D 73 -22.03 -42.86 14.50
C LYS D 73 -23.36 -42.51 15.17
N PRO D 74 -24.30 -43.44 15.21
CA PRO D 74 -25.52 -43.22 16.00
C PRO D 74 -25.15 -43.00 17.45
N GLY D 75 -25.80 -42.02 18.07
CA GLY D 75 -25.49 -41.63 19.44
C GLY D 75 -24.44 -40.54 19.56
N GLU D 76 -23.81 -40.14 18.47
CA GLU D 76 -22.90 -39.00 18.49
C GLU D 76 -23.67 -37.70 18.27
N THR D 77 -23.19 -36.64 18.90
CA THR D 77 -23.87 -35.36 18.88
C THR D 77 -23.05 -34.33 18.13
N ILE D 78 -23.74 -33.35 17.55
CA ILE D 78 -23.10 -32.22 16.91
C ILE D 78 -23.80 -30.95 17.36
N ARG D 79 -23.16 -29.81 17.10
CA ARG D 79 -23.71 -28.51 17.40
C ARG D 79 -23.80 -27.72 16.10
N VAL D 80 -25.00 -27.23 15.78
CA VAL D 80 -25.22 -26.36 14.62
C VAL D 80 -25.78 -25.05 15.13
N ASP D 81 -25.09 -23.95 14.81
CA ASP D 81 -25.45 -22.61 15.26
C ASP D 81 -25.68 -22.59 16.77
N CYS D 82 -26.90 -22.30 17.19
CA CYS D 82 -27.22 -22.17 18.60
C CYS D 82 -27.88 -23.41 19.17
N ASN D 83 -28.09 -24.44 18.37
CA ASN D 83 -28.79 -25.64 18.82
C ASN D 83 -27.89 -26.85 18.62
N THR D 84 -28.28 -27.95 19.27
CA THR D 84 -27.51 -29.18 19.25
C THR D 84 -28.38 -30.28 18.69
N CYS D 85 -27.79 -31.14 17.86
CA CYS D 85 -28.48 -32.26 17.27
C CYS D 85 -27.78 -33.57 17.64
N THR D 86 -28.56 -34.64 17.56
CA THR D 86 -28.07 -35.99 17.83
C THR D 86 -28.53 -36.90 16.71
N CYS D 87 -27.69 -37.87 16.35
CA CYS D 87 -27.92 -38.74 15.21
C CYS D 87 -28.73 -39.96 15.64
N ARG D 88 -29.90 -40.13 15.03
CA ARG D 88 -30.75 -41.28 15.29
C ARG D 88 -31.50 -41.65 14.02
N ASN D 89 -31.41 -42.92 13.64
CA ASN D 89 -32.13 -43.45 12.49
C ASN D 89 -31.90 -42.59 11.25
N ARG D 90 -30.63 -42.36 10.95
CA ARG D 90 -30.22 -41.60 9.76
C ARG D 90 -30.85 -40.22 9.72
N ARG D 91 -31.14 -39.67 10.90
CA ARG D 91 -31.72 -38.34 11.01
C ARG D 91 -31.03 -37.59 12.12
N TRP D 92 -31.20 -36.27 12.13
CA TRP D 92 -30.74 -35.44 13.21
C TRP D 92 -31.94 -34.91 13.97
N GLU D 93 -31.97 -35.17 15.28
CA GLU D 93 -32.95 -34.55 16.16
C GLU D 93 -32.27 -33.43 16.93
N CYS D 94 -32.80 -32.23 16.79
CA CYS D 94 -32.19 -31.03 17.34
C CYS D 94 -33.14 -30.37 18.33
N SER D 95 -32.55 -29.74 19.34
CA SER D 95 -33.32 -28.88 20.23
C SER D 95 -33.92 -27.73 19.43
N HIS D 96 -34.97 -27.12 19.98
CA HIS D 96 -35.71 -26.08 19.27
C HIS D 96 -35.48 -24.70 19.85
N ARG D 97 -34.27 -24.41 20.33
CA ARG D 97 -33.96 -23.09 20.83
C ARG D 97 -33.83 -22.11 19.66
N LEU D 98 -34.43 -20.93 19.83
CA LEU D 98 -34.31 -19.89 18.82
C LEU D 98 -32.86 -19.41 18.71
N CYS D 99 -32.44 -19.12 17.49
CA CYS D 99 -31.07 -18.71 17.22
C CYS D 99 -31.01 -17.25 16.81
N LEU D 100 -30.04 -16.53 17.39
CA LEU D 100 -29.95 -15.09 17.20
C LEU D 100 -29.52 -14.77 15.78
N GLY D 101 -30.38 -14.09 15.03
CA GLY D 101 -30.04 -13.73 13.66
C GLY D 101 -28.87 -12.78 13.61
N THR D 102 -28.14 -12.78 12.50
CA THR D 102 -26.87 -12.07 12.43
C THR D 102 -26.74 -11.27 11.14
N CYS D 103 -26.46 -9.99 11.29
CA CYS D 103 -26.04 -9.12 10.21
C CYS D 103 -24.55 -8.84 10.34
N VAL D 104 -23.87 -8.69 9.22
CA VAL D 104 -22.44 -8.42 9.21
C VAL D 104 -22.16 -7.27 8.26
N ALA D 105 -21.36 -6.32 8.70
CA ALA D 105 -20.97 -5.17 7.87
C ALA D 105 -19.51 -4.92 8.16
N TYR D 106 -18.62 -5.26 7.23
CA TYR D 106 -17.20 -5.17 7.50
C TYR D 106 -16.44 -4.81 6.24
N GLY D 107 -15.13 -4.57 6.41
CA GLY D 107 -14.24 -4.37 5.30
C GLY D 107 -14.53 -3.10 4.52
N ASP D 108 -14.27 -3.17 3.22
CA ASP D 108 -14.50 -2.07 2.30
C ASP D 108 -15.97 -1.86 2.00
N GLY D 109 -16.85 -2.54 2.72
CA GLY D 109 -18.27 -2.39 2.48
C GLY D 109 -18.95 -3.70 2.16
N HIS D 110 -18.36 -4.81 2.57
CA HIS D 110 -19.03 -6.08 2.41
C HIS D 110 -20.13 -6.20 3.47
N PHE D 111 -21.31 -6.58 3.03
CA PHE D 111 -22.45 -6.80 3.91
C PHE D 111 -22.97 -8.21 3.73
N ILE D 112 -23.32 -8.83 4.84
CA ILE D 112 -24.07 -10.07 4.89
C ILE D 112 -25.35 -9.76 5.63
N THR D 113 -26.48 -9.75 4.93
CA THR D 113 -27.72 -9.31 5.54
C THR D 113 -28.19 -10.33 6.56
N PHE D 114 -29.33 -10.03 7.19
CA PHE D 114 -29.86 -10.90 8.23
C PHE D 114 -30.30 -12.24 7.65
N ASP D 115 -30.74 -12.24 6.39
CA ASP D 115 -31.29 -13.41 5.72
C ASP D 115 -30.24 -14.24 5.02
N GLY D 116 -28.96 -13.92 5.18
CA GLY D 116 -27.90 -14.67 4.57
C GLY D 116 -27.40 -14.13 3.25
N ASP D 117 -27.97 -13.04 2.74
CA ASP D 117 -27.52 -12.46 1.50
C ASP D 117 -26.14 -11.84 1.67
N ARG D 118 -25.43 -11.69 0.57
CA ARG D 118 -24.09 -11.11 0.59
C ARG D 118 -23.91 -10.15 -0.58
N TYR D 119 -23.34 -8.98 -0.32
CA TYR D 119 -23.04 -8.06 -1.41
C TYR D 119 -21.99 -7.07 -0.94
N SER D 120 -21.58 -6.20 -1.85
CA SER D 120 -20.56 -5.20 -1.59
C SER D 120 -21.09 -3.84 -2.01
N PHE D 121 -21.03 -2.88 -1.10
CA PHE D 121 -21.50 -1.53 -1.38
C PHE D 121 -20.51 -0.56 -0.79
N GLU D 122 -19.85 0.22 -1.64
CA GLU D 122 -18.81 1.15 -1.22
C GLU D 122 -19.41 2.55 -1.19
N GLY D 123 -20.09 2.88 -0.10
CA GLY D 123 -20.67 4.20 0.08
C GLY D 123 -19.77 5.08 0.94
N SER D 124 -20.09 6.37 0.97
CA SER D 124 -19.30 7.33 1.72
C SER D 124 -20.09 8.09 2.78
N CYS D 125 -21.39 8.25 2.59
CA CYS D 125 -22.22 9.04 3.50
C CYS D 125 -22.75 8.18 4.63
N GLU D 126 -23.73 8.70 5.35
CA GLU D 126 -24.31 7.98 6.48
C GLU D 126 -25.42 7.06 6.01
N TYR D 127 -25.31 5.77 6.35
CA TYR D 127 -26.22 4.76 5.84
C TYR D 127 -26.84 3.99 7.00
N ILE D 128 -28.14 3.76 6.93
CA ILE D 128 -28.87 3.11 8.00
C ILE D 128 -28.58 1.61 7.97
N LEU D 129 -27.75 1.14 8.89
CA LEU D 129 -27.43 -0.28 8.92
C LEU D 129 -28.62 -1.10 9.40
N ALA D 130 -29.44 -0.54 10.27
CA ALA D 130 -30.65 -1.24 10.71
C ALA D 130 -31.58 -0.22 11.34
N GLN D 131 -32.85 -0.60 11.46
CA GLN D 131 -33.81 0.19 12.20
C GLN D 131 -35.14 -0.54 12.26
N ASP D 132 -35.90 -0.26 13.31
CA ASP D 132 -37.30 -0.64 13.36
C ASP D 132 -38.21 0.48 12.92
N TYR D 133 -37.66 1.63 12.57
CA TYR D 133 -38.46 2.78 12.14
C TYR D 133 -38.76 2.67 10.65
N CYS D 134 -39.48 1.61 10.29
CA CYS D 134 -39.99 1.44 8.94
C CYS D 134 -41.18 0.50 8.99
N GLY D 135 -42.32 0.97 8.53
CA GLY D 135 -43.54 0.18 8.55
C GLY D 135 -44.74 1.10 8.41
N ASP D 136 -45.92 0.48 8.48
CA ASP D 136 -47.16 1.25 8.39
C ASP D 136 -47.23 2.27 9.51
N ASN D 137 -46.50 2.04 10.58
CA ASN D 137 -46.13 3.08 11.53
C ASN D 137 -44.61 2.99 11.71
N THR D 138 -43.94 4.13 11.52
CA THR D 138 -42.50 4.18 11.79
C THR D 138 -42.22 4.46 13.25
N THR D 139 -43.23 4.89 14.00
CA THR D 139 -43.05 5.36 15.37
C THR D 139 -43.22 4.27 16.42
N HIS D 140 -43.58 3.05 16.03
CA HIS D 140 -43.64 1.96 16.98
C HIS D 140 -42.34 1.15 17.03
N GLY D 141 -41.30 1.58 16.32
CA GLY D 141 -40.01 0.94 16.42
C GLY D 141 -39.21 1.42 17.62
N THR D 142 -38.09 0.74 17.87
CA THR D 142 -37.27 1.07 19.02
C THR D 142 -35.91 1.62 18.63
N PHE D 143 -35.09 0.85 17.90
CA PHE D 143 -33.68 1.19 17.75
C PHE D 143 -33.37 1.62 16.33
N ARG D 144 -32.13 2.05 16.13
CA ARG D 144 -31.66 2.53 14.84
C ARG D 144 -30.14 2.55 14.82
N ILE D 145 -29.53 1.98 13.78
CA ILE D 145 -28.08 1.86 13.68
C ILE D 145 -27.66 2.41 12.34
N VAL D 146 -26.85 3.47 12.36
CA VAL D 146 -26.27 4.10 11.19
C VAL D 146 -24.77 3.87 11.20
N THR D 147 -24.17 3.81 10.02
CA THR D 147 -22.72 3.72 9.91
C THR D 147 -22.24 4.59 8.77
N GLU D 148 -20.95 4.91 8.79
CA GLU D 148 -20.29 5.58 7.68
C GLU D 148 -18.79 5.40 7.83
N ASN D 149 -18.10 5.42 6.71
CA ASN D 149 -16.70 5.00 6.65
C ASN D 149 -15.77 6.17 6.96
N ILE D 150 -15.09 6.09 8.08
CA ILE D 150 -14.09 7.09 8.48
C ILE D 150 -12.77 6.77 7.80
N PRO D 151 -12.10 7.76 7.23
CA PRO D 151 -10.67 7.60 6.97
C PRO D 151 -9.88 8.09 8.17
N CYS D 152 -8.95 7.28 8.68
CA CYS D 152 -8.37 7.54 9.99
C CYS D 152 -7.16 8.47 9.96
N GLY D 153 -6.62 8.77 8.79
CA GLY D 153 -5.48 9.69 8.75
C GLY D 153 -5.49 10.62 7.55
N THR D 154 -6.52 10.52 6.72
CA THR D 154 -6.57 11.25 5.47
C THR D 154 -8.02 11.39 5.06
N THR D 155 -8.27 11.72 3.80
CA THR D 155 -9.59 11.62 3.19
C THR D 155 -9.42 10.75 1.94
N GLY D 156 -9.47 9.44 2.14
CA GLY D 156 -9.20 8.50 1.08
C GLY D 156 -9.91 7.18 1.29
N THR D 157 -9.17 6.08 1.15
CA THR D 157 -9.75 4.77 1.41
C THR D 157 -10.12 4.64 2.88
N THR D 158 -11.18 3.88 3.15
CA THR D 158 -11.70 3.76 4.50
C THR D 158 -10.67 3.11 5.41
N CYS D 159 -10.64 3.55 6.67
CA CYS D 159 -9.73 2.99 7.66
C CYS D 159 -10.44 2.53 8.91
N SER D 160 -11.55 3.18 9.27
CA SER D 160 -12.38 2.74 10.38
C SER D 160 -13.81 3.15 10.06
N LYS D 161 -14.70 2.90 11.00
CA LYS D 161 -16.11 3.20 10.82
C LYS D 161 -16.58 4.15 11.91
N ALA D 162 -17.88 4.45 11.88
CA ALA D 162 -18.51 5.28 12.90
C ALA D 162 -19.97 4.85 13.00
N ILE D 163 -20.38 4.45 14.18
CA ILE D 163 -21.70 3.89 14.43
C ILE D 163 -22.52 4.91 15.20
N LYS D 164 -23.82 4.97 14.92
CA LYS D 164 -24.74 5.80 15.70
C LYS D 164 -25.88 4.91 16.16
N LEU D 165 -25.69 4.25 17.30
CA LEU D 165 -26.70 3.40 17.91
C LEU D 165 -27.75 4.24 18.60
N PHE D 166 -28.85 4.53 17.92
CA PHE D 166 -29.97 5.15 18.58
C PHE D 166 -30.85 4.06 19.17
N VAL D 167 -31.13 4.15 20.46
CA VAL D 167 -31.90 3.16 21.19
C VAL D 167 -33.00 3.92 21.92
N GLU D 168 -34.24 3.85 21.40
CA GLU D 168 -35.30 4.77 21.80
C GLU D 168 -34.83 6.22 21.77
N SER D 169 -34.82 6.87 22.93
CA SER D 169 -34.48 8.28 23.04
C SER D 169 -33.01 8.52 23.38
N TYR D 170 -32.21 7.47 23.50
CA TYR D 170 -30.80 7.63 23.77
C TYR D 170 -30.03 7.74 22.46
N GLU D 171 -28.70 7.65 22.55
CA GLU D 171 -27.83 7.63 21.38
C GLU D 171 -26.43 7.27 21.85
N LEU D 172 -25.75 6.46 21.06
CA LEU D 172 -24.34 6.17 21.31
C LEU D 172 -23.57 6.37 20.03
N ILE D 173 -22.46 7.07 20.10
CA ILE D 173 -21.57 7.22 18.97
C ILE D 173 -20.36 6.33 19.19
N LEU D 174 -20.13 5.40 18.28
CA LEU D 174 -19.01 4.48 18.34
C LEU D 174 -18.01 4.94 17.29
N GLN D 175 -16.92 5.56 17.73
CA GLN D 175 -15.95 6.04 16.78
C GLN D 175 -14.58 6.11 17.43
N GLU D 176 -13.55 6.13 16.58
CA GLU D 176 -12.16 6.31 16.99
C GLU D 176 -11.65 5.23 17.94
N GLY D 177 -12.49 4.27 18.30
CA GLY D 177 -12.10 3.21 19.19
C GLY D 177 -12.76 3.25 20.55
N THR D 178 -13.69 4.16 20.77
CA THR D 178 -14.46 4.21 22.01
C THR D 178 -15.88 4.67 21.71
N PHE D 179 -16.67 4.78 22.77
CA PHE D 179 -18.09 5.09 22.68
C PHE D 179 -18.37 6.42 23.36
N LYS D 180 -19.60 6.90 23.19
CA LYS D 180 -20.05 8.13 23.82
C LYS D 180 -21.50 7.99 24.26
N ALA D 181 -22.14 9.09 24.61
CA ALA D 181 -23.53 9.05 25.03
C ALA D 181 -24.10 10.45 24.92
N VAL D 182 -25.10 10.62 24.07
CA VAL D 182 -25.65 11.93 23.76
C VAL D 182 -27.13 11.91 24.10
N ALA D 183 -27.47 11.18 25.16
CA ALA D 183 -28.87 11.04 25.60
C ALA D 183 -29.58 12.38 25.65
N ARG D 184 -30.60 12.54 24.82
CA ARG D 184 -31.33 13.79 24.70
C ARG D 184 -32.78 13.70 25.15
N GLY D 185 -33.41 12.53 25.05
CA GLY D 185 -34.78 12.37 25.44
C GLY D 185 -34.94 12.27 26.95
N PRO D 186 -35.90 11.44 27.40
CA PRO D 186 -36.04 11.19 28.83
C PRO D 186 -34.77 10.64 29.46
N GLY D 187 -34.40 11.19 30.61
CA GLY D 187 -33.18 10.79 31.30
C GLY D 187 -33.37 9.73 32.36
N GLY D 188 -33.80 8.54 31.96
CA GLY D 188 -33.96 7.42 32.88
C GLY D 188 -32.75 6.51 32.90
N ASP D 189 -33.00 5.26 33.23
CA ASP D 189 -31.92 4.29 33.20
C ASP D 189 -31.64 3.85 31.76
N PRO D 190 -30.37 3.59 31.43
CA PRO D 190 -30.02 3.22 30.05
C PRO D 190 -30.72 1.93 29.64
N PRO D 191 -31.28 1.89 28.42
CA PRO D 191 -31.80 0.64 27.88
C PRO D 191 -30.75 -0.23 27.22
N TYR D 192 -29.47 0.02 27.49
CA TYR D 192 -28.36 -0.72 26.90
C TYR D 192 -27.36 -1.08 28.00
N LYS D 193 -26.55 -2.08 27.71
CA LYS D 193 -25.42 -2.44 28.55
C LYS D 193 -24.20 -2.51 27.66
N ILE D 194 -23.03 -2.23 28.24
CA ILE D 194 -21.79 -2.08 27.48
C ILE D 194 -20.79 -3.08 28.04
N ARG D 195 -20.12 -3.81 27.15
CA ARG D 195 -19.12 -4.78 27.56
C ARG D 195 -17.94 -4.73 26.60
N TYR D 196 -16.80 -5.17 27.09
CA TYR D 196 -15.58 -5.27 26.30
C TYR D 196 -15.32 -6.74 26.05
N MET D 197 -15.92 -7.26 24.98
CA MET D 197 -15.83 -8.69 24.67
C MET D 197 -14.62 -8.88 23.77
N GLY D 198 -13.50 -9.27 24.38
CA GLY D 198 -12.30 -9.54 23.60
C GLY D 198 -11.77 -8.31 22.90
N ILE D 199 -11.85 -8.29 21.58
CA ILE D 199 -11.40 -7.14 20.80
C ILE D 199 -12.61 -6.42 20.24
N PHE D 200 -13.75 -6.54 20.93
CA PHE D 200 -15.00 -5.96 20.49
C PHE D 200 -15.63 -5.13 21.57
N LEU D 201 -16.26 -4.03 21.17
CA LEU D 201 -17.25 -3.37 22.00
C LEU D 201 -18.59 -4.03 21.73
N VAL D 202 -19.21 -4.59 22.76
CA VAL D 202 -20.49 -5.27 22.58
C VAL D 202 -21.52 -4.58 23.44
N ILE D 203 -22.62 -4.17 22.82
CA ILE D 203 -23.69 -3.46 23.50
C ILE D 203 -24.94 -4.29 23.42
N GLU D 204 -25.50 -4.66 24.56
CA GLU D 204 -26.74 -5.42 24.63
C GLU D 204 -27.93 -4.49 24.87
N THR D 205 -29.09 -4.93 24.39
CA THR D 205 -30.34 -4.21 24.62
C THR D 205 -31.46 -5.18 24.97
N HIS D 206 -31.10 -6.36 25.49
CA HIS D 206 -32.01 -7.40 25.96
C HIS D 206 -32.68 -8.14 24.80
N GLY D 207 -32.52 -7.63 23.57
CA GLY D 207 -32.99 -8.32 22.39
C GLY D 207 -32.16 -8.07 21.15
N MET D 208 -31.02 -7.39 21.32
CA MET D 208 -30.23 -6.92 20.18
C MET D 208 -28.83 -6.59 20.70
N ALA D 209 -27.83 -7.32 20.22
CA ALA D 209 -26.45 -7.17 20.67
C ALA D 209 -25.56 -6.78 19.51
N VAL D 210 -24.84 -5.68 19.65
CA VAL D 210 -23.95 -5.14 18.62
C VAL D 210 -22.51 -5.43 19.03
N SER D 211 -21.68 -5.80 18.06
CA SER D 211 -20.27 -6.06 18.29
C SER D 211 -19.45 -5.30 17.28
N TRP D 212 -18.56 -4.44 17.75
CA TRP D 212 -17.74 -3.58 16.92
C TRP D 212 -16.28 -3.93 17.15
N ASP D 213 -15.54 -4.22 16.07
CA ASP D 213 -14.15 -4.61 16.21
C ASP D 213 -13.25 -3.45 16.55
N ARG D 214 -13.82 -2.26 16.73
CA ARG D 214 -13.16 -1.00 17.04
C ARG D 214 -12.41 -0.47 15.84
N LYS D 215 -12.32 -1.21 14.74
CA LYS D 215 -11.78 -0.64 13.51
C LYS D 215 -12.82 -0.62 12.40
N THR D 216 -13.25 -1.76 11.88
CA THR D 216 -14.15 -1.69 10.73
C THR D 216 -15.20 -2.78 10.64
N SER D 217 -15.31 -3.70 11.60
CA SER D 217 -16.24 -4.81 11.51
C SER D 217 -17.36 -4.62 12.51
N VAL D 218 -18.59 -4.77 12.06
CA VAL D 218 -19.77 -4.70 12.91
C VAL D 218 -20.59 -5.96 12.67
N PHE D 219 -20.86 -6.69 13.75
CA PHE D 219 -21.73 -7.86 13.70
C PHE D 219 -22.88 -7.64 14.67
N ILE D 220 -24.10 -7.73 14.19
CA ILE D 220 -25.29 -7.49 15.00
C ILE D 220 -26.06 -8.80 15.13
N ARG D 221 -26.49 -9.13 16.33
CA ARG D 221 -27.25 -10.35 16.59
C ARG D 221 -28.57 -9.96 17.22
N LEU D 222 -29.65 -10.28 16.52
CA LEU D 222 -31.01 -9.90 16.88
C LEU D 222 -31.80 -11.11 17.38
N HIS D 223 -32.70 -10.84 18.33
CA HIS D 223 -33.63 -11.86 18.77
C HIS D 223 -34.65 -12.14 17.66
N GLN D 224 -35.32 -13.29 17.77
CA GLN D 224 -36.30 -13.65 16.78
C GLN D 224 -37.55 -12.79 16.82
N ASP D 225 -37.69 -11.94 17.84
CA ASP D 225 -38.85 -11.06 17.92
C ASP D 225 -38.85 -10.04 16.78
N TYR D 226 -37.68 -9.49 16.46
CA TYR D 226 -37.59 -8.40 15.49
C TYR D 226 -37.69 -8.88 14.06
N LYS D 227 -38.08 -10.13 13.85
CA LYS D 227 -38.11 -10.70 12.52
C LYS D 227 -39.14 -9.98 11.66
N GLY D 228 -38.75 -9.65 10.42
CA GLY D 228 -39.65 -9.05 9.48
C GLY D 228 -39.93 -7.58 9.69
N ARG D 229 -39.63 -7.03 10.87
CA ARG D 229 -39.96 -5.66 11.20
C ARG D 229 -38.76 -4.73 11.21
N VAL D 230 -37.65 -5.12 10.60
CA VAL D 230 -36.48 -4.27 10.50
C VAL D 230 -36.26 -3.91 9.03
N CYS D 231 -35.29 -3.04 8.78
CA CYS D 231 -34.94 -2.67 7.41
C CYS D 231 -33.55 -2.06 7.41
N GLY D 232 -33.18 -1.41 6.32
CA GLY D 232 -31.86 -0.82 6.20
C GLY D 232 -30.94 -1.64 5.32
N LEU D 233 -29.65 -1.69 5.65
CA LEU D 233 -28.67 -2.41 4.86
C LEU D 233 -28.39 -3.82 5.39
N CYS D 234 -29.08 -4.26 6.43
CA CYS D 234 -29.02 -5.65 6.85
C CYS D 234 -30.27 -6.41 6.43
N GLY D 235 -31.00 -5.91 5.44
CA GLY D 235 -32.20 -6.56 5.00
C GLY D 235 -33.31 -6.34 5.99
N ASN D 236 -34.44 -6.99 5.73
CA ASN D 236 -35.60 -6.88 6.60
C ASN D 236 -35.80 -8.11 7.48
N PHE D 237 -34.84 -9.02 7.52
CA PHE D 237 -34.89 -10.17 8.40
C PHE D 237 -36.21 -10.92 8.23
N ASP D 238 -36.40 -11.46 7.02
CA ASP D 238 -37.63 -12.16 6.69
C ASP D 238 -37.37 -13.58 6.20
N ASP D 239 -36.16 -14.10 6.36
CA ASP D 239 -35.79 -15.42 5.85
C ASP D 239 -36.05 -15.52 4.35
N ASN D 240 -35.83 -14.41 3.65
CA ASN D 240 -36.07 -14.34 2.21
C ASN D 240 -35.05 -13.36 1.65
N ALA D 241 -33.94 -13.89 1.16
CA ALA D 241 -32.81 -13.07 0.78
C ALA D 241 -32.94 -12.49 -0.62
N ILE D 242 -33.92 -12.92 -1.41
CA ILE D 242 -34.02 -12.41 -2.77
C ILE D 242 -34.54 -10.98 -2.77
N ASN D 243 -35.44 -10.66 -1.84
CA ASN D 243 -36.08 -9.35 -1.78
C ASN D 243 -35.41 -8.42 -0.79
N ASP D 244 -34.26 -8.81 -0.22
CA ASP D 244 -33.60 -7.97 0.77
C ASP D 244 -33.05 -6.69 0.16
N PHE D 245 -32.94 -6.60 -1.16
CA PHE D 245 -32.55 -5.35 -1.79
C PHE D 245 -33.75 -4.43 -1.91
N ALA D 246 -34.40 -4.12 -0.79
CA ALA D 246 -35.59 -3.30 -0.79
C ALA D 246 -35.22 -1.87 -0.41
N THR D 247 -35.47 -0.95 -1.33
CA THR D 247 -35.02 0.42 -1.19
C THR D 247 -35.93 1.16 -0.22
N ARG D 248 -35.80 2.50 -0.17
CA ARG D 248 -36.57 3.30 0.76
C ARG D 248 -38.06 3.17 0.49
N SER D 249 -38.45 3.21 -0.77
CA SER D 249 -39.85 3.13 -1.14
C SER D 249 -40.34 1.69 -1.32
N ARG D 250 -39.60 0.72 -0.80
CA ARG D 250 -39.93 -0.70 -0.92
C ARG D 250 -40.19 -1.08 -2.39
N SER D 251 -39.16 -0.99 -3.20
CA SER D 251 -39.20 -1.43 -4.59
C SER D 251 -37.96 -2.28 -4.82
N VAL D 252 -38.08 -3.59 -4.59
CA VAL D 252 -36.92 -4.47 -4.61
C VAL D 252 -36.22 -4.37 -5.96
N VAL D 253 -34.94 -4.03 -5.92
CA VAL D 253 -34.13 -3.88 -7.11
C VAL D 253 -33.12 -5.01 -7.15
N GLY D 254 -32.58 -5.26 -8.34
CA GLY D 254 -31.56 -6.27 -8.50
C GLY D 254 -30.15 -5.77 -8.37
N ASP D 255 -29.96 -4.50 -8.01
CA ASP D 255 -28.66 -3.87 -7.98
C ASP D 255 -28.36 -3.37 -6.57
N ALA D 256 -27.15 -3.63 -6.09
CA ALA D 256 -26.78 -3.21 -4.75
C ALA D 256 -26.53 -1.72 -4.65
N LEU D 257 -26.08 -1.09 -5.74
CA LEU D 257 -25.76 0.33 -5.68
C LEU D 257 -27.00 1.16 -5.38
N GLU D 258 -28.12 0.87 -6.04
CA GLU D 258 -29.34 1.61 -5.75
C GLU D 258 -29.87 1.26 -4.37
N PHE D 259 -29.77 0.01 -3.97
CA PHE D 259 -30.23 -0.38 -2.64
C PHE D 259 -29.48 0.41 -1.57
N GLY D 260 -28.18 0.60 -1.74
CA GLY D 260 -27.44 1.43 -0.81
C GLY D 260 -27.78 2.90 -0.92
N ASN D 261 -27.86 3.42 -2.15
CA ASN D 261 -28.16 4.83 -2.35
C ASN D 261 -29.51 5.21 -1.77
N SER D 262 -30.40 4.24 -1.60
CA SER D 262 -31.68 4.54 -0.96
C SER D 262 -31.49 4.92 0.50
N TRP D 263 -30.68 4.16 1.23
CA TRP D 263 -30.66 4.26 2.69
C TRP D 263 -29.67 5.28 3.22
N LYS D 264 -29.24 6.24 2.41
CA LYS D 264 -28.44 7.33 2.94
C LYS D 264 -29.30 8.22 3.82
N LEU D 265 -28.74 8.66 4.95
CA LEU D 265 -29.50 9.50 5.88
C LEU D 265 -29.91 10.81 5.23
N SER D 266 -28.97 11.49 4.58
CA SER D 266 -29.22 12.83 4.08
C SER D 266 -29.47 12.79 2.59
N PRO D 267 -30.66 13.20 2.12
CA PRO D 267 -30.88 13.27 0.66
C PRO D 267 -29.95 14.24 -0.04
N SER D 268 -29.38 15.20 0.69
CA SER D 268 -28.45 16.13 0.08
C SER D 268 -27.16 15.45 -0.35
N CYS D 269 -26.81 14.33 0.27
CA CYS D 269 -25.56 13.65 -0.04
C CYS D 269 -25.60 13.11 -1.46
N PRO D 270 -24.47 13.07 -2.16
CA PRO D 270 -24.46 12.49 -3.51
C PRO D 270 -24.44 10.98 -3.47
N ASP D 271 -25.08 10.39 -4.46
CA ASP D 271 -25.11 8.92 -4.58
C ASP D 271 -23.73 8.40 -4.95
N ALA D 272 -23.39 7.24 -4.38
CA ALA D 272 -22.15 6.57 -4.73
C ALA D 272 -22.19 6.15 -6.19
N LEU D 273 -21.03 6.23 -6.85
CA LEU D 273 -20.95 5.85 -8.25
C LEU D 273 -20.62 4.37 -8.35
N ALA D 274 -20.29 3.93 -9.55
CA ALA D 274 -20.01 2.52 -9.79
C ALA D 274 -18.77 2.10 -9.02
N PRO D 275 -18.87 1.10 -8.16
CA PRO D 275 -17.65 0.57 -7.53
C PRO D 275 -16.73 0.01 -8.60
N LYS D 276 -15.43 0.19 -8.38
CA LYS D 276 -14.44 -0.19 -9.36
C LYS D 276 -13.61 -1.32 -8.77
N ASP D 277 -13.41 -2.39 -9.54
CA ASP D 277 -12.80 -3.60 -9.00
C ASP D 277 -11.37 -3.31 -8.54
N PRO D 278 -11.01 -3.65 -7.31
CA PRO D 278 -9.74 -3.19 -6.75
C PRO D 278 -8.52 -3.76 -7.46
N CYS D 279 -8.50 -5.08 -7.67
CA CYS D 279 -7.32 -5.73 -8.20
C CYS D 279 -7.01 -5.27 -9.61
N THR D 280 -8.04 -4.98 -10.40
CA THR D 280 -7.81 -4.41 -11.73
C THR D 280 -7.15 -3.05 -11.62
N ALA D 281 -7.58 -2.23 -10.66
CA ALA D 281 -7.00 -0.90 -10.52
C ALA D 281 -5.52 -0.97 -10.16
N ASN D 282 -5.15 -1.86 -9.27
CA ASN D 282 -3.79 -1.93 -8.73
C ASN D 282 -3.27 -3.36 -8.90
N PRO D 283 -2.90 -3.74 -10.12
CA PRO D 283 -2.41 -5.11 -10.32
C PRO D 283 -1.17 -5.43 -9.52
N PHE D 284 -0.34 -4.43 -9.21
CA PHE D 284 0.92 -4.68 -8.53
C PHE D 284 0.74 -5.07 -7.07
N ARG D 285 -0.43 -4.83 -6.49
CA ARG D 285 -0.75 -5.41 -5.20
C ARG D 285 -1.26 -6.83 -5.32
N LYS D 286 -1.87 -7.14 -6.48
CA LYS D 286 -2.73 -8.31 -6.58
C LYS D 286 -2.00 -9.56 -6.10
N SER D 287 -0.81 -9.80 -6.62
CA SER D 287 -0.06 -11.00 -6.24
C SER D 287 0.10 -11.08 -4.73
N TRP D 288 0.61 -10.02 -4.12
CA TRP D 288 0.75 -10.00 -2.67
C TRP D 288 -0.58 -10.34 -2.02
N ALA D 289 -1.65 -9.72 -2.50
CA ALA D 289 -2.97 -9.97 -1.92
C ALA D 289 -3.25 -11.46 -1.85
N GLN D 290 -3.08 -12.15 -2.98
CA GLN D 290 -3.39 -13.58 -2.98
C GLN D 290 -2.51 -14.31 -1.97
N LYS D 291 -1.21 -14.00 -1.97
CA LYS D 291 -0.32 -14.67 -1.02
C LYS D 291 -0.79 -14.43 0.40
N GLN D 292 -1.32 -13.25 0.69
CA GLN D 292 -1.81 -13.01 2.03
C GLN D 292 -3.14 -13.71 2.25
N CYS D 293 -4.02 -13.71 1.25
CA CYS D 293 -5.33 -14.30 1.50
C CYS D 293 -5.31 -15.82 1.41
N SER D 294 -4.28 -16.40 0.80
CA SER D 294 -4.16 -17.84 0.74
C SER D 294 -4.18 -18.49 2.12
N ILE D 295 -4.12 -17.69 3.19
CA ILE D 295 -4.21 -18.25 4.53
C ILE D 295 -5.53 -19.00 4.69
N LEU D 296 -6.56 -18.60 3.94
CA LEU D 296 -7.85 -19.27 4.04
C LEU D 296 -7.83 -20.68 3.50
N HIS D 297 -7.03 -20.95 2.46
CA HIS D 297 -6.97 -22.29 1.89
C HIS D 297 -5.93 -23.18 2.55
N GLY D 298 -5.19 -22.69 3.54
CA GLY D 298 -4.15 -23.46 4.16
C GLY D 298 -4.62 -24.31 5.31
N PRO D 299 -3.72 -25.13 5.84
CA PRO D 299 -4.11 -26.02 6.95
C PRO D 299 -4.52 -25.29 8.19
N THR D 300 -4.26 -23.98 8.27
CA THR D 300 -4.78 -23.18 9.37
C THR D 300 -6.30 -23.22 9.37
N PHE D 301 -6.91 -23.04 8.20
CA PHE D 301 -8.35 -23.08 8.05
C PHE D 301 -8.80 -24.32 7.28
N ALA D 302 -8.15 -25.45 7.52
CA ALA D 302 -8.57 -26.69 6.88
C ALA D 302 -9.95 -27.11 7.35
N ALA D 303 -10.14 -27.19 8.67
CA ALA D 303 -11.39 -27.72 9.20
C ALA D 303 -12.57 -26.83 8.87
N CYS D 304 -12.44 -25.52 9.10
CA CYS D 304 -13.57 -24.63 8.91
C CYS D 304 -14.04 -24.58 7.47
N ARG D 305 -13.16 -24.80 6.50
CA ARG D 305 -13.59 -24.70 5.11
C ARG D 305 -14.64 -25.74 4.77
N SER D 306 -14.80 -26.76 5.61
CA SER D 306 -15.89 -27.70 5.44
C SER D 306 -17.10 -27.36 6.30
N GLN D 307 -17.00 -26.37 7.17
CA GLN D 307 -18.13 -25.94 7.99
C GLN D 307 -18.72 -24.62 7.56
N VAL D 308 -17.94 -23.77 6.90
CA VAL D 308 -18.41 -22.49 6.41
C VAL D 308 -17.91 -22.30 4.98
N ASP D 309 -18.80 -21.93 4.08
CA ASP D 309 -18.39 -21.63 2.71
C ASP D 309 -17.55 -20.38 2.69
N SER D 310 -16.35 -20.49 2.11
CA SER D 310 -15.37 -19.41 2.16
C SER D 310 -14.98 -18.90 0.78
N THR D 311 -15.80 -19.11 -0.24
CA THR D 311 -15.52 -18.50 -1.53
C THR D 311 -15.62 -16.99 -1.45
N LYS D 312 -16.75 -16.50 -0.94
CA LYS D 312 -16.99 -15.07 -0.91
C LYS D 312 -16.10 -14.37 0.10
N TYR D 313 -15.80 -15.01 1.22
CA TYR D 313 -14.87 -14.44 2.17
C TYR D 313 -13.50 -14.24 1.53
N TYR D 314 -13.04 -15.24 0.76
CA TYR D 314 -11.77 -15.11 0.06
C TYR D 314 -11.81 -14.00 -0.98
N GLU D 315 -12.93 -13.89 -1.71
CA GLU D 315 -13.02 -12.83 -2.69
C GLU D 315 -12.95 -11.46 -2.03
N ALA D 316 -13.63 -11.32 -0.88
CA ALA D 316 -13.57 -10.07 -0.13
C ALA D 316 -12.17 -9.80 0.38
N CYS D 317 -11.48 -10.82 0.88
CA CYS D 317 -10.11 -10.64 1.36
C CYS D 317 -9.22 -10.12 0.26
N VAL D 318 -9.27 -10.77 -0.91
CA VAL D 318 -8.40 -10.36 -2.01
C VAL D 318 -8.75 -8.96 -2.48
N ASN D 319 -10.04 -8.65 -2.57
CA ASN D 319 -10.43 -7.32 -3.03
C ASN D 319 -10.01 -6.24 -2.04
N ASP D 320 -10.08 -6.54 -0.74
CA ASP D 320 -9.67 -5.56 0.26
C ASP D 320 -8.16 -5.37 0.26
N ALA D 321 -7.40 -6.46 0.21
CA ALA D 321 -5.96 -6.33 0.12
C ALA D 321 -5.52 -5.65 -1.16
N CYS D 322 -6.31 -5.74 -2.24
CA CYS D 322 -6.00 -5.01 -3.45
C CYS D 322 -6.37 -3.54 -3.32
N ALA D 323 -7.43 -3.23 -2.59
CA ALA D 323 -7.95 -1.87 -2.56
C ALA D 323 -7.12 -0.94 -1.69
N CYS D 324 -6.59 -1.43 -0.57
CA CYS D 324 -5.95 -0.57 0.41
C CYS D 324 -4.59 -0.11 -0.11
N ASP D 325 -4.65 0.77 -1.12
CA ASP D 325 -3.45 1.30 -1.73
C ASP D 325 -2.95 2.60 -1.10
N SER D 326 -3.59 3.06 -0.03
CA SER D 326 -3.19 4.31 0.59
C SER D 326 -2.62 4.12 1.99
N GLY D 327 -2.39 2.90 2.43
CA GLY D 327 -1.78 2.65 3.72
C GLY D 327 -2.67 1.82 4.60
N GLY D 328 -2.06 1.19 5.60
CA GLY D 328 -2.80 0.31 6.48
C GLY D 328 -3.25 -0.94 5.77
N ASP D 329 -2.29 -1.78 5.37
CA ASP D 329 -2.62 -2.98 4.61
C ASP D 329 -2.92 -4.16 5.52
N CYS D 330 -2.10 -4.36 6.55
CA CYS D 330 -2.29 -5.49 7.43
C CYS D 330 -3.65 -5.42 8.10
N GLU D 331 -4.13 -4.22 8.40
CA GLU D 331 -5.45 -4.10 9.01
C GLU D 331 -6.53 -4.59 8.05
N CYS D 332 -6.43 -4.23 6.77
CA CYS D 332 -7.41 -4.68 5.78
C CYS D 332 -7.43 -6.20 5.70
N PHE D 333 -6.26 -6.80 5.50
CA PHE D 333 -6.20 -8.25 5.41
C PHE D 333 -6.67 -8.91 6.71
N CYS D 334 -6.27 -8.34 7.85
CA CYS D 334 -6.62 -8.89 9.15
C CYS D 334 -8.12 -8.93 9.33
N THR D 335 -8.81 -7.82 9.04
CA THR D 335 -10.25 -7.82 9.25
C THR D 335 -10.97 -8.69 8.24
N ALA D 336 -10.48 -8.74 7.00
CA ALA D 336 -11.13 -9.59 6.02
C ALA D 336 -11.05 -11.06 6.44
N VAL D 337 -9.90 -11.48 6.97
CA VAL D 337 -9.80 -12.85 7.46
C VAL D 337 -10.58 -13.03 8.76
N ALA D 338 -10.62 -12.00 9.61
CA ALA D 338 -11.28 -12.14 10.91
C ALA D 338 -12.79 -12.25 10.80
N ALA D 339 -13.39 -11.73 9.72
CA ALA D 339 -14.81 -11.99 9.52
C ALA D 339 -15.07 -13.48 9.33
N TYR D 340 -14.25 -14.15 8.52
CA TYR D 340 -14.33 -15.60 8.39
C TYR D 340 -14.02 -16.28 9.71
N ALA D 341 -13.06 -15.74 10.46
CA ALA D 341 -12.73 -16.32 11.76
C ALA D 341 -13.95 -16.30 12.67
N GLN D 342 -14.68 -15.19 12.70
CA GLN D 342 -15.88 -15.12 13.50
C GLN D 342 -16.97 -16.03 12.97
N ALA D 343 -17.09 -16.16 11.64
CA ALA D 343 -18.07 -17.10 11.10
C ALA D 343 -17.78 -18.52 11.56
N CYS D 344 -16.51 -18.92 11.52
CA CYS D 344 -16.13 -20.23 12.06
C CYS D 344 -16.44 -20.33 13.54
N HIS D 345 -16.15 -19.27 14.28
CA HIS D 345 -16.41 -19.28 15.72
C HIS D 345 -17.88 -19.50 16.01
N ASP D 346 -18.74 -18.84 15.23
CA ASP D 346 -20.18 -18.92 15.48
C ASP D 346 -20.74 -20.25 14.99
N ALA D 347 -20.17 -20.81 13.93
CA ALA D 347 -20.72 -22.05 13.42
C ALA D 347 -20.59 -23.18 14.44
N GLY D 348 -19.38 -23.69 14.64
CA GLY D 348 -19.18 -24.64 15.71
C GLY D 348 -17.77 -24.72 16.29
N LEU D 349 -16.86 -23.87 15.83
CA LEU D 349 -15.44 -24.13 15.97
C LEU D 349 -14.77 -23.05 16.80
N CYS D 350 -13.61 -23.39 17.35
CA CYS D 350 -12.73 -22.45 18.02
C CYS D 350 -11.42 -22.45 17.23
N VAL D 351 -11.37 -21.63 16.19
CA VAL D 351 -10.22 -21.56 15.30
C VAL D 351 -9.32 -20.43 15.75
N SER D 352 -8.00 -20.68 15.70
CA SER D 352 -7.00 -19.75 16.23
C SER D 352 -5.88 -19.62 15.21
N TRP D 353 -6.00 -18.63 14.32
CA TRP D 353 -4.99 -18.44 13.29
C TRP D 353 -3.83 -17.56 13.74
N ARG D 354 -4.03 -16.24 13.77
CA ARG D 354 -3.31 -15.24 14.55
C ARG D 354 -1.85 -15.55 14.87
N THR D 355 -1.06 -15.91 13.87
CA THR D 355 0.34 -16.23 14.10
C THR D 355 1.13 -14.94 14.28
N PRO D 356 2.22 -14.96 15.04
CA PRO D 356 3.02 -13.74 15.18
C PRO D 356 3.48 -13.16 13.86
N ASP D 357 3.63 -13.98 12.84
CA ASP D 357 3.89 -13.48 11.50
C ASP D 357 2.66 -12.90 10.85
N THR D 358 1.47 -13.31 11.25
CA THR D 358 0.24 -13.03 10.54
C THR D 358 -0.80 -12.51 11.51
N CYS D 359 -1.12 -11.22 11.42
CA CYS D 359 -2.13 -10.59 12.25
C CYS D 359 -1.88 -10.82 13.74
N PRO D 360 -0.76 -10.35 14.27
CA PRO D 360 -0.52 -10.50 15.70
C PRO D 360 -1.41 -9.57 16.50
N LEU D 361 -1.60 -9.92 17.77
CA LEU D 361 -2.47 -9.16 18.66
C LEU D 361 -1.78 -8.99 19.99
N PHE D 362 -1.22 -7.82 20.23
CA PHE D 362 -0.46 -7.56 21.45
C PHE D 362 -1.40 -7.64 22.64
N CYS D 363 -1.28 -8.71 23.40
CA CYS D 363 -2.10 -8.90 24.59
C CYS D 363 -1.30 -8.97 25.87
N ASP D 364 0.03 -8.93 25.78
CA ASP D 364 0.88 -8.72 26.94
C ASP D 364 0.80 -7.29 27.45
N PHE D 365 0.18 -6.40 26.69
CA PHE D 365 0.24 -4.97 26.97
C PHE D 365 -0.37 -4.64 28.32
N TYR D 366 -1.50 -5.26 28.64
CA TYR D 366 -2.21 -4.98 29.89
C TYR D 366 -1.64 -5.77 31.05
N ASN D 367 -0.64 -6.61 30.82
CA ASN D 367 0.05 -7.29 31.89
C ASN D 367 0.88 -6.27 32.65
N PRO D 368 0.63 -6.06 33.94
CA PRO D 368 1.51 -5.20 34.72
C PRO D 368 2.70 -5.89 35.35
N HIS D 369 3.89 -5.60 34.84
CA HIS D 369 5.16 -6.05 35.42
C HIS D 369 5.10 -7.52 35.85
N GLY D 370 4.78 -8.37 34.88
CA GLY D 370 4.74 -9.80 35.11
C GLY D 370 3.41 -10.37 35.51
N GLY D 371 2.48 -9.55 35.99
CA GLY D 371 1.14 -10.04 36.26
C GLY D 371 0.49 -10.54 34.98
N CYS D 372 -0.01 -11.77 35.03
CA CYS D 372 -0.33 -12.52 33.83
C CYS D 372 -1.77 -13.01 33.85
N GLU D 373 -2.71 -12.11 34.14
CA GLU D 373 -4.11 -12.42 33.89
C GLU D 373 -4.41 -12.43 32.39
N TRP D 374 -3.96 -11.40 31.68
CA TRP D 374 -4.36 -11.15 30.31
C TRP D 374 -3.82 -12.21 29.38
N HIS D 375 -4.69 -13.11 28.94
CA HIS D 375 -4.33 -14.19 28.03
C HIS D 375 -5.24 -14.13 26.82
N TYR D 376 -4.68 -14.49 25.66
CA TYR D 376 -5.43 -14.47 24.42
C TYR D 376 -6.27 -15.74 24.33
N GLN D 377 -7.58 -15.58 24.19
CA GLN D 377 -8.46 -16.72 24.00
C GLN D 377 -9.11 -16.61 22.62
N PRO D 378 -9.03 -17.64 21.78
CA PRO D 378 -9.71 -17.57 20.49
C PRO D 378 -11.23 -17.52 20.60
N CYS D 379 -11.80 -17.99 21.69
CA CYS D 379 -13.24 -17.92 21.93
C CYS D 379 -13.44 -17.49 23.37
N GLY D 380 -13.99 -16.31 23.58
CA GLY D 380 -14.11 -15.76 24.92
C GLY D 380 -15.28 -16.33 25.69
N ALA D 381 -15.32 -15.96 26.98
CA ALA D 381 -16.42 -16.36 27.84
C ALA D 381 -17.72 -15.73 27.35
N PRO D 382 -18.86 -16.40 27.54
CA PRO D 382 -20.13 -15.83 27.09
C PRO D 382 -20.47 -14.51 27.76
N CYS D 383 -20.13 -14.33 29.03
CA CYS D 383 -20.35 -13.08 29.74
C CYS D 383 -19.18 -12.85 30.67
N LEU D 384 -18.87 -11.58 30.91
CA LEU D 384 -17.70 -11.19 31.68
C LEU D 384 -18.14 -10.51 32.97
N LYS D 385 -17.57 -10.94 34.09
CA LYS D 385 -17.86 -10.33 35.40
C LYS D 385 -17.13 -8.99 35.43
N THR D 386 -17.68 -8.03 34.69
CA THR D 386 -17.00 -6.76 34.50
C THR D 386 -17.22 -5.84 35.69
N CYS D 387 -16.49 -4.73 35.68
CA CYS D 387 -16.69 -3.69 36.67
C CYS D 387 -18.09 -3.10 36.58
N ARG D 388 -18.57 -2.88 35.36
CA ARG D 388 -19.89 -2.31 35.16
C ARG D 388 -20.99 -3.33 35.44
N ASN D 389 -20.74 -4.61 35.22
CA ASN D 389 -21.70 -5.66 35.51
C ASN D 389 -21.17 -6.51 36.67
N PRO D 390 -21.29 -6.03 37.91
CA PRO D 390 -20.79 -6.83 39.03
C PRO D 390 -21.53 -8.12 39.23
N SER D 391 -22.74 -8.25 38.66
CA SER D 391 -23.51 -9.47 38.86
C SER D 391 -22.87 -10.67 38.18
N GLY D 392 -22.34 -10.47 36.97
CA GLY D 392 -21.81 -11.57 36.18
C GLY D 392 -22.78 -12.16 35.18
N HIS D 393 -24.03 -11.69 35.16
CA HIS D 393 -25.01 -12.12 34.19
C HIS D 393 -25.00 -11.18 33.00
N CYS D 394 -25.72 -11.56 31.95
CA CYS D 394 -25.74 -10.77 30.73
C CYS D 394 -27.11 -10.86 30.09
N LEU D 395 -27.42 -9.88 29.26
CA LEU D 395 -28.73 -9.80 28.63
C LEU D 395 -28.80 -10.60 27.33
N VAL D 396 -27.82 -10.41 26.46
CA VAL D 396 -27.71 -11.19 25.24
C VAL D 396 -26.41 -11.98 25.35
N ASP D 397 -26.53 -13.25 25.71
CA ASP D 397 -25.35 -14.08 25.94
C ASP D 397 -24.66 -14.37 24.62
N LEU D 398 -23.60 -13.63 24.33
CA LEU D 398 -22.87 -13.85 23.10
C LEU D 398 -21.92 -15.03 23.23
N PRO D 399 -21.69 -15.78 22.16
CA PRO D 399 -20.77 -16.91 22.24
C PRO D 399 -19.32 -16.46 22.22
N GLY D 400 -18.40 -17.41 22.12
CA GLY D 400 -17.00 -17.06 22.05
C GLY D 400 -16.68 -16.23 20.83
N LEU D 401 -15.70 -15.35 21.00
CA LEU D 401 -15.21 -14.50 19.92
C LEU D 401 -13.79 -14.07 20.28
N GLU D 402 -12.98 -13.83 19.25
CA GLU D 402 -11.55 -13.63 19.45
C GLU D 402 -11.31 -12.43 20.37
N GLY D 403 -10.09 -12.33 20.85
CA GLY D 403 -9.69 -11.29 21.79
C GLY D 403 -9.09 -11.87 23.05
N CYS D 404 -8.38 -11.04 23.77
CA CYS D 404 -7.71 -11.48 24.98
C CYS D 404 -8.42 -10.95 26.21
N TYR D 405 -8.57 -11.84 27.18
CA TYR D 405 -9.37 -11.61 28.37
C TYR D 405 -8.51 -11.78 29.60
N PRO D 406 -8.88 -11.16 30.68
CA PRO D 406 -8.13 -11.35 31.92
C PRO D 406 -8.68 -12.51 32.74
N LYS D 407 -7.80 -13.44 33.12
CA LYS D 407 -8.18 -14.52 34.02
C LYS D 407 -8.16 -13.95 35.44
N CYS D 408 -9.17 -13.14 35.72
CA CYS D 408 -9.23 -12.40 36.97
C CYS D 408 -9.26 -13.36 38.17
N PRO D 409 -8.20 -13.42 38.95
CA PRO D 409 -8.15 -14.39 40.05
C PRO D 409 -9.13 -14.01 41.14
N PRO D 410 -9.45 -14.94 42.04
CA PRO D 410 -10.39 -14.62 43.13
C PRO D 410 -9.92 -13.47 44.01
N SER D 411 -8.61 -13.29 44.16
CA SER D 411 -8.11 -12.18 44.97
C SER D 411 -8.50 -10.82 44.38
N GLN D 412 -8.49 -10.70 43.06
CA GLN D 412 -8.92 -9.48 42.36
C GLN D 412 -9.90 -9.88 41.27
N PRO D 413 -11.15 -10.14 41.64
CA PRO D 413 -12.09 -10.79 40.71
C PRO D 413 -12.93 -9.85 39.85
N PHE D 414 -12.62 -8.56 39.77
CA PHE D 414 -13.44 -7.65 38.98
C PHE D 414 -12.63 -7.13 37.80
N PHE D 415 -13.13 -7.34 36.60
CA PHE D 415 -12.46 -6.83 35.41
C PHE D 415 -12.93 -5.39 35.16
N ASN D 416 -12.00 -4.45 35.21
CA ASN D 416 -12.29 -3.05 34.99
C ASN D 416 -11.85 -2.66 33.59
N GLU D 417 -12.81 -2.25 32.76
CA GLU D 417 -12.55 -1.94 31.36
C GLU D 417 -11.83 -0.61 31.21
N ASP D 418 -12.24 0.41 31.97
CA ASP D 418 -11.65 1.73 31.79
C ASP D 418 -10.16 1.74 32.08
N GLN D 419 -9.67 0.83 32.92
CA GLN D 419 -8.25 0.65 33.10
C GLN D 419 -7.75 -0.69 32.57
N MET D 420 -8.65 -1.60 32.20
CA MET D 420 -8.29 -2.91 31.68
C MET D 420 -7.43 -3.67 32.67
N LYS D 421 -8.02 -4.01 33.81
CA LYS D 421 -7.23 -4.77 34.78
C LYS D 421 -8.15 -5.53 35.73
N CYS D 422 -7.61 -6.60 36.32
CA CYS D 422 -8.29 -7.33 37.38
C CYS D 422 -8.03 -6.63 38.70
N VAL D 423 -9.11 -6.26 39.40
CA VAL D 423 -9.04 -5.46 40.60
C VAL D 423 -9.91 -6.09 41.67
N ALA D 424 -9.71 -5.66 42.92
CA ALA D 424 -10.41 -6.24 44.05
C ALA D 424 -11.83 -5.72 44.17
N GLN D 425 -12.01 -4.40 44.20
CA GLN D 425 -13.33 -3.79 44.30
C GLN D 425 -13.48 -2.72 43.23
N CYS D 426 -14.71 -2.55 42.75
CA CYS D 426 -14.99 -1.63 41.67
C CYS D 426 -15.34 -0.23 42.21
N GLY D 427 -15.35 0.73 41.30
CA GLY D 427 -15.71 2.09 41.63
C GLY D 427 -17.19 2.37 41.41
N CYS D 428 -17.50 3.25 40.45
CA CYS D 428 -18.88 3.65 40.23
C CYS D 428 -19.03 4.25 38.84
N TYR D 429 -20.19 4.00 38.24
CA TYR D 429 -20.56 4.55 36.95
C TYR D 429 -21.75 5.47 37.13
N ASP D 430 -21.63 6.70 36.63
CA ASP D 430 -22.74 7.64 36.72
C ASP D 430 -23.75 7.31 35.62
N LYS D 431 -24.74 8.19 35.44
CA LYS D 431 -25.74 7.96 34.40
C LYS D 431 -25.11 7.97 33.01
N ASP D 432 -24.20 8.92 32.75
CA ASP D 432 -23.56 8.99 31.45
C ASP D 432 -22.51 7.90 31.26
N GLY D 433 -22.11 7.21 32.32
CA GLY D 433 -21.16 6.13 32.20
C GLY D 433 -19.72 6.47 32.48
N ASN D 434 -19.43 7.62 33.09
CA ASN D 434 -18.08 7.96 33.46
C ASN D 434 -17.70 7.23 34.75
N TYR D 435 -16.40 6.94 34.89
CA TYR D 435 -15.90 6.13 35.99
C TYR D 435 -15.06 6.97 36.94
N TYR D 436 -15.16 6.63 38.23
CA TYR D 436 -14.39 7.26 39.27
C TYR D 436 -13.94 6.21 40.28
N ASP D 437 -12.86 6.53 41.00
CA ASP D 437 -12.41 5.66 42.07
C ASP D 437 -13.34 5.80 43.28
N VAL D 438 -13.34 4.77 44.12
CA VAL D 438 -14.11 4.82 45.35
C VAL D 438 -13.70 6.06 46.16
N GLY D 439 -14.66 6.60 46.92
CA GLY D 439 -14.37 7.73 47.78
C GLY D 439 -14.21 9.05 47.07
N ALA D 440 -14.50 9.11 45.77
CA ALA D 440 -14.35 10.33 44.99
C ALA D 440 -15.72 10.89 44.66
N ARG D 441 -15.87 12.20 44.82
CA ARG D 441 -17.16 12.83 44.63
C ARG D 441 -17.47 13.00 43.15
N VAL D 442 -18.76 12.89 42.83
CA VAL D 442 -19.23 12.98 41.44
C VAL D 442 -19.81 14.37 41.22
N PRO D 443 -19.59 14.98 40.04
CA PRO D 443 -20.22 16.26 39.70
C PRO D 443 -21.73 16.14 39.53
N CYS D 451 -22.19 13.98 46.02
CA CYS D 451 -22.20 12.56 46.36
C CYS D 451 -20.85 11.89 46.12
N ASN D 452 -20.55 10.85 46.89
CA ASN D 452 -19.26 10.19 46.88
C ASN D 452 -19.37 8.82 46.22
N CYS D 453 -18.28 8.06 46.28
CA CYS D 453 -18.25 6.67 45.81
C CYS D 453 -17.93 5.76 46.97
N THR D 454 -18.67 4.66 47.07
CA THR D 454 -18.60 3.73 48.19
C THR D 454 -18.77 2.31 47.69
N PRO D 455 -18.70 1.30 48.56
CA PRO D 455 -19.07 -0.05 48.12
C PRO D 455 -20.45 -0.12 47.48
N SER D 456 -21.41 0.65 47.99
CA SER D 456 -22.70 0.73 47.32
C SER D 456 -22.57 1.34 45.93
N GLY D 457 -21.75 2.38 45.81
CA GLY D 457 -21.62 3.11 44.57
C GLY D 457 -21.69 4.60 44.82
N ILE D 458 -22.31 5.34 43.90
CA ILE D 458 -22.53 6.76 44.10
C ILE D 458 -23.70 6.92 45.07
N GLN D 459 -23.43 7.49 46.23
CA GLN D 459 -24.46 7.71 47.24
C GLN D 459 -24.27 9.07 47.89
N CYS D 460 -25.35 9.59 48.47
CA CYS D 460 -25.31 10.83 49.23
C CYS D 460 -26.55 10.99 50.09
N CYS E 1 3.46 75.36 -25.31
CA CYS E 1 4.49 74.51 -24.72
C CYS E 1 4.01 73.90 -23.41
N VAL E 2 4.69 72.83 -22.98
CA VAL E 2 4.42 72.17 -21.71
C VAL E 2 5.74 71.65 -21.16
N ARG E 3 6.04 71.97 -19.91
CA ARG E 3 7.26 71.54 -19.26
C ARG E 3 6.93 70.90 -17.91
N GLU E 4 7.65 69.84 -17.57
CA GLU E 4 7.45 69.21 -16.27
C GLU E 4 8.00 70.09 -15.16
N VAL E 5 7.18 70.32 -14.15
CA VAL E 5 7.59 70.99 -12.92
C VAL E 5 7.39 70.02 -11.78
N CYS E 6 8.47 69.73 -11.05
CA CYS E 6 8.45 68.69 -10.03
C CYS E 6 9.08 69.20 -8.75
N ARG E 7 8.65 68.64 -7.62
CA ARG E 7 9.21 69.03 -6.34
C ARG E 7 8.97 67.93 -5.32
N TRP E 8 9.75 67.99 -4.24
CA TRP E 8 9.61 67.05 -3.13
C TRP E 8 8.36 67.38 -2.32
N SER E 9 8.02 66.49 -1.40
CA SER E 9 6.96 66.69 -0.43
C SER E 9 7.58 66.93 0.95
N SER E 10 6.72 67.02 1.96
CA SER E 10 7.18 67.16 3.33
C SER E 10 7.27 65.77 3.98
N TRP E 11 7.58 65.75 5.26
CA TRP E 11 7.75 64.51 5.99
C TRP E 11 6.42 64.00 6.53
N TYR E 12 6.19 62.69 6.41
CA TYR E 12 4.92 62.07 6.78
C TYR E 12 5.17 60.98 7.82
N ASN E 13 4.91 61.30 9.09
CA ASN E 13 5.02 60.35 10.19
C ASN E 13 3.62 60.12 10.76
N GLY E 14 2.89 59.19 10.15
CA GLY E 14 1.51 58.93 10.50
C GLY E 14 1.29 57.85 11.54
N HIS E 15 2.34 57.32 12.15
CA HIS E 15 2.20 56.22 13.09
C HIS E 15 3.39 56.23 14.04
N ARG E 16 3.18 55.67 15.23
CA ARG E 16 4.26 55.46 16.18
C ARG E 16 4.39 53.97 16.45
N PRO E 17 5.51 53.35 16.06
CA PRO E 17 5.60 51.89 16.16
C PRO E 17 5.41 51.39 17.58
N GLU E 18 4.78 50.24 17.69
CA GLU E 18 4.30 49.66 18.94
C GLU E 18 5.27 48.61 19.44
N PRO E 19 5.58 48.59 20.74
CA PRO E 19 6.41 47.51 21.29
C PRO E 19 5.67 46.19 21.25
N GLY E 20 6.43 45.10 21.11
CA GLY E 20 5.88 43.77 21.04
C GLY E 20 6.47 43.01 19.87
N LEU E 21 5.74 41.99 19.42
CA LEU E 21 6.17 41.17 18.29
C LEU E 21 5.47 41.53 16.99
N GLY E 22 4.16 41.77 17.02
CA GLY E 22 3.46 42.18 15.82
C GLY E 22 3.56 43.65 15.52
N GLY E 23 4.14 44.43 16.42
CA GLY E 23 4.21 45.87 16.27
C GLY E 23 5.19 46.29 15.18
N GLY E 24 5.32 47.60 15.05
CA GLY E 24 6.21 48.19 14.08
C GLY E 24 5.54 49.37 13.41
N ASP E 25 6.16 49.84 12.33
CA ASP E 25 5.64 50.98 11.59
C ASP E 25 5.20 50.51 10.21
N PHE E 26 3.99 50.88 9.82
CA PHE E 26 3.41 50.46 8.54
C PHE E 26 2.87 51.72 7.85
N GLU E 27 3.75 52.42 7.13
CA GLU E 27 3.42 53.69 6.48
C GLU E 27 3.14 53.39 5.02
N THR E 28 1.87 53.20 4.68
CA THR E 28 1.49 52.78 3.34
C THR E 28 0.73 53.89 2.63
N PHE E 29 0.83 53.88 1.30
CA PHE E 29 0.15 54.89 0.50
C PHE E 29 -1.37 54.82 0.68
N GLU E 30 -1.91 53.61 0.83
CA GLU E 30 -3.33 53.47 1.10
C GLU E 30 -3.70 54.06 2.46
N ASN E 31 -2.88 53.81 3.48
CA ASN E 31 -3.12 54.43 4.77
C ASN E 31 -2.96 55.94 4.69
N LEU E 32 -2.00 56.41 3.89
CA LEU E 32 -1.81 57.85 3.72
C LEU E 32 -3.05 58.47 3.07
N ARG E 33 -3.62 57.80 2.07
CA ARG E 33 -4.86 58.29 1.46
C ARG E 33 -6.01 58.29 2.47
N GLN E 34 -6.14 57.21 3.24
CA GLN E 34 -7.24 57.12 4.20
C GLN E 34 -7.14 58.19 5.28
N ARG E 35 -5.94 58.43 5.80
CA ARG E 35 -5.76 59.38 6.88
C ARG E 35 -5.89 60.83 6.42
N GLY E 36 -5.96 61.08 5.12
CA GLY E 36 -6.08 62.42 4.61
C GLY E 36 -4.80 63.06 4.14
N TYR E 37 -3.67 62.38 4.31
CA TYR E 37 -2.42 62.87 3.72
C TYR E 37 -2.52 62.81 2.20
N GLN E 38 -2.07 63.88 1.55
CA GLN E 38 -2.15 63.94 0.09
C GLN E 38 -1.18 62.93 -0.52
N VAL E 39 -1.70 62.08 -1.40
CA VAL E 39 -0.90 61.07 -2.08
C VAL E 39 -1.00 61.32 -3.58
N CYS E 40 0.14 61.59 -4.21
CA CYS E 40 0.15 61.83 -5.64
C CYS E 40 0.00 60.49 -6.37
N PRO E 41 -0.88 60.40 -7.37
CA PRO E 41 -1.00 59.14 -8.12
C PRO E 41 0.28 58.74 -8.84
N VAL E 42 1.06 59.72 -9.28
CA VAL E 42 2.28 59.47 -10.05
C VAL E 42 3.46 60.08 -9.28
N LEU E 43 4.63 59.45 -9.39
CA LEU E 43 5.80 59.87 -8.65
C LEU E 43 7.04 59.40 -9.40
N ALA E 44 8.20 59.87 -8.95
CA ALA E 44 9.48 59.48 -9.52
C ALA E 44 10.37 58.78 -8.50
N ASP E 45 10.51 59.33 -7.30
CA ASP E 45 11.30 58.69 -6.26
C ASP E 45 10.84 59.21 -4.91
N ILE E 46 11.05 58.38 -3.88
CA ILE E 46 10.67 58.72 -2.52
C ILE E 46 11.85 58.41 -1.60
N GLU E 47 11.85 59.05 -0.43
CA GLU E 47 12.94 58.91 0.53
C GLU E 47 12.38 58.57 1.90
N CYS E 48 12.89 57.50 2.49
CA CYS E 48 12.52 57.10 3.85
C CYS E 48 13.65 57.42 4.80
N ARG E 49 13.31 57.62 6.07
CA ARG E 49 14.33 57.84 7.10
C ARG E 49 13.73 57.55 8.46
N ALA E 50 14.58 57.48 9.47
CA ALA E 50 14.13 57.41 10.86
C ALA E 50 13.83 58.81 11.37
N ALA E 51 12.65 58.99 11.96
CA ALA E 51 12.23 60.32 12.39
C ALA E 51 13.05 60.81 13.57
N GLN E 52 13.38 59.93 14.51
CA GLN E 52 14.13 60.33 15.70
C GLN E 52 15.64 60.40 15.46
N LEU E 53 16.14 59.85 14.37
CA LEU E 53 17.56 59.91 14.02
C LEU E 53 17.67 60.46 12.61
N PRO E 54 17.64 61.78 12.46
CA PRO E 54 17.57 62.39 11.12
C PRO E 54 18.90 62.52 10.40
N ASP E 55 19.95 61.86 10.87
CA ASP E 55 21.26 61.94 10.24
C ASP E 55 21.72 60.61 9.66
N MET E 56 21.77 59.57 10.47
CA MET E 56 22.33 58.30 10.01
C MET E 56 21.35 57.60 9.06
N PRO E 57 21.82 57.21 7.87
CA PRO E 57 20.89 56.68 6.84
C PRO E 57 20.27 55.35 7.20
N LEU E 58 19.44 54.83 6.30
CA LEU E 58 18.75 53.57 6.55
C LEU E 58 19.73 52.40 6.66
N GLU E 59 20.69 52.31 5.73
CA GLU E 59 21.59 51.17 5.74
C GLU E 59 22.54 51.19 6.94
N GLU E 60 22.85 52.38 7.45
CA GLU E 60 23.66 52.45 8.67
C GLU E 60 22.89 51.91 9.87
N LEU E 61 21.56 51.99 9.84
CA LEU E 61 20.77 51.38 10.91
C LEU E 61 20.95 49.87 10.93
N GLY E 62 20.89 49.24 9.77
CA GLY E 62 20.99 47.80 9.67
C GLY E 62 19.72 47.05 9.95
N GLN E 63 18.63 47.73 10.27
CA GLN E 63 17.37 47.08 10.55
C GLN E 63 16.66 46.70 9.27
N GLN E 64 15.73 45.74 9.37
CA GLN E 64 14.99 45.24 8.22
C GLN E 64 13.80 46.15 7.97
N VAL E 65 13.94 47.04 7.00
CA VAL E 65 12.88 47.93 6.55
C VAL E 65 12.77 47.78 5.05
N ASP E 66 11.55 47.65 4.53
CA ASP E 66 11.36 47.71 3.08
C ASP E 66 10.62 49.00 2.73
N CYS E 67 11.21 49.77 1.83
CA CYS E 67 10.74 51.12 1.50
C CYS E 67 10.87 51.30 0.00
N ASP E 68 9.73 51.41 -0.67
CA ASP E 68 9.66 51.39 -2.13
C ASP E 68 8.71 52.46 -2.65
N ARG E 69 8.96 52.89 -3.89
CA ARG E 69 8.20 53.97 -4.50
C ARG E 69 6.75 53.59 -4.76
N MET E 70 6.45 52.30 -4.94
CA MET E 70 5.07 51.91 -5.24
C MET E 70 4.23 51.74 -3.98
N ARG E 71 4.82 51.30 -2.87
CA ARG E 71 4.06 51.00 -1.66
C ARG E 71 4.30 51.99 -0.55
N GLY E 72 5.55 52.19 -0.15
CA GLY E 72 5.81 53.00 1.04
C GLY E 72 6.86 52.37 1.94
N LEU E 73 6.63 52.39 3.25
CA LEU E 73 7.63 51.95 4.23
C LEU E 73 7.02 50.95 5.18
N MET E 74 7.77 49.90 5.51
CA MET E 74 7.30 48.91 6.47
C MET E 74 8.49 48.41 7.27
N CYS E 75 8.32 48.43 8.60
CA CYS E 75 9.27 47.87 9.56
C CYS E 75 8.45 47.01 10.53
N ALA E 76 8.78 45.73 10.61
CA ALA E 76 8.09 44.78 11.48
C ALA E 76 8.97 44.46 12.68
N ASN E 77 8.34 44.38 13.85
CA ASN E 77 9.10 44.15 15.08
C ASN E 77 9.80 42.79 15.07
N SER E 78 9.09 41.75 14.63
CA SER E 78 9.59 40.39 14.81
C SER E 78 10.85 40.12 13.98
N GLN E 79 11.12 40.91 12.95
CA GLN E 79 12.23 40.62 12.04
C GLN E 79 13.57 41.14 12.55
N GLN E 80 13.60 41.98 13.58
CA GLN E 80 14.83 42.55 14.10
C GLN E 80 15.14 41.99 15.48
N SER E 81 16.38 42.14 15.89
CA SER E 81 16.81 41.78 17.24
C SER E 81 17.48 42.99 17.87
N PRO E 82 16.98 43.51 18.99
CA PRO E 82 15.75 43.17 19.71
C PRO E 82 14.50 43.30 18.84
N PRO E 83 13.45 42.55 19.13
CA PRO E 83 12.27 42.57 18.25
C PRO E 83 11.52 43.88 18.31
N LEU E 84 12.12 44.95 17.79
CA LEU E 84 11.51 46.26 17.83
C LEU E 84 11.87 47.02 16.57
N CYS E 85 11.22 48.16 16.38
CA CYS E 85 11.49 49.07 15.28
C CYS E 85 11.72 50.47 15.82
N HIS E 86 12.32 51.31 14.98
CA HIS E 86 12.41 52.73 15.27
C HIS E 86 11.18 53.44 14.70
N ASP E 87 11.06 54.73 14.98
CA ASP E 87 9.94 55.51 14.47
C ASP E 87 10.36 56.17 13.17
N TYR E 88 9.87 55.64 12.05
CA TYR E 88 10.28 56.09 10.73
C TYR E 88 9.26 57.07 10.16
N GLU E 89 9.69 57.74 9.08
CA GLU E 89 8.77 58.51 8.25
C GLU E 89 9.37 58.56 6.84
N LEU E 90 8.64 59.18 5.92
CA LEU E 90 9.03 59.18 4.52
C LEU E 90 8.47 60.41 3.83
N ARG E 91 9.01 60.70 2.65
CA ARG E 91 8.52 61.78 1.81
C ARG E 91 8.55 61.34 0.36
N VAL E 92 7.68 61.96 -0.44
CA VAL E 92 7.47 61.58 -1.83
C VAL E 92 7.76 62.78 -2.73
N LEU E 93 7.84 62.50 -4.02
CA LEU E 93 8.16 63.48 -5.05
C LEU E 93 7.00 63.57 -6.03
N CYS E 94 6.47 64.77 -6.23
CA CYS E 94 5.33 64.98 -7.11
C CYS E 94 5.73 65.88 -8.28
N CYS E 95 5.42 65.44 -9.49
CA CYS E 95 5.72 66.18 -10.71
C CYS E 95 4.45 66.33 -11.53
N GLU E 96 4.17 67.56 -11.96
CA GLU E 96 3.08 67.87 -12.87
C GLU E 96 3.65 68.50 -14.14
N TYR E 97 2.77 68.85 -15.08
CA TYR E 97 3.18 69.48 -16.33
C TYR E 97 2.48 70.81 -16.47
N VAL E 98 3.27 71.89 -16.56
CA VAL E 98 2.73 73.24 -16.60
C VAL E 98 2.97 73.81 -17.99
N PRO E 99 2.01 74.52 -18.59
CA PRO E 99 2.26 75.19 -19.87
C PRO E 99 3.39 76.20 -19.75
N CYS E 100 4.20 76.27 -20.81
CA CYS E 100 5.36 77.15 -20.83
C CYS E 100 4.95 78.61 -20.96
N CYS F 1 -8.91 -29.32 -73.52
CA CYS F 1 -9.92 -29.72 -72.54
C CYS F 1 -9.31 -30.62 -71.46
N VAL F 2 -9.67 -30.35 -70.22
CA VAL F 2 -9.23 -31.14 -69.07
C VAL F 2 -10.42 -31.35 -68.14
N ARG F 3 -10.61 -32.58 -67.68
CA ARG F 3 -11.74 -32.95 -66.85
C ARG F 3 -11.26 -33.34 -65.46
N GLU F 4 -12.10 -33.02 -64.47
CA GLU F 4 -11.84 -33.37 -63.08
C GLU F 4 -12.05 -34.86 -62.88
N VAL F 5 -11.17 -35.49 -62.09
CA VAL F 5 -11.33 -36.87 -61.67
C VAL F 5 -11.06 -36.93 -60.18
N CYS F 6 -12.11 -37.14 -59.40
CA CYS F 6 -12.01 -37.30 -57.96
C CYS F 6 -12.10 -38.78 -57.61
N ARG F 7 -11.63 -39.14 -56.42
CA ARG F 7 -11.72 -40.51 -55.98
C ARG F 7 -11.47 -40.59 -54.48
N TRP F 8 -12.24 -41.45 -53.81
CA TRP F 8 -11.96 -41.74 -52.42
C TRP F 8 -10.66 -42.54 -52.30
N SER F 9 -10.05 -42.44 -51.13
CA SER F 9 -8.96 -43.34 -50.75
C SER F 9 -9.48 -44.32 -49.71
N SER F 10 -8.71 -45.38 -49.48
CA SER F 10 -9.15 -46.46 -48.62
C SER F 10 -9.06 -46.03 -47.15
N TRP F 11 -9.28 -46.98 -46.25
CA TRP F 11 -9.25 -46.72 -44.82
C TRP F 11 -7.79 -46.65 -44.35
N TYR F 12 -7.51 -45.65 -43.51
CA TYR F 12 -6.19 -45.46 -42.92
C TYR F 12 -6.33 -45.54 -41.39
N ASN F 13 -6.28 -46.75 -40.86
CA ASN F 13 -6.28 -46.97 -39.42
C ASN F 13 -4.82 -47.06 -38.98
N GLY F 14 -4.29 -45.96 -38.46
CA GLY F 14 -2.87 -45.87 -38.18
C GLY F 14 -2.50 -45.91 -36.72
N HIS F 15 -3.47 -46.13 -35.84
CA HIS F 15 -3.20 -46.17 -34.41
C HIS F 15 -4.24 -47.03 -33.70
N ARG F 16 -3.81 -47.66 -32.61
CA ARG F 16 -4.72 -48.28 -31.65
C ARG F 16 -4.71 -47.43 -30.39
N PRO F 17 -5.83 -46.80 -30.04
CA PRO F 17 -5.84 -45.94 -28.85
C PRO F 17 -5.52 -46.72 -27.58
N GLU F 18 -4.82 -46.06 -26.68
CA GLU F 18 -4.31 -46.67 -25.45
C GLU F 18 -5.23 -46.36 -24.30
N PRO F 19 -5.56 -47.33 -23.45
CA PRO F 19 -6.32 -47.03 -22.23
C PRO F 19 -5.51 -46.17 -21.28
N GLY F 20 -6.21 -45.32 -20.54
CA GLY F 20 -5.60 -44.42 -19.59
C GLY F 20 -6.29 -43.08 -19.61
N LEU F 21 -5.58 -42.07 -19.12
CA LEU F 21 -6.10 -40.70 -19.11
C LEU F 21 -5.55 -39.83 -20.23
N GLY F 22 -4.30 -40.04 -20.62
CA GLY F 22 -3.70 -39.26 -21.69
C GLY F 22 -3.68 -39.94 -23.04
N GLY F 23 -4.01 -41.23 -23.09
CA GLY F 23 -4.04 -41.95 -24.33
C GLY F 23 -5.26 -41.59 -25.16
N GLY F 24 -5.27 -42.10 -26.37
CA GLY F 24 -6.34 -41.81 -27.30
C GLY F 24 -5.91 -42.15 -28.71
N ASP F 25 -6.68 -41.63 -29.66
CA ASP F 25 -6.45 -41.91 -31.08
C ASP F 25 -6.21 -40.60 -31.80
N PHE F 26 -4.99 -40.44 -32.33
CA PHE F 26 -4.57 -39.20 -32.98
C PHE F 26 -4.15 -39.52 -34.41
N GLU F 27 -5.12 -39.55 -35.31
CA GLU F 27 -4.85 -39.84 -36.72
C GLU F 27 -4.58 -38.52 -37.41
N THR F 28 -3.32 -38.14 -37.48
CA THR F 28 -2.93 -36.84 -38.01
C THR F 28 -2.21 -37.01 -39.35
N PHE F 29 -2.39 -36.01 -40.23
CA PHE F 29 -1.88 -36.12 -41.59
C PHE F 29 -0.37 -36.27 -41.61
N GLU F 30 0.34 -35.45 -40.81
CA GLU F 30 1.79 -35.54 -40.78
C GLU F 30 2.26 -36.88 -40.21
N ASN F 31 1.57 -37.38 -39.18
CA ASN F 31 1.91 -38.70 -38.67
C ASN F 31 1.65 -39.78 -39.72
N LEU F 32 0.58 -39.65 -40.49
CA LEU F 32 0.31 -40.60 -41.57
C LEU F 32 1.42 -40.57 -42.60
N ARG F 33 1.90 -39.37 -42.94
CA ARG F 33 3.03 -39.28 -43.88
C ARG F 33 4.29 -39.92 -43.29
N GLN F 34 4.54 -39.69 -42.01
CA GLN F 34 5.71 -40.28 -41.36
C GLN F 34 5.63 -41.80 -41.35
N ARG F 35 4.43 -42.34 -41.18
CA ARG F 35 4.24 -43.79 -41.14
C ARG F 35 4.19 -44.40 -42.53
N GLY F 36 4.21 -43.59 -43.60
CA GLY F 36 4.28 -44.07 -44.96
C GLY F 36 2.98 -44.00 -45.73
N TYR F 37 1.86 -43.78 -45.06
CA TYR F 37 0.59 -43.67 -45.76
C TYR F 37 0.61 -42.45 -46.69
N GLN F 38 0.17 -42.65 -47.93
CA GLN F 38 0.12 -41.57 -48.89
C GLN F 38 -1.06 -40.66 -48.56
N VAL F 39 -0.78 -39.40 -48.26
CA VAL F 39 -1.80 -38.41 -47.94
C VAL F 39 -1.69 -37.29 -48.97
N CYS F 40 -2.77 -37.04 -49.69
CA CYS F 40 -2.75 -36.01 -50.72
C CYS F 40 -2.71 -34.63 -50.08
N PRO F 41 -1.77 -33.76 -50.47
CA PRO F 41 -1.75 -32.41 -49.90
C PRO F 41 -3.02 -31.62 -50.18
N VAL F 42 -3.67 -31.86 -51.31
CA VAL F 42 -4.90 -31.16 -51.68
C VAL F 42 -6.06 -32.14 -51.55
N LEU F 43 -7.15 -31.68 -50.93
CA LEU F 43 -8.31 -32.51 -50.68
C LEU F 43 -9.55 -31.63 -50.58
N ALA F 44 -10.71 -32.27 -50.63
CA ALA F 44 -11.98 -31.59 -50.42
C ALA F 44 -12.65 -32.02 -49.12
N ASP F 45 -12.90 -33.31 -48.95
CA ASP F 45 -13.54 -33.84 -47.76
C ASP F 45 -12.75 -35.04 -47.24
N ILE F 46 -12.95 -35.33 -45.95
CA ILE F 46 -12.50 -36.58 -45.34
C ILE F 46 -13.69 -37.16 -44.57
N GLU F 47 -13.58 -38.44 -44.23
CA GLU F 47 -14.64 -39.09 -43.48
C GLU F 47 -14.03 -39.92 -42.36
N CYS F 48 -14.54 -39.73 -41.15
CA CYS F 48 -14.10 -40.48 -39.98
C CYS F 48 -15.16 -41.52 -39.61
N ARG F 49 -14.72 -42.64 -39.06
CA ARG F 49 -15.63 -43.64 -38.54
C ARG F 49 -14.89 -44.52 -37.55
N ALA F 50 -15.62 -44.97 -36.52
CA ALA F 50 -15.04 -45.88 -35.55
C ALA F 50 -14.67 -47.18 -36.23
N ALA F 51 -13.42 -47.61 -36.06
CA ALA F 51 -12.90 -48.73 -36.84
C ALA F 51 -13.66 -50.02 -36.56
N GLN F 52 -13.95 -50.29 -35.30
CA GLN F 52 -14.63 -51.54 -34.95
C GLN F 52 -16.12 -51.48 -35.25
N LEU F 53 -16.72 -50.30 -35.24
CA LEU F 53 -18.13 -50.14 -35.56
C LEU F 53 -18.28 -49.31 -36.83
N PRO F 54 -18.36 -49.93 -38.01
CA PRO F 54 -18.39 -49.17 -39.27
C PRO F 54 -19.78 -48.75 -39.73
N ASP F 55 -20.80 -48.82 -38.89
CA ASP F 55 -22.16 -48.52 -39.32
C ASP F 55 -22.72 -47.23 -38.73
N MET F 56 -22.48 -46.95 -37.45
CA MET F 56 -23.12 -45.76 -36.88
C MET F 56 -22.20 -44.54 -37.05
N PRO F 57 -22.71 -43.43 -37.59
CA PRO F 57 -21.94 -42.21 -37.67
C PRO F 57 -21.23 -41.81 -36.38
N LEU F 58 -20.28 -40.87 -36.51
CA LEU F 58 -19.53 -40.41 -35.36
C LEU F 58 -20.44 -39.76 -34.32
N GLU F 59 -21.46 -39.02 -34.78
CA GLU F 59 -22.33 -38.32 -33.84
C GLU F 59 -23.10 -39.27 -32.93
N GLU F 60 -23.63 -40.36 -33.49
CA GLU F 60 -24.34 -41.33 -32.65
C GLU F 60 -23.44 -41.95 -31.61
N LEU F 61 -22.13 -41.97 -31.83
CA LEU F 61 -21.21 -42.41 -30.79
C LEU F 61 -21.26 -41.48 -29.59
N GLY F 62 -21.40 -40.18 -29.83
CA GLY F 62 -21.52 -39.22 -28.75
C GLY F 62 -20.24 -38.87 -28.05
N GLN F 63 -19.10 -39.39 -28.52
CA GLN F 63 -17.82 -39.12 -27.91
C GLN F 63 -17.20 -37.85 -28.50
N GLN F 64 -16.37 -37.19 -27.70
CA GLN F 64 -15.72 -35.95 -28.13
C GLN F 64 -14.54 -36.31 -29.03
N VAL F 65 -14.84 -36.45 -30.31
CA VAL F 65 -13.85 -36.70 -31.35
C VAL F 65 -13.96 -35.59 -32.37
N ASP F 66 -12.85 -34.93 -32.67
CA ASP F 66 -12.86 -33.83 -33.62
C ASP F 66 -12.08 -34.21 -34.87
N CYS F 67 -12.76 -34.17 -36.02
CA CYS F 67 -12.09 -34.34 -37.31
C CYS F 67 -12.19 -33.03 -38.06
N ASP F 68 -11.07 -32.59 -38.62
CA ASP F 68 -11.04 -31.49 -39.57
C ASP F 68 -10.32 -31.95 -40.83
N ARG F 69 -10.83 -31.49 -41.97
CA ARG F 69 -10.30 -31.93 -43.26
C ARG F 69 -8.90 -31.41 -43.51
N MET F 70 -8.45 -30.42 -42.74
CA MET F 70 -7.10 -29.92 -42.91
C MET F 70 -6.10 -30.58 -41.96
N ARG F 71 -6.57 -31.17 -40.88
CA ARG F 71 -5.60 -31.53 -39.85
C ARG F 71 -5.71 -32.98 -39.38
N GLY F 72 -6.92 -33.55 -39.34
CA GLY F 72 -7.03 -34.97 -39.04
C GLY F 72 -8.09 -35.25 -37.98
N LEU F 73 -7.95 -36.40 -37.32
CA LEU F 73 -8.92 -36.89 -36.33
C LEU F 73 -8.25 -36.99 -34.97
N MET F 74 -8.93 -36.49 -33.94
CA MET F 74 -8.41 -36.58 -32.57
C MET F 74 -9.48 -37.09 -31.62
N CYS F 75 -9.05 -37.96 -30.71
CA CYS F 75 -9.86 -38.40 -29.58
C CYS F 75 -8.94 -38.54 -28.37
N ALA F 76 -9.22 -37.76 -27.33
CA ALA F 76 -8.47 -37.84 -26.07
C ALA F 76 -9.32 -38.54 -25.01
N ASN F 77 -8.66 -39.36 -24.20
CA ASN F 77 -9.39 -40.18 -23.23
C ASN F 77 -10.13 -39.31 -22.21
N SER F 78 -9.49 -38.23 -21.74
CA SER F 78 -10.05 -37.46 -20.64
C SER F 78 -11.39 -36.82 -21.00
N GLN F 79 -11.51 -36.31 -22.23
CA GLN F 79 -12.74 -35.64 -22.64
C GLN F 79 -13.96 -36.55 -22.55
N GLN F 80 -13.77 -37.86 -22.67
CA GLN F 80 -14.88 -38.80 -22.73
C GLN F 80 -15.09 -39.45 -21.36
N SER F 81 -16.36 -39.56 -20.98
CA SER F 81 -16.75 -40.47 -19.90
C SER F 81 -17.54 -41.60 -20.54
N PRO F 82 -17.03 -42.84 -20.54
CA PRO F 82 -15.89 -43.32 -19.76
C PRO F 82 -14.53 -42.80 -20.23
N PRO F 83 -13.55 -42.75 -19.32
CA PRO F 83 -12.25 -42.18 -19.68
C PRO F 83 -11.49 -43.05 -20.67
N LEU F 84 -12.14 -43.36 -21.79
CA LEU F 84 -11.54 -44.14 -22.86
C LEU F 84 -12.13 -43.68 -24.19
N CYS F 85 -11.36 -43.89 -25.24
CA CYS F 85 -11.81 -43.63 -26.60
C CYS F 85 -12.17 -44.93 -27.28
N HIS F 86 -12.85 -44.82 -28.40
CA HIS F 86 -13.06 -45.94 -29.31
C HIS F 86 -11.89 -46.01 -30.28
N ASP F 87 -11.95 -46.95 -31.21
CA ASP F 87 -10.94 -47.08 -32.24
C ASP F 87 -11.49 -46.50 -33.53
N TYR F 88 -10.76 -45.56 -34.12
CA TYR F 88 -11.25 -44.78 -35.24
C TYR F 88 -10.29 -44.90 -36.42
N GLU F 89 -10.80 -44.51 -37.60
CA GLU F 89 -9.96 -44.32 -38.78
C GLU F 89 -10.69 -43.36 -39.72
N LEU F 90 -10.02 -42.96 -40.79
CA LEU F 90 -10.60 -42.00 -41.72
C LEU F 90 -10.16 -42.32 -43.13
N ARG F 91 -10.81 -41.66 -44.09
CA ARG F 91 -10.44 -41.71 -45.48
C ARG F 91 -10.45 -40.31 -46.09
N VAL F 92 -9.63 -40.13 -47.12
CA VAL F 92 -9.44 -38.84 -47.78
C VAL F 92 -9.98 -38.92 -49.20
N LEU F 93 -10.43 -37.78 -49.71
CA LEU F 93 -10.91 -37.66 -51.08
C LEU F 93 -9.83 -36.94 -51.89
N CYS F 94 -9.15 -37.68 -52.76
CA CYS F 94 -8.09 -37.13 -53.59
C CYS F 94 -8.62 -36.88 -54.99
N CYS F 95 -8.41 -35.67 -55.50
CA CYS F 95 -8.91 -35.28 -56.81
C CYS F 95 -7.80 -34.67 -57.64
N GLU F 96 -7.78 -35.01 -58.92
CA GLU F 96 -6.80 -34.45 -59.85
C GLU F 96 -7.46 -34.14 -61.19
N TYR F 97 -6.64 -33.88 -62.21
CA TYR F 97 -7.12 -33.47 -63.52
C TYR F 97 -6.55 -34.40 -64.58
N VAL F 98 -7.39 -34.78 -65.55
CA VAL F 98 -7.01 -35.68 -66.63
C VAL F 98 -7.38 -35.01 -67.94
N PRO F 99 -6.49 -34.96 -68.92
CA PRO F 99 -6.83 -34.32 -70.20
C PRO F 99 -8.02 -34.99 -70.88
N CYS F 100 -8.87 -34.16 -71.48
CA CYS F 100 -10.05 -34.65 -72.19
C CYS F 100 -9.67 -35.53 -73.38
#